data_1FFU
#
_entry.id   1FFU
#
_cell.length_a   87.235
_cell.length_b   193.884
_cell.length_c   218.290
_cell.angle_alpha   90.00
_cell.angle_beta   90.00
_cell.angle_gamma   90.00
#
_symmetry.space_group_name_H-M   'P 21 21 21'
#
loop_
_entity.id
_entity.type
_entity.pdbx_description
1 polymer 'CUTS, IRON-SULFUR PROTEIN OF CARBON MONOXIDE DEHYDROGENASE'
2 polymer 'CUTL, MOLYBDOPROTEIN OF CARBON MONOXIDE DEHYDROGENASE'
3 polymer 'CUTM, FLAVOPROTEIN OF CARBON MONOXIDE DEHYDROGENASE'
4 non-polymer 'FE2/S2 (INORGANIC) CLUSTER'
5 non-polymer "CYTIDINE-5'-DIPHOSPHATE"
6 non-polymer 'FLAVIN-ADENINE DINUCLEOTIDE'
7 water water
#
loop_
_entity_poly.entity_id
_entity_poly.type
_entity_poly.pdbx_seq_one_letter_code
_entity_poly.pdbx_strand_id
1 'polypeptide(L)'
;MAKKIITVNVNGKAQEKAVEPRTLLIHFLREELNLTGAHIGCETSHCGACTVDIDGRSVKSCTHLAVQCDGSEVLTVEGL
ANKGVLHAVQEGFYKEHGLQCGFCTPGMLMRAYRFLQENPNPTEAEIRMGMTGNLCRCTGYQNIVKAVQYAARKLQEPST
AAA
;
A,D
2 'polypeptide(L)'
;MNAPVQDAEARELALAGMGASRLRKEDARFIQGKGNYVDDIKMPGMLHMDIVRAPIAHGRIKKIHKDAALAMPGVHAVLT
AEDLKPLKLHWMPTLAGDVAAVLADEKVHFQMQEVAIVIADDRYIAADAVEAVKVEYDELPVVIDPIDALKPDAPVLRED
LAGKTSGAHGPREHHNHIFTWGAGDKAATDAVFANAPVTVSQHMYYPRVHPCPLETCGCVASFDPIKGDLTTYITSQAPH
VVRTVVSMLSGIPESKVRIVSPDIGGGFGNKVGIYPGYVCAIVASIVLGRPVKWVEDRVENISTTAFARDYHMDGELAAT
PDGKILGLRVNVVADHGAFDACADPTKFPAGLFHICSGSYDIPRAHCSVKGVYTNKAPGGVAY(ARO)(CSZ)SFRVTEA
VYLIERMVDVLAQKLNMDKAEIRAKNFIRKEQFPYTTQFGFEYDSGDYHTALKKVLDAVDYPALRAEQAARRADPNSPTL
MGIGLVTFTEVVGAGPSKMCDILGVGMFDSCEIRIHPTGSAIARMGTITQGQGHQTTYAQIIATELGIPSEVIQVEEGDT
STAPYGLGTYGSRSTPVAGAAIALAARKIHAKARKIAAHMLEVNENDLDWEVDRFKVKGDDSKFKTMADIAWQAYHQPPA
GLEPGLEAVHYYDPPNFTYPFGIYLCVVDIDRATGETKVRRFYALDDCGTRINPMIIEGQIHGGLTEGYAVAMGQQMPFD
AQGNLLGNTLMDYFLPTAVETPHWETDHTVTPSPHHPIGAKGVAESPHVGSIPTFTAAVVDAFAHVGVTHLDMPHTSYRV
WKSLKEHNLAL
;
B,E
3 'polypeptide(L)'
;MIPPRFEYHAPKSVGEAVALLGQLGSDAKLLAGGHSLLPMMKLRFAQPEHLIDINRIPELRGIREEGSTVVIGAMTVEND
LISSPIVQARLPLLAEAAKLIADPQVRNRGTIGGDIAHGDPGNDHPALSIAVEAHFVLEGPNGRRTVPADGFFLGTYMTL
LEENEVMVEIRVPAFAAGTGWAYEKLKRKTGDWATAGCAVVMRKSGGTVSHIRIALTNVAPTALRAEAAEAALLGKAFTK
EAVQAAADAAIAICEPAEDLRGDADYKTAMAGQMVKRALNAAWARCA
;
C,F
#
# COMPACT_ATOMS: atom_id res chain seq x y z
N LYS A 3 12.29 -8.26 31.68
CA LYS A 3 11.30 -8.89 30.82
C LYS A 3 10.93 -10.28 31.29
N LYS A 4 9.62 -10.55 31.32
CA LYS A 4 9.12 -11.86 31.71
C LYS A 4 8.56 -12.60 30.50
N ILE A 5 8.93 -13.87 30.36
CA ILE A 5 8.44 -14.70 29.26
C ILE A 5 7.07 -15.24 29.66
N ILE A 6 6.08 -14.99 28.83
CA ILE A 6 4.73 -15.45 29.10
C ILE A 6 4.15 -16.26 27.94
N THR A 7 3.05 -16.94 28.23
CA THR A 7 2.35 -17.72 27.21
C THR A 7 0.88 -17.37 27.37
N VAL A 8 0.34 -16.65 26.39
CA VAL A 8 -1.05 -16.26 26.40
C VAL A 8 -1.74 -16.92 25.22
N ASN A 9 -2.94 -17.44 25.45
CA ASN A 9 -3.73 -18.05 24.40
C ASN A 9 -4.61 -16.94 23.84
N VAL A 10 -4.30 -16.48 22.64
CA VAL A 10 -5.08 -15.41 22.03
C VAL A 10 -5.86 -15.92 20.84
N ASN A 11 -7.19 -15.82 20.93
CA ASN A 11 -8.07 -16.27 19.87
C ASN A 11 -7.80 -17.74 19.51
N GLY A 12 -7.61 -18.55 20.56
CA GLY A 12 -7.38 -19.97 20.38
C GLY A 12 -5.96 -20.42 20.07
N LYS A 13 -5.02 -19.47 19.96
CA LYS A 13 -3.65 -19.81 19.65
C LYS A 13 -2.66 -19.37 20.73
N ALA A 14 -1.72 -20.26 21.04
CA ALA A 14 -0.70 -19.99 22.05
C ALA A 14 0.31 -18.96 21.53
N GLN A 15 0.69 -18.04 22.41
CA GLN A 15 1.64 -16.99 22.09
C GLN A 15 2.67 -16.85 23.20
N GLU A 16 3.85 -17.40 22.97
CA GLU A 16 4.94 -17.31 23.94
C GLU A 16 5.73 -16.07 23.58
N LYS A 17 5.71 -15.06 24.45
CA LYS A 17 6.41 -13.81 24.19
C LYS A 17 7.16 -13.27 25.40
N ALA A 18 8.12 -12.39 25.15
CA ALA A 18 8.89 -11.75 26.20
C ALA A 18 8.35 -10.32 26.28
N VAL A 19 7.77 -9.96 27.42
CA VAL A 19 7.18 -8.64 27.58
C VAL A 19 7.69 -7.86 28.78
N GLU A 20 7.72 -6.54 28.65
CA GLU A 20 8.13 -5.68 29.75
C GLU A 20 6.90 -5.60 30.64
N PRO A 21 7.09 -5.66 31.95
CA PRO A 21 5.97 -5.60 32.89
C PRO A 21 5.02 -4.40 32.69
N ARG A 22 5.56 -3.25 32.30
CA ARG A 22 4.73 -2.07 32.12
C ARG A 22 3.88 -2.07 30.86
N THR A 23 4.13 -3.00 29.95
CA THR A 23 3.36 -3.07 28.73
C THR A 23 1.90 -3.39 29.00
N LEU A 24 1.02 -2.46 28.61
CA LEU A 24 -0.43 -2.61 28.75
C LEU A 24 -0.90 -3.69 27.76
N LEU A 25 -1.86 -4.52 28.18
CA LEU A 25 -2.37 -5.57 27.30
C LEU A 25 -2.81 -5.04 25.94
N ILE A 26 -3.41 -3.85 25.93
CA ILE A 26 -3.87 -3.24 24.68
C ILE A 26 -2.71 -2.99 23.70
N HIS A 27 -1.54 -2.57 24.20
CA HIS A 27 -0.40 -2.33 23.31
C HIS A 27 0.22 -3.63 22.85
N PHE A 28 0.18 -4.65 23.72
CA PHE A 28 0.70 -5.97 23.38
C PHE A 28 -0.15 -6.53 22.24
N LEU A 29 -1.47 -6.44 22.38
CA LEU A 29 -2.39 -6.94 21.36
C LEU A 29 -2.23 -6.23 20.03
N ARG A 30 -2.09 -4.90 20.08
CA ARG A 30 -1.96 -4.09 18.88
C ARG A 30 -0.58 -4.02 18.26
N GLU A 31 0.45 -3.89 19.09
CA GLU A 31 1.82 -3.76 18.61
C GLU A 31 2.58 -5.06 18.40
N GLU A 32 2.40 -6.02 19.30
CA GLU A 32 3.10 -7.29 19.16
C GLU A 32 2.39 -8.29 18.26
N LEU A 33 1.09 -8.45 18.44
CA LEU A 33 0.32 -9.40 17.66
C LEU A 33 -0.39 -8.78 16.47
N ASN A 34 -0.37 -7.45 16.40
CA ASN A 34 -1.01 -6.71 15.32
C ASN A 34 -2.53 -6.91 15.27
N LEU A 35 -3.12 -7.14 16.44
CA LEU A 35 -4.55 -7.31 16.53
C LEU A 35 -5.04 -5.89 16.80
N THR A 36 -5.10 -5.12 15.71
CA THR A 36 -5.49 -3.72 15.77
C THR A 36 -6.98 -3.42 15.80
N GLY A 37 -7.78 -4.45 16.07
CA GLY A 37 -9.22 -4.25 16.17
C GLY A 37 -9.52 -3.43 17.41
N ALA A 38 -8.94 -3.85 18.54
CA ALA A 38 -9.10 -3.15 19.80
C ALA A 38 -8.50 -1.76 19.65
N HIS A 39 -9.19 -0.77 20.22
CA HIS A 39 -8.75 0.61 20.13
C HIS A 39 -8.51 1.30 21.47
N ILE A 40 -7.98 2.52 21.40
CA ILE A 40 -7.69 3.33 22.58
C ILE A 40 -8.45 4.65 22.41
N GLY A 41 -9.30 4.97 23.37
CA GLY A 41 -10.07 6.19 23.30
C GLY A 41 -9.82 7.10 24.47
N CYS A 42 -9.12 6.61 25.48
CA CYS A 42 -8.85 7.41 26.66
C CYS A 42 -7.67 6.87 27.44
N GLU A 43 -7.27 7.59 28.47
CA GLU A 43 -6.18 7.16 29.34
C GLU A 43 -6.68 7.00 30.78
N THR A 44 -8.00 7.14 30.97
CA THR A 44 -8.62 7.05 32.28
C THR A 44 -9.51 5.83 32.53
N SER A 45 -9.53 4.88 31.60
CA SER A 45 -10.31 3.64 31.72
C SER A 45 -11.83 3.78 31.60
N HIS A 46 -12.30 4.83 30.95
CA HIS A 46 -13.74 5.05 30.78
C HIS A 46 -14.39 4.51 29.50
N CYS A 47 -13.81 4.85 28.35
CA CYS A 47 -14.36 4.48 27.06
C CYS A 47 -14.65 3.01 26.71
N GLY A 48 -13.75 2.11 27.10
CA GLY A 48 -13.93 0.70 26.83
C GLY A 48 -13.76 0.24 25.39
N ALA A 49 -13.04 1.01 24.59
CA ALA A 49 -12.81 0.66 23.19
C ALA A 49 -11.73 -0.41 23.09
N CYS A 50 -11.09 -0.67 24.22
CA CYS A 50 -10.01 -1.63 24.35
C CYS A 50 -10.49 -2.95 24.96
N THR A 51 -11.78 -3.02 25.25
CA THR A 51 -12.39 -4.20 25.84
C THR A 51 -12.12 -5.51 25.10
N VAL A 52 -11.59 -6.49 25.82
CA VAL A 52 -11.33 -7.83 25.30
C VAL A 52 -11.85 -8.80 26.34
N ASP A 53 -11.98 -10.07 25.98
CA ASP A 53 -12.47 -11.07 26.91
C ASP A 53 -11.28 -11.84 27.48
N ILE A 54 -11.12 -11.77 28.80
CA ILE A 54 -10.02 -12.44 29.47
C ILE A 54 -10.53 -13.42 30.50
N ASP A 55 -10.13 -14.68 30.36
CA ASP A 55 -10.52 -15.75 31.27
C ASP A 55 -12.01 -15.68 31.66
N GLY A 56 -12.87 -15.61 30.65
CA GLY A 56 -14.30 -15.56 30.86
C GLY A 56 -14.94 -14.24 31.25
N ARG A 57 -14.18 -13.15 31.31
CA ARG A 57 -14.75 -11.85 31.69
C ARG A 57 -14.37 -10.70 30.75
N SER A 58 -15.23 -9.68 30.69
CA SER A 58 -14.96 -8.50 29.87
C SER A 58 -13.99 -7.62 30.66
N VAL A 59 -12.85 -7.28 30.06
CA VAL A 59 -11.85 -6.46 30.71
C VAL A 59 -11.30 -5.39 29.77
N LYS A 60 -11.08 -4.19 30.30
CA LYS A 60 -10.52 -3.11 29.51
C LYS A 60 -9.00 -3.30 29.49
N SER A 61 -8.49 -3.80 28.37
CA SER A 61 -7.07 -4.09 28.18
C SER A 61 -6.08 -2.94 28.36
N CYS A 62 -6.58 -1.73 28.53
CA CYS A 62 -5.69 -0.59 28.75
C CYS A 62 -5.39 -0.46 30.23
N THR A 63 -6.10 -1.24 31.05
CA THR A 63 -5.95 -1.20 32.49
C THR A 63 -5.63 -2.60 33.03
N HIS A 64 -4.86 -3.33 32.24
CA HIS A 64 -4.43 -4.69 32.56
C HIS A 64 -3.05 -4.82 31.92
N LEU A 65 -2.14 -5.55 32.56
CA LEU A 65 -0.80 -5.74 32.02
C LEU A 65 -0.73 -7.06 31.27
N ALA A 66 -0.02 -7.07 30.14
CA ALA A 66 0.15 -8.26 29.33
C ALA A 66 0.76 -9.40 30.15
N VAL A 67 1.73 -9.06 30.99
CA VAL A 67 2.41 -10.02 31.85
C VAL A 67 1.42 -10.77 32.77
N GLN A 68 0.31 -10.12 33.08
CA GLN A 68 -0.70 -10.73 33.94
C GLN A 68 -1.50 -11.80 33.20
N CYS A 69 -1.37 -11.84 31.88
CA CYS A 69 -2.10 -12.80 31.07
C CYS A 69 -1.35 -14.11 30.84
N ASP A 70 -0.28 -14.32 31.61
CA ASP A 70 0.48 -15.56 31.51
C ASP A 70 -0.46 -16.69 31.87
N GLY A 71 -0.70 -17.57 30.92
CA GLY A 71 -1.60 -18.69 31.16
C GLY A 71 -3.07 -18.35 31.00
N SER A 72 -3.36 -17.15 30.51
CA SER A 72 -4.75 -16.71 30.32
C SER A 72 -5.32 -17.03 28.95
N GLU A 73 -6.65 -16.94 28.87
CA GLU A 73 -7.39 -17.19 27.65
C GLU A 73 -7.95 -15.83 27.23
N VAL A 74 -7.43 -15.28 26.13
CA VAL A 74 -7.86 -13.95 25.65
C VAL A 74 -8.53 -14.03 24.27
N LEU A 75 -9.63 -13.29 24.12
CA LEU A 75 -10.38 -13.25 22.86
C LEU A 75 -10.54 -11.82 22.38
N THR A 76 -10.29 -11.58 21.10
CA THR A 76 -10.44 -10.23 20.54
C THR A 76 -11.47 -10.31 19.42
N VAL A 77 -11.79 -9.16 18.82
CA VAL A 77 -12.78 -9.12 17.76
C VAL A 77 -12.37 -9.94 16.53
N GLU A 78 -11.06 -10.02 16.28
CA GLU A 78 -10.53 -10.79 15.16
C GLU A 78 -10.88 -12.27 15.31
N GLY A 79 -11.14 -12.67 16.55
CA GLY A 79 -11.47 -14.06 16.83
C GLY A 79 -12.94 -14.38 17.00
N LEU A 80 -13.83 -13.40 16.81
CA LEU A 80 -15.28 -13.64 16.96
C LEU A 80 -15.87 -14.50 15.86
N ALA A 81 -15.59 -14.15 14.61
CA ALA A 81 -16.08 -14.90 13.47
C ALA A 81 -15.59 -16.35 13.52
N ASN A 82 -16.43 -17.28 13.07
CA ASN A 82 -16.09 -18.68 13.09
C ASN A 82 -15.99 -19.22 11.65
N LYS A 83 -14.77 -19.46 11.21
CA LYS A 83 -14.52 -19.98 9.86
C LYS A 83 -15.13 -19.02 8.82
N GLY A 84 -15.11 -17.72 9.14
CA GLY A 84 -15.67 -16.73 8.24
C GLY A 84 -17.12 -16.33 8.53
N VAL A 85 -17.86 -17.22 9.19
CA VAL A 85 -19.27 -16.94 9.54
C VAL A 85 -19.31 -16.03 10.77
N LEU A 86 -19.91 -14.85 10.61
CA LEU A 86 -20.02 -13.87 11.68
C LEU A 86 -20.74 -14.38 12.93
N HIS A 87 -20.31 -13.86 14.08
CA HIS A 87 -20.93 -14.23 15.34
C HIS A 87 -22.23 -13.43 15.44
N ALA A 88 -23.19 -13.94 16.19
CA ALA A 88 -24.48 -13.29 16.37
C ALA A 88 -24.36 -11.78 16.61
N VAL A 89 -23.44 -11.38 17.50
CA VAL A 89 -23.26 -9.96 17.80
C VAL A 89 -22.76 -9.18 16.60
N GLN A 90 -21.83 -9.77 15.84
CA GLN A 90 -21.33 -9.09 14.65
C GLN A 90 -22.47 -8.87 13.65
N GLU A 91 -23.29 -9.90 13.50
CA GLU A 91 -24.43 -9.83 12.58
C GLU A 91 -25.45 -8.79 13.07
N GLY A 92 -25.69 -8.77 14.38
CA GLY A 92 -26.63 -7.82 14.95
C GLY A 92 -26.28 -6.36 14.72
N PHE A 93 -25.01 -6.01 14.91
CA PHE A 93 -24.57 -4.63 14.70
C PHE A 93 -24.67 -4.22 13.24
N TYR A 94 -24.44 -5.18 12.35
CA TYR A 94 -24.52 -4.95 10.92
C TYR A 94 -25.96 -4.70 10.50
N LYS A 95 -26.83 -5.66 10.81
CA LYS A 95 -28.26 -5.60 10.48
C LYS A 95 -28.98 -4.39 11.07
N GLU A 96 -28.66 -4.08 12.32
CA GLU A 96 -29.31 -2.97 13.02
C GLU A 96 -28.57 -1.65 12.98
N HIS A 97 -27.64 -1.52 12.04
CA HIS A 97 -26.85 -0.29 11.88
C HIS A 97 -26.34 0.24 13.21
N GLY A 98 -25.64 -0.62 13.94
CA GLY A 98 -25.10 -0.25 15.23
C GLY A 98 -23.70 0.32 15.22
N LEU A 99 -23.24 0.78 14.06
CA LEU A 99 -21.91 1.38 13.98
C LEU A 99 -21.80 2.37 12.84
N GLN A 100 -20.97 3.38 13.05
CA GLN A 100 -20.76 4.39 12.04
C GLN A 100 -19.28 4.53 11.76
N CYS A 101 -18.53 5.24 12.60
CA CYS A 101 -17.09 5.37 12.39
C CYS A 101 -16.40 4.05 12.68
N GLY A 102 -17.08 3.19 13.43
CA GLY A 102 -16.54 1.88 13.76
C GLY A 102 -15.43 1.84 14.79
N PHE A 103 -15.14 2.97 15.45
CA PHE A 103 -14.05 2.99 16.42
C PHE A 103 -14.34 2.25 17.74
N CYS A 104 -15.57 2.38 18.24
CA CYS A 104 -15.96 1.73 19.47
C CYS A 104 -16.51 0.33 19.23
N THR A 105 -16.75 -0.01 17.96
CA THR A 105 -17.34 -1.30 17.60
C THR A 105 -16.66 -2.58 18.11
N PRO A 106 -15.33 -2.71 17.94
CA PRO A 106 -14.68 -3.92 18.44
C PRO A 106 -14.93 -4.15 19.94
N GLY A 107 -14.83 -3.07 20.71
CA GLY A 107 -15.05 -3.13 22.14
C GLY A 107 -16.50 -3.46 22.45
N MET A 108 -17.42 -2.85 21.70
CA MET A 108 -18.85 -3.09 21.89
C MET A 108 -19.18 -4.55 21.63
N LEU A 109 -18.64 -5.08 20.54
CA LEU A 109 -18.87 -6.47 20.16
C LEU A 109 -18.34 -7.44 21.21
N MET A 110 -17.13 -7.18 21.70
CA MET A 110 -16.54 -8.03 22.71
C MET A 110 -17.31 -7.98 24.03
N ARG A 111 -17.87 -6.82 24.34
CA ARG A 111 -18.66 -6.67 25.55
C ARG A 111 -19.98 -7.42 25.37
N ALA A 112 -20.69 -7.13 24.28
CA ALA A 112 -21.98 -7.77 23.99
C ALA A 112 -21.85 -9.29 23.92
N TYR A 113 -20.71 -9.75 23.40
CA TYR A 113 -20.44 -11.18 23.29
C TYR A 113 -20.45 -11.83 24.67
N ARG A 114 -19.94 -11.12 25.67
CA ARG A 114 -19.89 -11.64 27.02
C ARG A 114 -21.19 -11.36 27.78
N PHE A 115 -21.70 -10.15 27.65
CA PHE A 115 -22.95 -9.75 28.31
C PHE A 115 -24.10 -10.70 27.96
N LEU A 116 -24.18 -11.12 26.70
CA LEU A 116 -25.24 -12.02 26.27
C LEU A 116 -25.15 -13.41 26.90
N GLN A 117 -23.95 -13.77 27.38
CA GLN A 117 -23.76 -15.05 28.06
C GLN A 117 -24.08 -14.84 29.55
N GLU A 118 -23.93 -13.59 30.02
CA GLU A 118 -24.23 -13.23 31.42
C GLU A 118 -25.75 -13.12 31.57
N ASN A 119 -26.40 -12.59 30.54
CA ASN A 119 -27.84 -12.37 30.53
C ASN A 119 -28.35 -12.59 29.10
N PRO A 120 -28.86 -13.80 28.80
CA PRO A 120 -29.40 -14.20 27.50
C PRO A 120 -30.68 -13.50 27.02
N ASN A 121 -31.51 -13.05 27.95
CA ASN A 121 -32.76 -12.37 27.60
C ASN A 121 -32.88 -11.04 28.34
N PRO A 122 -31.96 -10.10 28.04
CA PRO A 122 -32.01 -8.81 28.72
C PRO A 122 -33.09 -7.86 28.22
N THR A 123 -33.52 -6.99 29.12
CA THR A 123 -34.51 -5.97 28.80
C THR A 123 -33.70 -4.80 28.27
N GLU A 124 -34.36 -3.77 27.76
CA GLU A 124 -33.62 -2.63 27.23
C GLU A 124 -32.80 -1.96 28.32
N ALA A 125 -33.41 -1.80 29.50
CA ALA A 125 -32.73 -1.19 30.63
C ALA A 125 -31.51 -2.01 31.01
N GLU A 126 -31.65 -3.33 30.96
CA GLU A 126 -30.56 -4.20 31.30
C GLU A 126 -29.45 -4.13 30.26
N ILE A 127 -29.81 -3.93 29.00
CA ILE A 127 -28.83 -3.82 27.94
C ILE A 127 -28.03 -2.54 28.13
N ARG A 128 -28.73 -1.42 28.25
CA ARG A 128 -28.09 -0.12 28.43
C ARG A 128 -27.16 -0.11 29.62
N MET A 129 -27.61 -0.72 30.73
CA MET A 129 -26.80 -0.79 31.93
C MET A 129 -25.64 -1.78 31.71
N GLY A 130 -25.93 -2.89 31.06
CA GLY A 130 -24.91 -3.89 30.81
C GLY A 130 -23.83 -3.44 29.83
N MET A 131 -24.09 -2.34 29.12
CA MET A 131 -23.14 -1.82 28.12
C MET A 131 -22.56 -0.48 28.55
N THR A 132 -22.74 -0.13 29.82
CA THR A 132 -22.27 1.15 30.36
C THR A 132 -20.78 1.45 30.31
N GLY A 133 -19.97 0.40 30.26
CA GLY A 133 -18.53 0.58 30.21
C GLY A 133 -18.01 0.95 28.83
N ASN A 134 -18.91 1.00 27.85
CA ASN A 134 -18.53 1.33 26.48
C ASN A 134 -19.16 2.63 26.00
N LEU A 135 -18.31 3.56 25.57
CA LEU A 135 -18.81 4.83 25.07
C LEU A 135 -18.83 4.82 23.55
N CYS A 136 -19.79 5.55 22.99
CA CYS A 136 -19.90 5.71 21.55
C CYS A 136 -20.20 7.17 21.27
N ARG A 137 -19.49 7.71 20.27
CA ARG A 137 -19.65 9.10 19.86
C ARG A 137 -20.56 9.27 18.64
N CYS A 138 -20.89 8.18 17.95
CA CYS A 138 -21.68 8.31 16.72
C CYS A 138 -23.11 7.80 16.71
N THR A 139 -23.36 6.68 17.37
CA THR A 139 -24.69 6.06 17.32
C THR A 139 -25.81 6.56 18.21
N GLY A 140 -25.47 7.18 19.32
CA GLY A 140 -26.53 7.61 20.22
C GLY A 140 -27.06 6.39 20.97
N TYR A 141 -26.34 5.28 20.86
CA TYR A 141 -26.66 4.01 21.53
C TYR A 141 -27.93 3.26 21.11
N GLN A 142 -28.95 4.00 20.68
CA GLN A 142 -30.23 3.41 20.29
C GLN A 142 -30.14 2.20 19.36
N ASN A 143 -29.35 2.29 18.29
CA ASN A 143 -29.24 1.15 17.39
C ASN A 143 -28.41 0.05 18.00
N ILE A 144 -27.48 0.41 18.88
CA ILE A 144 -26.64 -0.59 19.53
C ILE A 144 -27.54 -1.48 20.40
N VAL A 145 -28.54 -0.87 21.02
CA VAL A 145 -29.48 -1.60 21.85
C VAL A 145 -30.20 -2.63 20.98
N LYS A 146 -30.66 -2.18 19.82
CA LYS A 146 -31.36 -3.06 18.88
C LYS A 146 -30.44 -4.16 18.34
N ALA A 147 -29.15 -3.86 18.22
CA ALA A 147 -28.18 -4.83 17.73
C ALA A 147 -28.01 -5.94 18.77
N VAL A 148 -27.94 -5.55 20.04
CA VAL A 148 -27.81 -6.51 21.11
C VAL A 148 -29.07 -7.37 21.20
N GLN A 149 -30.24 -6.75 21.06
CA GLN A 149 -31.50 -7.48 21.10
C GLN A 149 -31.57 -8.46 19.93
N TYR A 150 -31.11 -8.03 18.77
CA TYR A 150 -31.07 -8.86 17.57
C TYR A 150 -30.17 -10.08 17.80
N ALA A 151 -29.00 -9.86 18.38
CA ALA A 151 -28.08 -10.95 18.66
C ALA A 151 -28.63 -11.92 19.69
N ALA A 152 -29.35 -11.39 20.66
CA ALA A 152 -29.94 -12.22 21.70
C ALA A 152 -30.99 -13.15 21.14
N ARG A 153 -31.78 -12.66 20.20
CA ARG A 153 -32.82 -13.47 19.57
C ARG A 153 -32.25 -14.61 18.74
N LYS A 154 -31.11 -14.36 18.10
CA LYS A 154 -30.47 -15.38 17.28
C LYS A 154 -29.68 -16.40 18.11
N LEU A 155 -29.23 -16.00 19.30
CA LEU A 155 -28.49 -16.89 20.17
C LEU A 155 -29.40 -17.93 20.81
N GLN A 156 -30.69 -17.61 20.92
CA GLN A 156 -31.66 -18.53 21.49
C GLN A 156 -32.50 -19.17 20.39
N GLU A 157 -32.04 -19.05 19.15
CA GLU A 157 -32.71 -19.60 17.97
C GLU A 157 -32.25 -21.04 17.71
N ASP B 7 -42.11 -6.07 -12.70
CA ASP B 7 -40.71 -6.40 -12.97
C ASP B 7 -39.82 -5.15 -13.00
N ALA B 8 -40.28 -4.10 -13.66
CA ALA B 8 -39.51 -2.86 -13.71
C ALA B 8 -39.32 -2.37 -12.28
N GLU B 9 -40.33 -2.62 -11.44
CA GLU B 9 -40.25 -2.23 -10.03
C GLU B 9 -39.21 -3.11 -9.34
N ALA B 10 -39.17 -4.38 -9.74
CA ALA B 10 -38.22 -5.33 -9.17
C ALA B 10 -36.78 -4.95 -9.52
N ARG B 11 -36.57 -4.51 -10.75
CA ARG B 11 -35.25 -4.11 -11.20
C ARG B 11 -34.76 -2.90 -10.40
N GLU B 12 -35.67 -1.98 -10.09
CA GLU B 12 -35.34 -0.78 -9.32
C GLU B 12 -34.96 -1.16 -7.89
N LEU B 13 -35.68 -2.13 -7.33
CA LEU B 13 -35.42 -2.58 -5.97
C LEU B 13 -34.06 -3.29 -5.94
N ALA B 14 -33.79 -4.08 -6.98
CA ALA B 14 -32.54 -4.81 -7.09
C ALA B 14 -31.32 -3.89 -7.07
N LEU B 15 -31.52 -2.63 -7.45
CA LEU B 15 -30.44 -1.65 -7.50
C LEU B 15 -29.95 -1.18 -6.12
N ALA B 16 -30.86 -1.15 -5.15
CA ALA B 16 -30.56 -0.69 -3.79
C ALA B 16 -29.99 0.72 -3.89
N GLY B 17 -30.75 1.59 -4.56
CA GLY B 17 -30.32 2.97 -4.74
C GLY B 17 -31.03 4.01 -3.89
N MET B 18 -31.32 5.15 -4.51
CA MET B 18 -31.99 6.25 -3.84
C MET B 18 -33.24 5.82 -3.09
N GLY B 19 -33.31 6.22 -1.82
CA GLY B 19 -34.47 5.89 -1.00
C GLY B 19 -34.45 4.60 -0.21
N ALA B 20 -33.60 3.66 -0.59
CA ALA B 20 -33.52 2.38 0.11
C ALA B 20 -32.73 2.43 1.41
N SER B 21 -33.18 1.65 2.38
CA SER B 21 -32.50 1.56 3.67
C SER B 21 -31.55 0.37 3.65
N ARG B 22 -30.69 0.30 2.63
CA ARG B 22 -29.75 -0.80 2.52
C ARG B 22 -28.68 -0.78 3.62
N LEU B 23 -28.22 -1.96 4.00
CA LEU B 23 -27.19 -2.10 5.02
C LEU B 23 -25.87 -1.53 4.48
N ARG B 24 -24.96 -1.14 5.39
CA ARG B 24 -23.71 -0.53 4.97
C ARG B 24 -22.63 -1.43 4.35
N LYS B 25 -21.92 -0.88 3.36
CA LYS B 25 -20.85 -1.60 2.68
C LYS B 25 -19.58 -1.58 3.53
N GLU B 26 -19.41 -0.54 4.35
CA GLU B 26 -18.22 -0.43 5.18
C GLU B 26 -18.23 -1.22 6.49
N ASP B 27 -19.36 -1.83 6.85
CA ASP B 27 -19.45 -2.59 8.09
C ASP B 27 -18.59 -3.83 8.19
N ALA B 28 -18.48 -4.57 7.10
CA ALA B 28 -17.70 -5.81 7.07
C ALA B 28 -16.35 -5.70 7.78
N ARG B 29 -15.51 -4.76 7.35
CA ARG B 29 -14.19 -4.60 7.95
C ARG B 29 -14.19 -4.13 9.41
N PHE B 30 -15.07 -3.19 9.73
CA PHE B 30 -15.13 -2.66 11.08
C PHE B 30 -15.58 -3.67 12.13
N ILE B 31 -16.60 -4.46 11.84
CA ILE B 31 -17.09 -5.46 12.78
C ILE B 31 -16.15 -6.65 12.99
N GLN B 32 -15.06 -6.68 12.23
CA GLN B 32 -14.08 -7.75 12.33
C GLN B 32 -12.69 -7.23 12.71
N GLY B 33 -12.64 -5.95 13.05
CA GLY B 33 -11.39 -5.32 13.46
C GLY B 33 -10.40 -5.14 12.34
N LYS B 34 -10.90 -5.07 11.12
CA LYS B 34 -10.04 -4.90 9.95
C LYS B 34 -10.10 -3.50 9.34
N GLY B 35 -10.52 -2.53 10.15
CA GLY B 35 -10.56 -1.16 9.68
C GLY B 35 -9.11 -0.70 9.65
N ASN B 36 -8.81 0.37 8.94
CA ASN B 36 -7.44 0.85 8.87
C ASN B 36 -7.35 2.30 9.33
N TYR B 37 -7.15 2.47 10.63
CA TYR B 37 -7.02 3.79 11.23
C TYR B 37 -5.54 4.13 11.35
N VAL B 38 -5.25 5.41 11.56
CA VAL B 38 -3.88 5.88 11.66
C VAL B 38 -2.99 5.09 12.62
N ASP B 39 -3.43 4.87 13.85
CA ASP B 39 -2.59 4.14 14.79
C ASP B 39 -2.40 2.66 14.45
N ASP B 40 -3.15 2.15 13.49
CA ASP B 40 -3.03 0.76 13.08
C ASP B 40 -1.85 0.58 12.12
N ILE B 41 -1.40 1.69 11.54
CA ILE B 41 -0.30 1.69 10.58
C ILE B 41 1.11 1.47 11.14
N LYS B 42 1.85 0.58 10.49
CA LYS B 42 3.24 0.28 10.85
C LYS B 42 4.04 0.22 9.56
N MET B 43 5.09 1.04 9.48
CA MET B 43 5.93 1.08 8.28
C MET B 43 7.35 0.71 8.66
N PRO B 44 8.14 0.22 7.68
CA PRO B 44 9.54 -0.16 7.96
C PRO B 44 10.35 1.03 8.48
N GLY B 45 10.97 0.85 9.65
CA GLY B 45 11.77 1.90 10.26
C GLY B 45 11.00 3.03 10.92
N MET B 46 9.69 2.82 11.12
CA MET B 46 8.84 3.83 11.73
C MET B 46 9.21 4.10 13.19
N LEU B 47 9.44 5.37 13.49
CA LEU B 47 9.79 5.77 14.84
C LEU B 47 8.55 6.43 15.43
N HIS B 48 8.57 6.74 16.72
CA HIS B 48 7.41 7.34 17.37
C HIS B 48 7.76 8.68 17.98
N MET B 49 6.87 9.64 17.81
CA MET B 49 7.06 10.99 18.32
C MET B 49 6.13 11.31 19.46
N ASP B 50 6.63 12.07 20.42
CA ASP B 50 5.83 12.52 21.55
C ASP B 50 6.18 14.00 21.78
N ILE B 51 5.23 14.73 22.36
CA ILE B 51 5.38 16.15 22.57
C ILE B 51 5.52 16.64 24.01
N VAL B 52 6.46 17.54 24.24
CA VAL B 52 6.68 18.15 25.54
C VAL B 52 5.73 19.35 25.56
N ARG B 53 4.84 19.39 26.54
CA ARG B 53 3.86 20.46 26.62
C ARG B 53 4.01 21.40 27.81
N ALA B 54 3.60 22.65 27.59
CA ALA B 54 3.68 23.71 28.59
C ALA B 54 2.84 23.39 29.81
N PRO B 55 3.42 23.54 31.01
CA PRO B 55 2.71 23.27 32.26
C PRO B 55 1.94 24.49 32.75
N ILE B 56 2.23 25.64 32.13
CA ILE B 56 1.59 26.90 32.48
C ILE B 56 0.86 27.49 31.29
N ALA B 57 -0.03 28.44 31.55
CA ALA B 57 -0.83 29.08 30.53
C ALA B 57 -0.20 30.27 29.79
N HIS B 58 0.76 30.95 30.41
CA HIS B 58 1.40 32.12 29.78
C HIS B 58 2.74 32.42 30.43
N GLY B 59 3.78 32.53 29.60
CA GLY B 59 5.10 32.84 30.13
C GLY B 59 6.21 32.64 29.11
N ARG B 60 7.36 33.27 29.38
CA ARG B 60 8.52 33.18 28.49
C ARG B 60 9.30 31.90 28.72
N ILE B 61 9.94 31.40 27.67
CA ILE B 61 10.74 30.19 27.77
C ILE B 61 12.19 30.57 28.07
N LYS B 62 12.65 30.23 29.27
CA LYS B 62 14.01 30.54 29.70
C LYS B 62 15.03 29.58 29.07
N LYS B 63 14.79 28.29 29.22
CA LYS B 63 15.69 27.29 28.68
C LYS B 63 15.05 25.90 28.59
N ILE B 64 15.44 25.15 27.56
CA ILE B 64 14.95 23.80 27.35
C ILE B 64 16.16 22.87 27.42
N HIS B 65 16.08 21.84 28.27
CA HIS B 65 17.17 20.88 28.45
C HIS B 65 16.89 19.60 27.67
N LYS B 66 17.72 19.35 26.65
CA LYS B 66 17.57 18.20 25.77
C LYS B 66 18.54 17.03 26.00
N ASP B 67 19.66 17.30 26.67
CA ASP B 67 20.69 16.30 26.92
C ASP B 67 20.27 15.00 27.61
N ALA B 68 19.52 15.10 28.71
CA ALA B 68 19.08 13.90 29.43
C ALA B 68 18.23 12.99 28.54
N ALA B 69 17.37 13.60 27.73
CA ALA B 69 16.53 12.85 26.81
C ALA B 69 17.33 12.28 25.66
N LEU B 70 18.27 13.07 25.14
CA LEU B 70 19.12 12.63 24.02
C LEU B 70 20.01 11.44 24.31
N ALA B 71 20.43 11.30 25.57
CA ALA B 71 21.30 10.20 25.98
C ALA B 71 20.52 8.94 26.27
N MET B 72 19.21 9.10 26.47
CA MET B 72 18.31 8.00 26.78
C MET B 72 18.28 6.98 25.65
N PRO B 73 18.64 5.71 25.94
CA PRO B 73 18.62 4.70 24.88
C PRO B 73 17.23 4.58 24.24
N GLY B 74 17.21 4.64 22.91
CA GLY B 74 15.97 4.56 22.17
C GLY B 74 15.59 5.89 21.54
N VAL B 75 16.11 6.97 22.11
CA VAL B 75 15.83 8.32 21.62
C VAL B 75 16.76 8.73 20.48
N HIS B 76 16.16 9.11 19.35
CA HIS B 76 16.89 9.52 18.16
C HIS B 76 17.01 11.04 17.98
N ALA B 77 16.03 11.79 18.47
CA ALA B 77 16.07 13.24 18.33
C ALA B 77 15.14 14.01 19.25
N VAL B 78 15.53 15.24 19.56
CA VAL B 78 14.75 16.13 20.40
C VAL B 78 14.82 17.46 19.68
N LEU B 79 13.69 17.86 19.10
CA LEU B 79 13.64 19.11 18.36
C LEU B 79 12.87 20.19 19.08
N THR B 80 13.28 21.43 18.85
CA THR B 80 12.64 22.59 19.43
C THR B 80 12.37 23.58 18.32
N ALA B 81 11.76 24.70 18.66
CA ALA B 81 11.45 25.75 17.69
C ALA B 81 12.71 26.19 16.93
N GLU B 82 13.86 26.12 17.59
CA GLU B 82 15.14 26.50 16.98
C GLU B 82 15.45 25.67 15.73
N ASP B 83 15.05 24.41 15.75
CA ASP B 83 15.28 23.50 14.62
C ASP B 83 14.28 23.77 13.49
N LEU B 84 13.21 24.49 13.81
CA LEU B 84 12.17 24.82 12.84
C LEU B 84 12.39 26.15 12.11
N LYS B 85 13.09 27.08 12.75
CA LYS B 85 13.34 28.40 12.17
C LYS B 85 13.99 28.40 10.77
N PRO B 86 15.01 27.54 10.54
CA PRO B 86 15.67 27.49 9.23
C PRO B 86 14.68 27.15 8.11
N LEU B 87 13.70 26.32 8.45
CA LEU B 87 12.67 25.88 7.51
C LEU B 87 11.45 26.80 7.60
N LYS B 88 11.56 27.85 8.42
CA LYS B 88 10.49 28.83 8.63
C LYS B 88 9.19 28.15 9.08
N LEU B 89 9.32 27.10 9.89
CA LEU B 89 8.15 26.36 10.36
C LEU B 89 7.83 26.40 11.86
N HIS B 90 8.35 27.40 12.57
CA HIS B 90 8.04 27.48 13.99
C HIS B 90 6.66 28.11 14.19
N TRP B 91 6.11 28.63 13.10
CA TRP B 91 4.77 29.23 13.04
C TRP B 91 4.15 28.74 11.73
N MET B 92 2.83 28.57 11.72
CA MET B 92 2.13 28.10 10.52
C MET B 92 0.87 28.93 10.30
N PRO B 93 0.45 29.08 9.02
CA PRO B 93 -0.76 29.84 8.72
C PRO B 93 -2.00 29.05 9.12
N THR B 94 -3.09 29.76 9.42
CA THR B 94 -4.34 29.14 9.81
C THR B 94 -5.47 29.46 8.82
N LEU B 95 -6.55 28.69 8.89
CA LEU B 95 -7.70 28.88 8.00
C LEU B 95 -8.40 30.21 8.28
N ALA B 96 -8.09 30.81 9.43
CA ALA B 96 -8.67 32.08 9.84
C ALA B 96 -7.80 33.28 9.44
N GLY B 97 -6.74 33.02 8.68
CA GLY B 97 -5.84 34.09 8.25
C GLY B 97 -4.84 34.57 9.29
N ASP B 98 -4.75 33.87 10.42
CA ASP B 98 -3.80 34.22 11.49
C ASP B 98 -2.64 33.22 11.44
N VAL B 99 -1.75 33.29 12.42
CA VAL B 99 -0.62 32.36 12.49
C VAL B 99 -0.57 31.71 13.86
N ALA B 100 -0.33 30.39 13.89
CA ALA B 100 -0.26 29.64 15.13
C ALA B 100 1.13 29.03 15.29
N ALA B 101 1.63 29.02 16.52
CA ALA B 101 2.94 28.47 16.80
C ALA B 101 2.94 26.95 16.67
N VAL B 102 3.92 26.41 15.95
CA VAL B 102 4.04 24.97 15.78
C VAL B 102 4.70 24.45 17.05
N LEU B 103 5.77 25.13 17.46
CA LEU B 103 6.49 24.82 18.69
C LEU B 103 6.79 26.16 19.32
N ALA B 104 6.36 26.35 20.57
CA ALA B 104 6.57 27.61 21.28
C ALA B 104 8.03 28.06 21.17
N ASP B 105 8.21 29.32 20.76
CA ASP B 105 9.54 29.87 20.60
C ASP B 105 10.01 30.71 21.78
N GLU B 106 9.62 31.98 21.81
CA GLU B 106 10.02 32.86 22.90
C GLU B 106 9.13 32.70 24.12
N LYS B 107 7.90 32.23 23.91
CA LYS B 107 6.97 32.04 25.02
C LYS B 107 5.83 31.09 24.71
N VAL B 108 5.12 30.68 25.77
CA VAL B 108 3.96 29.80 25.63
C VAL B 108 2.70 30.65 25.80
N HIS B 109 1.71 30.41 24.95
CA HIS B 109 0.47 31.17 24.99
C HIS B 109 -0.73 30.49 25.66
N PHE B 110 -0.63 29.19 25.90
CA PHE B 110 -1.72 28.46 26.57
C PHE B 110 -1.21 27.18 27.17
N GLN B 111 -1.82 26.76 28.28
CA GLN B 111 -1.39 25.53 28.93
C GLN B 111 -1.57 24.36 27.97
N MET B 112 -0.60 23.44 28.00
CA MET B 112 -0.59 22.24 27.15
C MET B 112 -0.06 22.51 25.75
N GLN B 113 0.41 23.73 25.48
CA GLN B 113 0.95 24.06 24.17
C GLN B 113 2.24 23.29 23.90
N GLU B 114 2.44 22.94 22.64
CA GLU B 114 3.61 22.20 22.18
C GLU B 114 4.90 23.02 22.31
N VAL B 115 5.83 22.53 23.11
CA VAL B 115 7.10 23.21 23.35
C VAL B 115 8.27 22.50 22.66
N ALA B 116 8.27 21.18 22.67
CA ALA B 116 9.34 20.43 22.02
C ALA B 116 8.86 19.02 21.69
N ILE B 117 9.63 18.32 20.85
CA ILE B 117 9.25 16.96 20.49
C ILE B 117 10.41 15.99 20.68
N VAL B 118 10.07 14.71 20.81
CA VAL B 118 11.07 13.68 20.96
C VAL B 118 10.75 12.57 19.97
N ILE B 119 11.80 11.91 19.47
CA ILE B 119 11.64 10.82 18.53
C ILE B 119 12.32 9.61 19.13
N ALA B 120 11.55 8.55 19.35
CA ALA B 120 12.09 7.32 19.94
C ALA B 120 11.62 6.07 19.21
N ASP B 121 12.17 4.93 19.59
CA ASP B 121 11.83 3.64 19.01
C ASP B 121 10.35 3.28 19.13
N ASP B 122 9.72 3.70 20.22
CA ASP B 122 8.30 3.42 20.42
C ASP B 122 7.64 4.46 21.33
N ARG B 123 6.32 4.32 21.54
CA ARG B 123 5.59 5.27 22.37
C ARG B 123 5.94 5.18 23.85
N TYR B 124 6.45 4.03 24.29
CA TYR B 124 6.82 3.85 25.69
C TYR B 124 8.07 4.65 26.02
N ILE B 125 9.14 4.42 25.25
CA ILE B 125 10.38 5.16 25.45
C ILE B 125 10.11 6.64 25.18
N ALA B 126 9.30 6.92 24.16
CA ALA B 126 8.97 8.29 23.80
C ALA B 126 8.36 9.07 24.95
N ALA B 127 7.53 8.39 25.74
CA ALA B 127 6.88 9.00 26.89
C ALA B 127 7.90 9.30 27.98
N ASP B 128 8.87 8.40 28.14
CA ASP B 128 9.93 8.57 29.14
C ASP B 128 10.77 9.77 28.75
N ALA B 129 11.02 9.92 27.45
CA ALA B 129 11.82 11.05 26.94
C ALA B 129 11.16 12.41 27.23
N VAL B 130 9.83 12.47 27.17
CA VAL B 130 9.14 13.73 27.45
C VAL B 130 9.32 14.12 28.92
N GLU B 131 9.35 13.12 29.80
CA GLU B 131 9.53 13.39 31.22
C GLU B 131 10.97 13.80 31.52
N ALA B 132 11.90 13.37 30.69
CA ALA B 132 13.31 13.70 30.87
C ALA B 132 13.66 15.10 30.40
N VAL B 133 12.86 15.65 29.50
CA VAL B 133 13.06 17.00 28.97
C VAL B 133 12.54 18.03 29.96
N LYS B 134 13.46 18.81 30.54
CA LYS B 134 13.10 19.83 31.52
C LYS B 134 13.06 21.22 30.90
N VAL B 135 12.03 22.00 31.24
CA VAL B 135 11.89 23.35 30.69
C VAL B 135 11.65 24.38 31.80
N GLU B 136 12.42 25.47 31.76
CA GLU B 136 12.30 26.54 32.74
C GLU B 136 11.47 27.69 32.20
N TYR B 137 10.54 28.19 33.02
CA TYR B 137 9.67 29.29 32.59
C TYR B 137 9.65 30.48 33.54
N ASP B 138 9.16 31.60 32.99
CA ASP B 138 8.97 32.85 33.72
C ASP B 138 7.49 33.19 33.55
N GLU B 139 6.68 32.74 34.50
CA GLU B 139 5.23 32.96 34.46
C GLU B 139 4.82 34.43 34.28
N LEU B 140 3.89 34.66 33.36
CA LEU B 140 3.38 36.01 33.09
C LEU B 140 1.89 36.03 33.41
N PRO B 141 1.31 37.23 33.63
CA PRO B 141 -0.12 37.33 33.93
C PRO B 141 -1.00 36.69 32.83
N VAL B 142 -1.96 35.88 33.26
CA VAL B 142 -2.86 35.16 32.35
C VAL B 142 -4.19 35.85 32.02
N VAL B 143 -4.63 35.69 30.77
CA VAL B 143 -5.88 36.27 30.31
C VAL B 143 -6.88 35.15 30.05
N ILE B 144 -7.93 35.12 30.87
CA ILE B 144 -8.96 34.08 30.75
C ILE B 144 -10.32 34.60 30.28
N ASP B 145 -10.76 35.72 30.85
CA ASP B 145 -12.04 36.31 30.48
C ASP B 145 -11.87 37.26 29.29
N PRO B 146 -12.69 37.09 28.24
CA PRO B 146 -12.64 37.93 27.04
C PRO B 146 -12.75 39.43 27.35
N ILE B 147 -13.52 39.78 28.37
CA ILE B 147 -13.72 41.17 28.78
C ILE B 147 -12.44 41.79 29.37
N ASP B 148 -11.80 41.07 30.28
CA ASP B 148 -10.57 41.53 30.90
C ASP B 148 -9.47 41.68 29.85
N ALA B 149 -9.60 40.90 28.77
CA ALA B 149 -8.63 40.92 27.68
C ALA B 149 -8.59 42.26 26.95
N LEU B 150 -9.73 42.93 26.89
CA LEU B 150 -9.83 44.21 26.20
C LEU B 150 -9.49 45.44 27.03
N LYS B 151 -9.34 45.27 28.34
CA LYS B 151 -8.99 46.39 29.22
C LYS B 151 -7.67 47.01 28.79
N PRO B 152 -7.53 48.34 28.95
CA PRO B 152 -6.31 49.08 28.57
C PRO B 152 -5.01 48.50 29.12
N ASP B 153 -5.06 48.00 30.36
CA ASP B 153 -3.87 47.44 31.01
C ASP B 153 -3.74 45.91 30.88
N ALA B 154 -4.50 45.31 29.96
CA ALA B 154 -4.44 43.86 29.75
C ALA B 154 -3.09 43.47 29.15
N PRO B 155 -2.49 42.37 29.63
CA PRO B 155 -1.20 41.92 29.11
C PRO B 155 -1.19 41.61 27.61
N VAL B 156 -0.03 41.81 26.99
CA VAL B 156 0.16 41.57 25.56
C VAL B 156 0.37 40.08 25.29
N LEU B 157 -0.65 39.42 24.76
CA LEU B 157 -0.56 37.99 24.46
C LEU B 157 0.25 37.76 23.20
N ARG B 158 -0.17 38.41 22.13
CA ARG B 158 0.48 38.26 20.85
C ARG B 158 1.55 39.33 20.62
N GLU B 159 2.71 39.12 21.24
CA GLU B 159 3.83 40.04 21.10
C GLU B 159 4.37 40.03 19.67
N ASP B 160 4.00 39.00 18.91
CA ASP B 160 4.41 38.86 17.52
C ASP B 160 3.60 39.79 16.61
N LEU B 161 2.45 40.25 17.09
CA LEU B 161 1.59 41.16 16.32
C LEU B 161 1.73 42.62 16.75
N ALA B 162 2.68 42.89 17.64
CA ALA B 162 2.92 44.24 18.15
C ALA B 162 3.11 45.28 17.04
N GLY B 163 2.43 46.42 17.19
CA GLY B 163 2.54 47.49 16.21
C GLY B 163 1.56 47.44 15.06
N LYS B 164 0.96 46.26 14.80
CA LYS B 164 -0.01 46.12 13.72
C LYS B 164 -1.35 46.74 14.08
N THR B 165 -1.96 47.41 13.10
CA THR B 165 -3.25 48.07 13.28
C THR B 165 -4.36 47.39 12.47
N SER B 166 -3.96 46.35 11.75
CA SER B 166 -4.90 45.59 10.92
C SER B 166 -4.52 44.13 10.86
N GLY B 167 -5.54 43.27 10.81
CA GLY B 167 -5.32 41.84 10.72
C GLY B 167 -5.79 41.36 9.36
N ALA B 168 -6.26 40.12 9.30
CA ALA B 168 -6.74 39.55 8.04
C ALA B 168 -8.24 39.78 7.86
N HIS B 169 -8.89 40.34 8.88
CA HIS B 169 -10.32 40.58 8.84
C HIS B 169 -10.71 42.02 9.19
N GLY B 170 -9.88 42.97 8.78
CA GLY B 170 -10.18 44.37 9.07
C GLY B 170 -9.28 44.97 10.12
N PRO B 171 -9.53 46.22 10.53
CA PRO B 171 -8.73 46.91 11.55
C PRO B 171 -8.88 46.35 12.96
N ARG B 172 -7.81 46.46 13.74
CA ARG B 172 -7.78 45.98 15.12
C ARG B 172 -7.72 47.15 16.11
N GLU B 173 -8.67 47.19 17.05
CA GLU B 173 -8.77 48.28 18.04
C GLU B 173 -8.01 48.09 19.36
N HIS B 174 -7.45 46.90 19.57
CA HIS B 174 -6.72 46.59 20.80
C HIS B 174 -5.78 45.43 20.47
N HIS B 175 -4.74 45.23 21.27
CA HIS B 175 -3.79 44.16 21.00
C HIS B 175 -4.35 42.75 21.16
N ASN B 176 -5.41 42.62 21.96
CA ASN B 176 -6.04 41.32 22.18
C ASN B 176 -7.27 41.16 21.29
N HIS B 177 -7.66 42.25 20.62
CA HIS B 177 -8.81 42.26 19.72
C HIS B 177 -8.42 41.62 18.39
N ILE B 178 -9.13 40.56 18.00
CA ILE B 178 -8.82 39.89 16.73
C ILE B 178 -9.49 40.51 15.52
N PHE B 179 -10.77 40.87 15.69
CA PHE B 179 -11.57 41.47 14.60
C PHE B 179 -12.98 41.80 15.08
N THR B 180 -13.70 42.51 14.23
CA THR B 180 -15.08 42.88 14.46
C THR B 180 -15.73 42.70 13.11
N TRP B 181 -16.79 41.89 13.07
CA TRP B 181 -17.51 41.63 11.83
C TRP B 181 -18.99 41.87 12.03
N GLY B 182 -19.65 42.36 10.98
CA GLY B 182 -21.08 42.62 11.06
C GLY B 182 -21.79 42.30 9.77
N ALA B 183 -23.10 42.14 9.87
CA ALA B 183 -23.95 41.86 8.71
C ALA B 183 -25.33 42.42 9.01
N GLY B 184 -26.08 42.75 7.95
CA GLY B 184 -27.41 43.30 8.14
C GLY B 184 -27.45 44.81 7.99
N ASP B 185 -28.63 45.36 8.25
CA ASP B 185 -28.89 46.79 8.14
C ASP B 185 -28.91 47.40 9.55
N LYS B 186 -27.79 47.96 9.99
CA LYS B 186 -27.75 48.53 11.34
C LYS B 186 -28.70 49.72 11.53
N ALA B 187 -28.66 50.66 10.59
CA ALA B 187 -29.49 51.85 10.63
C ALA B 187 -30.98 51.49 10.69
N ALA B 188 -31.39 50.59 9.81
CA ALA B 188 -32.79 50.18 9.78
C ALA B 188 -33.21 49.46 11.05
N THR B 189 -32.35 48.59 11.55
CA THR B 189 -32.64 47.83 12.77
C THR B 189 -32.68 48.75 13.99
N ASP B 190 -31.70 49.64 14.12
CA ASP B 190 -31.67 50.58 15.24
C ASP B 190 -32.95 51.40 15.23
N ALA B 191 -33.41 51.75 14.03
CA ALA B 191 -34.64 52.52 13.87
C ALA B 191 -35.86 51.71 14.34
N VAL B 192 -35.92 50.44 13.95
CA VAL B 192 -37.05 49.59 14.34
C VAL B 192 -37.16 49.48 15.85
N PHE B 193 -36.03 49.17 16.50
CA PHE B 193 -36.03 49.03 17.95
C PHE B 193 -36.46 50.31 18.66
N ALA B 194 -36.10 51.46 18.10
CA ALA B 194 -36.45 52.74 18.69
C ALA B 194 -37.96 53.00 18.69
N ASN B 195 -38.66 52.46 17.70
CA ASN B 195 -40.12 52.66 17.60
C ASN B 195 -40.96 51.43 17.91
N ALA B 196 -40.31 50.34 18.30
CA ALA B 196 -41.03 49.11 18.60
C ALA B 196 -41.81 49.18 19.91
N PRO B 197 -43.09 48.75 19.87
CA PRO B 197 -43.96 48.75 21.05
C PRO B 197 -43.57 47.69 22.10
N VAL B 198 -43.02 46.57 21.65
CA VAL B 198 -42.60 45.48 22.53
C VAL B 198 -41.12 45.15 22.27
N THR B 199 -40.36 44.98 23.34
CA THR B 199 -38.93 44.69 23.23
C THR B 199 -38.39 43.77 24.31
N VAL B 200 -37.41 42.95 23.95
CA VAL B 200 -36.77 42.03 24.89
C VAL B 200 -35.28 41.95 24.57
N SER B 201 -34.46 41.78 25.61
CA SER B 201 -33.02 41.64 25.44
C SER B 201 -32.54 40.66 26.51
N GLN B 202 -31.75 39.69 26.09
CA GLN B 202 -31.27 38.67 27.00
C GLN B 202 -29.80 38.37 26.78
N HIS B 203 -29.07 38.16 27.87
CA HIS B 203 -27.66 37.81 27.74
C HIS B 203 -27.53 36.31 27.96
N MET B 204 -26.71 35.67 27.15
CA MET B 204 -26.51 34.23 27.26
C MET B 204 -25.12 33.81 26.85
N TYR B 205 -24.57 32.86 27.58
CA TYR B 205 -23.24 32.33 27.29
C TYR B 205 -23.38 30.95 26.66
N TYR B 206 -22.72 30.75 25.53
CA TYR B 206 -22.72 29.46 24.87
C TYR B 206 -21.33 28.92 25.23
N PRO B 207 -21.25 28.12 26.31
CA PRO B 207 -19.97 27.56 26.77
C PRO B 207 -19.09 26.79 25.80
N ARG B 208 -17.79 26.97 26.01
CA ARG B 208 -16.74 26.32 25.24
C ARG B 208 -16.77 24.82 25.53
N VAL B 209 -16.96 24.03 24.49
CA VAL B 209 -17.02 22.58 24.63
C VAL B 209 -16.09 21.95 23.60
N HIS B 210 -15.88 20.63 23.72
CA HIS B 210 -14.99 19.95 22.79
C HIS B 210 -15.64 18.77 22.06
N PRO B 211 -15.42 18.66 20.74
CA PRO B 211 -15.97 17.58 19.92
C PRO B 211 -15.60 16.18 20.42
N CYS B 212 -14.40 16.06 21.00
CA CYS B 212 -13.90 14.81 21.57
C CYS B 212 -14.24 13.54 20.79
N PRO B 213 -13.72 13.41 19.55
CA PRO B 213 -14.01 12.22 18.76
C PRO B 213 -13.34 11.04 19.45
N LEU B 214 -13.95 9.86 19.42
CA LEU B 214 -13.37 8.71 20.10
C LEU B 214 -11.93 8.47 19.68
N GLU B 215 -11.64 8.53 18.38
CA GLU B 215 -10.27 8.40 17.94
C GLU B 215 -9.70 9.81 17.99
N THR B 216 -8.54 9.96 18.62
CA THR B 216 -7.89 11.25 18.71
C THR B 216 -7.18 11.56 17.39
N CYS B 217 -6.54 12.72 17.31
CA CYS B 217 -5.80 13.10 16.12
C CYS B 217 -4.47 12.38 16.08
N GLY B 218 -3.93 12.20 14.87
CA GLY B 218 -2.67 11.50 14.72
C GLY B 218 -2.28 11.34 13.26
N CYS B 219 -1.06 10.89 13.03
CA CYS B 219 -0.56 10.69 11.68
C CYS B 219 0.73 9.87 11.63
N VAL B 220 1.03 9.36 10.44
CA VAL B 220 2.27 8.64 10.19
C VAL B 220 2.87 9.34 8.97
N ALA B 221 3.80 10.25 9.22
CA ALA B 221 4.46 11.00 8.14
C ALA B 221 5.63 10.19 7.63
N SER B 222 5.81 10.14 6.32
CA SER B 222 6.91 9.39 5.72
C SER B 222 7.55 10.00 4.47
N PHE B 223 8.69 10.67 4.67
CA PHE B 223 9.43 11.26 3.57
C PHE B 223 10.49 10.27 3.11
N ASP B 224 10.46 9.95 1.82
CA ASP B 224 11.40 9.00 1.24
C ASP B 224 12.52 9.78 0.51
N PRO B 225 13.71 9.90 1.14
CA PRO B 225 14.83 10.64 0.54
C PRO B 225 15.31 10.09 -0.80
N ILE B 226 15.02 8.81 -1.05
CA ILE B 226 15.42 8.18 -2.30
C ILE B 226 14.53 8.61 -3.45
N LYS B 227 13.22 8.57 -3.25
CA LYS B 227 12.29 8.98 -4.29
C LYS B 227 12.06 10.47 -4.25
N GLY B 228 12.39 11.10 -3.11
CA GLY B 228 12.24 12.53 -2.96
C GLY B 228 10.82 13.01 -2.71
N ASP B 229 9.96 12.14 -2.17
CA ASP B 229 8.59 12.53 -1.91
C ASP B 229 8.00 12.15 -0.54
N LEU B 230 6.96 12.87 -0.16
CA LEU B 230 6.33 12.68 1.14
C LEU B 230 4.95 12.02 1.09
N THR B 231 4.75 11.07 2.00
CA THR B 231 3.48 10.38 2.13
C THR B 231 3.06 10.48 3.59
N THR B 232 1.91 11.09 3.85
CA THR B 232 1.41 11.24 5.21
C THR B 232 0.01 10.68 5.37
N TYR B 233 -0.14 9.70 6.26
CA TYR B 233 -1.43 9.10 6.56
C TYR B 233 -1.90 9.94 7.74
N ILE B 234 -3.08 10.52 7.61
CA ILE B 234 -3.53 11.45 8.63
C ILE B 234 -5.01 11.48 8.95
N THR B 235 -5.33 11.88 10.19
CA THR B 235 -6.72 11.99 10.61
C THR B 235 -7.15 13.39 10.14
N SER B 236 -7.43 13.51 8.84
CA SER B 236 -7.83 14.80 8.26
C SER B 236 -9.17 14.79 7.54
N GLN B 237 -9.98 15.81 7.80
CA GLN B 237 -11.29 15.95 7.18
C GLN B 237 -11.20 16.70 5.85
N ALA B 238 -9.98 17.04 5.44
CA ALA B 238 -9.74 17.75 4.18
C ALA B 238 -8.30 17.51 3.73
N PRO B 239 -7.99 16.26 3.34
CA PRO B 239 -6.65 15.85 2.89
C PRO B 239 -6.09 16.61 1.69
N HIS B 240 -6.96 16.95 0.74
CA HIS B 240 -6.52 17.69 -0.44
C HIS B 240 -5.94 19.06 -0.11
N VAL B 241 -6.67 19.86 0.68
CA VAL B 241 -6.13 21.16 1.03
C VAL B 241 -4.88 20.99 1.92
N VAL B 242 -4.87 19.95 2.75
CA VAL B 242 -3.70 19.68 3.59
C VAL B 242 -2.50 19.51 2.67
N ARG B 243 -2.67 18.70 1.63
CA ARG B 243 -1.60 18.47 0.67
C ARG B 243 -1.09 19.78 0.06
N THR B 244 -2.02 20.63 -0.40
CA THR B 244 -1.66 21.91 -0.99
C THR B 244 -0.88 22.75 0.02
N VAL B 245 -1.36 22.81 1.26
CA VAL B 245 -0.67 23.58 2.30
C VAL B 245 0.71 22.98 2.61
N VAL B 246 0.76 21.67 2.80
CA VAL B 246 2.02 20.98 3.11
C VAL B 246 3.06 21.22 2.02
N SER B 247 2.63 21.21 0.76
CA SER B 247 3.53 21.44 -0.36
C SER B 247 4.12 22.85 -0.33
N MET B 248 3.26 23.83 -0.07
CA MET B 248 3.65 25.24 0.02
C MET B 248 4.70 25.50 1.11
N LEU B 249 4.47 24.92 2.28
CA LEU B 249 5.36 25.13 3.41
C LEU B 249 6.63 24.31 3.37
N SER B 250 6.63 23.22 2.62
CA SER B 250 7.80 22.35 2.54
C SER B 250 8.73 22.59 1.36
N GLY B 251 8.18 23.11 0.27
CA GLY B 251 8.99 23.34 -0.91
C GLY B 251 9.01 22.12 -1.81
N ILE B 252 8.39 21.05 -1.34
CA ILE B 252 8.29 19.80 -2.09
C ILE B 252 7.15 20.00 -3.10
N PRO B 253 7.42 19.77 -4.40
CA PRO B 253 6.35 19.94 -5.39
C PRO B 253 5.09 19.14 -5.00
N GLU B 254 3.92 19.73 -5.22
CA GLU B 254 2.65 19.10 -4.87
C GLU B 254 2.42 17.67 -5.38
N SER B 255 2.88 17.38 -6.59
CA SER B 255 2.70 16.04 -7.16
C SER B 255 3.54 14.98 -6.44
N LYS B 256 4.51 15.46 -5.66
CA LYS B 256 5.39 14.57 -4.90
C LYS B 256 4.97 14.51 -3.43
N VAL B 257 3.82 15.09 -3.12
CA VAL B 257 3.30 15.07 -1.77
C VAL B 257 2.01 14.28 -1.87
N ARG B 258 1.86 13.29 -0.99
CA ARG B 258 0.66 12.47 -0.99
C ARG B 258 0.12 12.38 0.44
N ILE B 259 -1.10 12.87 0.62
CA ILE B 259 -1.78 12.84 1.91
C ILE B 259 -2.94 11.86 1.84
N VAL B 260 -3.02 10.95 2.81
CA VAL B 260 -4.11 9.99 2.80
C VAL B 260 -4.85 9.83 4.12
N SER B 261 -6.14 10.14 4.07
CA SER B 261 -7.04 10.01 5.22
C SER B 261 -7.59 8.60 5.08
N PRO B 262 -7.20 7.68 5.97
CA PRO B 262 -7.69 6.29 5.90
C PRO B 262 -9.06 6.25 6.59
N ASP B 263 -9.29 5.22 7.40
CA ASP B 263 -10.53 5.15 8.15
C ASP B 263 -10.29 6.09 9.32
N ILE B 264 -11.24 6.99 9.57
CA ILE B 264 -11.12 7.95 10.66
C ILE B 264 -12.21 7.71 11.70
N GLY B 265 -11.82 7.57 12.96
CA GLY B 265 -12.77 7.32 14.02
C GLY B 265 -13.58 8.52 14.47
N GLY B 266 -14.28 9.14 13.53
CA GLY B 266 -15.07 10.32 13.85
C GLY B 266 -14.30 11.62 13.67
N GLY B 267 -15.00 12.65 13.23
CA GLY B 267 -14.38 13.94 13.03
C GLY B 267 -15.14 15.00 13.81
N PHE B 268 -16.35 15.27 13.36
CA PHE B 268 -17.21 16.26 14.01
C PHE B 268 -16.59 17.65 13.95
N GLY B 269 -15.74 17.88 12.96
CA GLY B 269 -15.09 19.16 12.82
C GLY B 269 -13.80 19.28 13.61
N ASN B 270 -13.48 18.28 14.42
CA ASN B 270 -12.26 18.30 15.22
C ASN B 270 -11.01 18.03 14.38
N LYS B 271 -11.19 17.27 13.30
CA LYS B 271 -10.07 16.91 12.44
C LYS B 271 -10.00 17.67 11.12
N VAL B 272 -10.45 18.92 11.12
CA VAL B 272 -10.41 19.74 9.92
C VAL B 272 -9.08 20.49 9.78
N GLY B 273 -8.57 21.03 10.89
CA GLY B 273 -7.33 21.77 10.85
C GLY B 273 -6.03 20.98 10.88
N ILE B 274 -4.93 21.71 10.70
CA ILE B 274 -3.60 21.14 10.73
C ILE B 274 -3.03 21.50 12.09
N TYR B 275 -2.76 20.49 12.91
CA TYR B 275 -2.22 20.70 14.23
C TYR B 275 -0.71 20.62 14.22
N PRO B 276 -0.05 21.30 15.16
CA PRO B 276 1.42 21.29 15.25
C PRO B 276 2.04 19.89 15.24
N GLY B 277 1.32 18.92 15.81
CA GLY B 277 1.79 17.55 15.84
C GLY B 277 2.07 17.02 14.43
N TYR B 278 1.23 17.39 13.47
CA TYR B 278 1.40 16.96 12.09
C TYR B 278 2.69 17.53 11.49
N VAL B 279 2.86 18.84 11.65
CA VAL B 279 4.03 19.54 11.12
C VAL B 279 5.31 18.95 11.67
N CYS B 280 5.35 18.74 12.98
CA CYS B 280 6.53 18.18 13.63
C CYS B 280 6.83 16.79 13.13
N ALA B 281 5.80 15.98 12.94
CA ALA B 281 5.98 14.61 12.43
C ALA B 281 6.59 14.66 11.06
N ILE B 282 6.09 15.58 10.23
CA ILE B 282 6.58 15.76 8.87
C ILE B 282 8.04 16.21 8.88
N VAL B 283 8.34 17.27 9.63
CA VAL B 283 9.70 17.79 9.73
C VAL B 283 10.63 16.69 10.25
N ALA B 284 10.21 15.98 11.29
CA ALA B 284 11.01 14.91 11.87
C ALA B 284 11.26 13.82 10.82
N SER B 285 10.22 13.43 10.08
CA SER B 285 10.36 12.41 9.06
C SER B 285 11.35 12.84 7.98
N ILE B 286 11.25 14.10 7.56
CA ILE B 286 12.15 14.67 6.53
C ILE B 286 13.61 14.68 7.02
N VAL B 287 13.80 15.01 8.29
CA VAL B 287 15.12 15.06 8.89
C VAL B 287 15.76 13.67 9.05
N LEU B 288 15.04 12.78 9.74
CA LEU B 288 15.54 11.43 10.00
C LEU B 288 15.52 10.48 8.81
N GLY B 289 14.81 10.85 7.75
CA GLY B 289 14.75 10.01 6.58
C GLY B 289 13.94 8.75 6.74
N ARG B 290 13.04 8.73 7.72
CA ARG B 290 12.19 7.57 7.91
C ARG B 290 10.83 7.88 8.52
N PRO B 291 9.87 6.93 8.48
CA PRO B 291 8.54 7.15 9.02
C PRO B 291 8.47 7.54 10.50
N VAL B 292 7.61 8.51 10.79
CA VAL B 292 7.40 8.97 12.15
C VAL B 292 5.91 8.96 12.47
N LYS B 293 5.54 8.29 13.55
CA LYS B 293 4.16 8.20 13.99
C LYS B 293 3.87 9.08 15.19
N TRP B 294 2.76 9.82 15.13
CA TRP B 294 2.31 10.67 16.23
C TRP B 294 0.83 10.41 16.46
N VAL B 295 0.47 10.04 17.68
CA VAL B 295 -0.92 9.77 18.05
C VAL B 295 -1.15 10.37 19.43
N GLU B 296 -1.97 11.42 19.50
CA GLU B 296 -2.24 12.10 20.76
C GLU B 296 -3.12 11.28 21.71
N ASP B 297 -3.01 11.57 23.00
CA ASP B 297 -3.83 10.91 24.01
C ASP B 297 -5.10 11.74 24.18
N ARG B 298 -6.08 11.19 24.90
CA ARG B 298 -7.35 11.88 25.14
C ARG B 298 -7.19 13.27 25.75
N VAL B 299 -6.31 13.40 26.74
CA VAL B 299 -6.09 14.68 27.40
C VAL B 299 -5.49 15.73 26.46
N GLU B 300 -4.70 15.28 25.49
CA GLU B 300 -4.10 16.18 24.52
C GLU B 300 -5.20 16.62 23.56
N ASN B 301 -6.06 15.69 23.17
CA ASN B 301 -7.16 15.98 22.26
C ASN B 301 -8.08 17.04 22.81
N ILE B 302 -8.56 16.84 24.04
CA ILE B 302 -9.46 17.80 24.67
C ILE B 302 -8.78 19.14 24.94
N SER B 303 -7.53 19.08 25.40
CA SER B 303 -6.78 20.28 25.75
C SER B 303 -6.23 21.16 24.62
N THR B 304 -5.83 20.56 23.50
CA THR B 304 -5.21 21.35 22.43
C THR B 304 -5.82 21.36 21.03
N THR B 305 -6.72 20.44 20.72
CA THR B 305 -7.33 20.45 19.39
C THR B 305 -8.51 21.39 19.42
N ALA B 306 -9.05 21.70 18.24
CA ALA B 306 -10.17 22.63 18.11
C ALA B 306 -11.39 22.40 18.98
N PHE B 307 -11.73 23.44 19.74
CA PHE B 307 -12.89 23.47 20.63
C PHE B 307 -14.06 24.09 19.85
N ALA B 308 -15.22 24.14 20.47
CA ALA B 308 -16.40 24.73 19.84
C ALA B 308 -17.11 25.70 20.77
N ARG B 309 -17.91 26.59 20.18
CA ARG B 309 -18.69 27.61 20.89
C ARG B 309 -17.85 28.71 21.53
N ASP B 310 -18.16 29.01 22.79
CA ASP B 310 -17.48 30.05 23.58
C ASP B 310 -17.88 31.43 23.10
N TYR B 311 -19.18 31.61 22.93
CA TYR B 311 -19.78 32.88 22.48
C TYR B 311 -20.56 33.53 23.62
N HIS B 312 -20.32 34.81 23.85
CA HIS B 312 -21.03 35.56 24.86
C HIS B 312 -21.99 36.43 24.04
N MET B 313 -23.27 36.08 24.08
CA MET B 313 -24.28 36.79 23.28
C MET B 313 -25.31 37.68 23.98
N ASP B 314 -25.58 38.81 23.34
CA ASP B 314 -26.56 39.79 23.80
C ASP B 314 -27.62 39.91 22.70
N GLY B 315 -28.67 39.08 22.81
CA GLY B 315 -29.72 39.10 21.82
C GLY B 315 -30.86 40.07 22.11
N GLU B 316 -31.41 40.66 21.06
CA GLU B 316 -32.52 41.60 21.17
C GLU B 316 -33.58 41.33 20.11
N LEU B 317 -34.85 41.49 20.49
CA LEU B 317 -35.95 41.25 19.59
C LEU B 317 -37.01 42.35 19.72
N ALA B 318 -37.39 42.95 18.60
CA ALA B 318 -38.41 43.99 18.57
C ALA B 318 -39.70 43.37 18.06
N ALA B 319 -40.82 43.72 18.65
CA ALA B 319 -42.10 43.14 18.22
C ALA B 319 -43.33 44.01 18.49
N THR B 320 -44.46 43.55 17.98
CA THR B 320 -45.74 44.22 18.18
C THR B 320 -46.47 43.38 19.22
N PRO B 321 -47.49 43.94 19.89
CA PRO B 321 -48.28 43.26 20.92
C PRO B 321 -48.81 41.88 20.59
N ASP B 322 -49.08 41.61 19.32
CA ASP B 322 -49.61 40.30 18.93
C ASP B 322 -48.52 39.25 18.69
N GLY B 323 -47.26 39.68 18.80
CA GLY B 323 -46.16 38.76 18.61
C GLY B 323 -45.38 38.78 17.31
N LYS B 324 -45.75 39.62 16.35
CA LYS B 324 -44.99 39.64 15.10
C LYS B 324 -43.65 40.36 15.27
N ILE B 325 -42.57 39.61 15.03
CA ILE B 325 -41.22 40.12 15.16
C ILE B 325 -40.93 41.19 14.12
N LEU B 326 -40.48 42.35 14.59
CA LEU B 326 -40.17 43.48 13.72
C LEU B 326 -38.69 43.62 13.41
N GLY B 327 -37.85 43.29 14.39
CA GLY B 327 -36.42 43.40 14.20
C GLY B 327 -35.59 42.50 15.10
N LEU B 328 -34.33 42.33 14.73
CA LEU B 328 -33.39 41.50 15.46
C LEU B 328 -32.03 42.19 15.56
N ARG B 329 -31.54 42.34 16.79
CA ARG B 329 -30.25 42.96 17.02
C ARG B 329 -29.43 42.08 17.95
N VAL B 330 -28.22 41.73 17.51
CA VAL B 330 -27.32 40.87 18.27
C VAL B 330 -25.88 41.38 18.31
N ASN B 331 -25.27 41.32 19.48
CA ASN B 331 -23.88 41.71 19.66
C ASN B 331 -23.20 40.54 20.36
N VAL B 332 -22.02 40.16 19.89
CA VAL B 332 -21.30 39.00 20.42
C VAL B 332 -19.81 39.22 20.68
N VAL B 333 -19.32 38.58 21.74
CA VAL B 333 -17.90 38.60 22.09
C VAL B 333 -17.46 37.15 21.95
N ALA B 334 -16.53 36.92 21.03
CA ALA B 334 -16.02 35.57 20.76
C ALA B 334 -14.61 35.33 21.25
N ASP B 335 -14.44 34.24 22.01
CA ASP B 335 -13.15 33.86 22.57
C ASP B 335 -12.52 32.82 21.64
N HIS B 336 -11.48 33.22 20.92
CA HIS B 336 -10.81 32.33 19.98
C HIS B 336 -9.50 31.72 20.48
N GLY B 337 -9.13 31.98 21.74
CA GLY B 337 -7.89 31.43 22.24
C GLY B 337 -6.68 32.27 21.86
N ALA B 338 -5.49 31.73 22.09
CA ALA B 338 -4.23 32.43 21.81
C ALA B 338 -4.00 32.79 20.36
N PHE B 339 -4.32 31.86 19.46
CA PHE B 339 -4.17 32.06 18.02
C PHE B 339 -5.52 31.78 17.36
N ASP B 340 -5.81 32.53 16.30
CA ASP B 340 -7.06 32.34 15.59
C ASP B 340 -6.88 31.31 14.48
N ALA B 341 -7.27 30.07 14.78
CA ALA B 341 -7.17 28.99 13.81
C ALA B 341 -8.57 28.43 13.56
N CYS B 342 -9.57 29.28 13.83
CA CYS B 342 -10.97 28.92 13.67
C CYS B 342 -11.29 28.56 12.22
N ALA B 343 -11.64 27.29 11.98
CA ALA B 343 -12.01 26.82 10.64
C ALA B 343 -13.16 27.67 10.11
N ASP B 344 -12.98 28.22 8.91
CA ASP B 344 -13.99 29.08 8.30
C ASP B 344 -13.63 29.49 6.89
N PRO B 345 -14.63 29.89 6.09
CA PRO B 345 -14.35 30.33 4.73
C PRO B 345 -13.62 31.66 4.96
N THR B 346 -12.61 31.94 4.16
CA THR B 346 -11.81 33.16 4.28
C THR B 346 -12.52 34.48 4.59
N LYS B 347 -13.71 34.69 4.02
CA LYS B 347 -14.43 35.95 4.22
C LYS B 347 -15.41 36.01 5.38
N PHE B 348 -15.44 34.96 6.20
CA PHE B 348 -16.37 34.92 7.32
C PHE B 348 -15.75 34.50 8.64
N PRO B 349 -15.14 35.45 9.37
CA PRO B 349 -14.49 35.22 10.66
C PRO B 349 -15.45 34.77 11.75
N ALA B 350 -16.74 34.91 11.50
CA ALA B 350 -17.75 34.50 12.45
C ALA B 350 -18.68 33.50 11.77
N GLY B 351 -18.16 32.88 10.72
CA GLY B 351 -18.93 31.89 9.98
C GLY B 351 -20.22 32.46 9.43
N LEU B 352 -21.26 31.64 9.45
CA LEU B 352 -22.56 32.05 8.95
C LEU B 352 -23.47 32.39 10.12
N PHE B 353 -22.94 33.16 11.08
CA PHE B 353 -23.72 33.55 12.24
C PHE B 353 -24.92 34.41 11.84
N HIS B 354 -24.79 35.11 10.71
CA HIS B 354 -25.88 35.95 10.23
C HIS B 354 -27.06 35.15 9.70
N ILE B 355 -27.13 33.88 10.09
CA ILE B 355 -28.24 33.02 9.72
C ILE B 355 -29.20 33.02 10.91
N CYS B 356 -28.82 33.80 11.94
CA CYS B 356 -29.59 33.93 13.17
C CYS B 356 -30.99 34.51 13.03
N SER B 357 -31.41 34.84 11.81
CA SER B 357 -32.76 35.35 11.58
C SER B 357 -33.71 34.15 11.74
N GLY B 358 -33.13 32.95 11.66
CA GLY B 358 -33.88 31.71 11.82
C GLY B 358 -34.92 31.37 10.79
N SER B 359 -35.97 30.72 11.26
CA SER B 359 -37.08 30.28 10.43
C SER B 359 -38.15 31.36 10.34
N TYR B 360 -37.80 32.58 10.73
CA TYR B 360 -38.77 33.66 10.77
C TYR B 360 -38.57 34.80 9.79
N ASP B 361 -39.69 35.34 9.31
CA ASP B 361 -39.67 36.44 8.36
C ASP B 361 -39.49 37.72 9.15
N ILE B 362 -38.24 38.02 9.48
CA ILE B 362 -37.91 39.21 10.22
C ILE B 362 -37.43 40.26 9.22
N PRO B 363 -38.18 41.37 9.08
CA PRO B 363 -37.86 42.46 8.16
C PRO B 363 -36.53 43.21 8.34
N ARG B 364 -36.11 43.41 9.58
CA ARG B 364 -34.85 44.12 9.82
C ARG B 364 -33.97 43.42 10.85
N ALA B 365 -32.66 43.44 10.65
CA ALA B 365 -31.73 42.80 11.58
C ALA B 365 -30.25 43.13 11.36
N HIS B 366 -29.51 43.03 12.44
CA HIS B 366 -28.09 43.30 12.41
C HIS B 366 -27.40 42.52 13.52
N CYS B 367 -26.18 42.07 13.24
CA CYS B 367 -25.38 41.34 14.21
C CYS B 367 -23.94 41.81 14.10
N SER B 368 -23.21 41.72 15.20
CA SER B 368 -21.83 42.16 15.24
C SER B 368 -21.03 41.24 16.17
N VAL B 369 -20.04 40.56 15.60
CA VAL B 369 -19.20 39.63 16.38
C VAL B 369 -17.80 40.20 16.57
N LYS B 370 -17.35 40.21 17.82
CA LYS B 370 -16.04 40.73 18.18
C LYS B 370 -15.12 39.59 18.66
N GLY B 371 -14.09 39.30 17.87
CA GLY B 371 -13.14 38.24 18.21
C GLY B 371 -12.08 38.69 19.19
N VAL B 372 -11.81 37.85 20.20
CA VAL B 372 -10.84 38.18 21.25
C VAL B 372 -9.85 37.05 21.57
N TYR B 373 -8.59 37.43 21.80
CA TYR B 373 -7.51 36.50 22.14
C TYR B 373 -7.46 36.27 23.65
N THR B 374 -7.20 35.03 24.06
CA THR B 374 -7.05 34.66 25.46
C THR B 374 -6.02 33.53 25.55
N ASN B 375 -5.47 33.29 26.73
CA ASN B 375 -4.49 32.22 26.90
C ASN B 375 -5.15 30.84 26.89
N LYS B 376 -5.69 30.46 25.74
CA LYS B 376 -6.36 29.16 25.58
C LYS B 376 -6.03 28.56 24.23
N ALA B 377 -6.30 27.27 24.07
CA ALA B 377 -6.04 26.59 22.81
C ALA B 377 -6.97 27.16 21.74
N PRO B 378 -6.50 27.24 20.48
CA PRO B 378 -7.31 27.76 19.37
C PRO B 378 -8.46 26.86 18.93
N GLY B 379 -9.30 27.37 18.03
CA GLY B 379 -10.45 26.62 17.55
C GLY B 379 -11.69 27.49 17.41
N GLY B 380 -12.85 26.95 17.78
CA GLY B 380 -14.08 27.71 17.68
C GLY B 380 -15.15 27.05 16.84
N VAL B 381 -14.76 26.53 15.68
CA VAL B 381 -15.67 25.85 14.78
C VAL B 381 -15.20 24.40 14.71
N ALA B 382 -15.94 23.48 15.33
CA ALA B 382 -15.51 22.10 15.31
C ALA B 382 -16.41 21.09 16.03
N TYR B 383 -17.72 21.13 15.85
CA TYR B 383 -18.57 20.18 16.57
C TYR B 383 -19.98 20.17 15.98
N SER B 386 -21.61 23.71 11.57
CA SER B 386 -21.86 24.31 10.25
C SER B 386 -21.37 25.76 10.12
N PHE B 387 -20.29 26.09 10.82
CA PHE B 387 -19.71 27.44 10.82
C PHE B 387 -20.57 28.43 11.61
N ARG B 388 -20.61 28.26 12.93
CA ARG B 388 -21.35 29.12 13.83
C ARG B 388 -22.88 29.12 13.74
N VAL B 389 -23.46 28.14 13.05
CA VAL B 389 -24.91 28.06 12.93
C VAL B 389 -25.51 27.64 14.28
N THR B 390 -24.75 26.87 15.05
CA THR B 390 -25.16 26.40 16.38
C THR B 390 -25.48 27.60 17.28
N GLU B 391 -24.62 28.62 17.21
CA GLU B 391 -24.78 29.83 18.00
C GLU B 391 -25.96 30.66 17.52
N ALA B 392 -26.04 30.82 16.20
CA ALA B 392 -27.10 31.58 15.57
C ALA B 392 -28.48 31.03 15.94
N VAL B 393 -28.64 29.71 15.83
CA VAL B 393 -29.91 29.09 16.17
C VAL B 393 -30.25 29.18 17.65
N TYR B 394 -29.27 28.92 18.51
CA TYR B 394 -29.47 28.99 19.96
C TYR B 394 -29.96 30.38 20.34
N LEU B 395 -29.32 31.40 19.79
CA LEU B 395 -29.68 32.77 20.07
C LEU B 395 -31.12 33.12 19.69
N ILE B 396 -31.47 32.91 18.42
CA ILE B 396 -32.81 33.23 17.94
C ILE B 396 -33.90 32.47 18.67
N GLU B 397 -33.68 31.18 18.92
CA GLU B 397 -34.66 30.37 19.61
C GLU B 397 -34.82 30.77 21.06
N ARG B 398 -33.71 31.17 21.69
CA ARG B 398 -33.75 31.60 23.07
C ARG B 398 -34.53 32.93 23.14
N MET B 399 -34.24 33.83 22.22
CA MET B 399 -34.92 35.13 22.19
C MET B 399 -36.42 35.02 21.97
N VAL B 400 -36.84 34.14 21.06
CA VAL B 400 -38.25 33.95 20.78
C VAL B 400 -38.99 33.47 22.03
N ASP B 401 -38.33 32.62 22.82
CA ASP B 401 -38.92 32.13 24.06
C ASP B 401 -39.10 33.28 25.03
N VAL B 402 -38.08 34.14 25.12
CA VAL B 402 -38.11 35.29 26.01
C VAL B 402 -39.26 36.22 25.62
N LEU B 403 -39.43 36.45 24.32
CA LEU B 403 -40.49 37.31 23.82
C LEU B 403 -41.86 36.67 24.06
N ALA B 404 -41.92 35.34 23.92
CA ALA B 404 -43.16 34.61 24.15
C ALA B 404 -43.64 34.74 25.59
N GLN B 405 -42.70 34.57 26.53
CA GLN B 405 -42.99 34.67 27.96
C GLN B 405 -43.40 36.07 28.37
N LYS B 406 -42.81 37.08 27.74
CA LYS B 406 -43.16 38.46 28.08
C LYS B 406 -44.59 38.79 27.65
N LEU B 407 -45.00 38.25 26.51
CA LEU B 407 -46.34 38.48 25.99
C LEU B 407 -47.38 37.50 26.55
N ASN B 408 -46.91 36.52 27.31
CA ASN B 408 -47.78 35.48 27.88
C ASN B 408 -48.44 34.75 26.71
N MET B 409 -47.62 34.53 25.67
CA MET B 409 -48.06 33.85 24.46
C MET B 409 -47.40 32.48 24.37
N ASP B 410 -48.18 31.49 23.93
CA ASP B 410 -47.72 30.13 23.76
C ASP B 410 -46.52 30.08 22.81
N LYS B 411 -45.47 29.39 23.22
CA LYS B 411 -44.23 29.28 22.46
C LYS B 411 -44.33 28.67 21.06
N ALA B 412 -45.36 27.86 20.81
CA ALA B 412 -45.54 27.27 19.49
C ALA B 412 -46.30 28.26 18.61
N GLU B 413 -47.29 28.90 19.21
CA GLU B 413 -48.13 29.88 18.54
C GLU B 413 -47.31 31.07 18.02
N ILE B 414 -46.36 31.55 18.82
CA ILE B 414 -45.54 32.68 18.41
C ILE B 414 -44.61 32.29 17.26
N ARG B 415 -44.27 31.01 17.19
CA ARG B 415 -43.41 30.52 16.12
C ARG B 415 -44.20 30.40 14.82
N ALA B 416 -45.38 29.78 14.90
CA ALA B 416 -46.23 29.61 13.72
C ALA B 416 -46.56 30.96 13.12
N LYS B 417 -46.74 31.95 13.99
CA LYS B 417 -47.09 33.29 13.55
C LYS B 417 -45.93 34.02 12.85
N ASN B 418 -44.69 33.65 13.19
CA ASN B 418 -43.50 34.29 12.61
C ASN B 418 -42.78 33.52 11.51
N PHE B 419 -43.15 32.26 11.31
CA PHE B 419 -42.55 31.41 10.28
C PHE B 419 -42.55 32.02 8.89
N ILE B 420 -41.56 31.65 8.09
CA ILE B 420 -41.51 32.09 6.72
C ILE B 420 -42.49 31.09 6.10
N ARG B 421 -43.50 31.59 5.38
CA ARG B 421 -44.49 30.71 4.76
C ARG B 421 -43.90 29.96 3.56
N LYS B 422 -44.46 28.77 3.29
CA LYS B 422 -44.03 27.91 2.19
C LYS B 422 -43.93 28.65 0.85
N GLU B 423 -44.91 29.49 0.56
CA GLU B 423 -44.93 30.24 -0.69
C GLU B 423 -43.90 31.36 -0.83
N GLN B 424 -43.22 31.69 0.27
CA GLN B 424 -42.21 32.74 0.26
C GLN B 424 -40.85 32.29 -0.23
N PHE B 425 -40.65 30.99 -0.34
CA PHE B 425 -39.38 30.44 -0.82
C PHE B 425 -39.32 30.45 -2.34
N PRO B 426 -38.14 30.74 -2.93
CA PRO B 426 -36.88 31.05 -2.26
C PRO B 426 -36.97 32.39 -1.54
N TYR B 427 -36.74 32.35 -0.23
CA TYR B 427 -36.83 33.50 0.64
C TYR B 427 -35.50 34.18 0.97
N THR B 428 -35.39 35.47 0.67
CA THR B 428 -34.18 36.22 0.98
C THR B 428 -34.35 36.89 2.34
N THR B 429 -33.44 36.59 3.28
CA THR B 429 -33.50 37.18 4.61
C THR B 429 -32.89 38.54 4.68
N GLN B 430 -33.03 39.12 5.87
CA GLN B 430 -32.51 40.44 6.20
C GLN B 430 -30.99 40.45 6.12
N PHE B 431 -30.40 39.26 6.25
CA PHE B 431 -28.95 39.13 6.19
C PHE B 431 -28.41 38.82 4.79
N GLY B 432 -29.30 38.49 3.86
CA GLY B 432 -28.85 38.21 2.50
C GLY B 432 -28.88 36.77 2.04
N PHE B 433 -29.24 35.83 2.93
CA PHE B 433 -29.32 34.42 2.55
C PHE B 433 -30.58 34.15 1.76
N GLU B 434 -30.47 33.25 0.77
CA GLU B 434 -31.63 32.87 -0.01
C GLU B 434 -32.01 31.43 0.34
N TYR B 435 -32.91 31.28 1.30
CA TYR B 435 -33.38 29.96 1.73
C TYR B 435 -33.97 29.27 0.52
N ASP B 436 -33.51 28.06 0.23
CA ASP B 436 -34.00 27.33 -0.93
C ASP B 436 -35.46 26.89 -0.88
N SER B 437 -35.87 26.24 0.20
CA SER B 437 -37.25 25.79 0.35
C SER B 437 -37.56 25.41 1.78
N GLY B 438 -38.84 25.29 2.08
CA GLY B 438 -39.27 24.91 3.41
C GLY B 438 -40.77 24.87 3.57
N ASP B 439 -41.22 24.21 4.63
CA ASP B 439 -42.63 24.13 4.97
C ASP B 439 -42.69 23.88 6.47
N TYR B 440 -42.39 24.94 7.22
CA TYR B 440 -42.34 24.91 8.67
C TYR B 440 -43.68 24.64 9.36
N HIS B 441 -44.74 25.29 8.89
CA HIS B 441 -46.06 25.11 9.49
C HIS B 441 -46.53 23.68 9.55
N THR B 442 -46.44 22.98 8.42
CA THR B 442 -46.86 21.58 8.33
C THR B 442 -46.06 20.70 9.29
N ALA B 443 -44.75 20.95 9.37
CA ALA B 443 -43.89 20.18 10.25
C ALA B 443 -44.20 20.43 11.72
N LEU B 444 -44.45 21.70 12.06
CA LEU B 444 -44.78 22.06 13.44
C LEU B 444 -46.06 21.38 13.90
N LYS B 445 -47.13 21.51 13.12
CA LYS B 445 -48.39 20.88 13.49
C LYS B 445 -48.21 19.38 13.62
N LYS B 446 -47.35 18.81 12.79
CA LYS B 446 -47.09 17.38 12.82
C LYS B 446 -46.47 16.97 14.14
N VAL B 447 -45.52 17.75 14.62
CA VAL B 447 -44.84 17.45 15.88
C VAL B 447 -45.78 17.66 17.07
N LEU B 448 -46.46 18.81 17.10
CA LEU B 448 -47.39 19.13 18.18
C LEU B 448 -48.49 18.07 18.33
N ASP B 449 -48.97 17.57 17.21
CA ASP B 449 -50.02 16.56 17.21
C ASP B 449 -49.52 15.22 17.76
N ALA B 450 -48.36 14.78 17.28
CA ALA B 450 -47.79 13.51 17.72
C ALA B 450 -47.51 13.41 19.22
N VAL B 451 -47.15 14.53 19.86
CA VAL B 451 -46.89 14.52 21.29
C VAL B 451 -48.07 15.01 22.14
N ASP B 452 -49.15 15.41 21.46
CA ASP B 452 -50.35 15.93 22.13
C ASP B 452 -49.90 17.12 23.00
N TYR B 453 -49.31 18.11 22.33
CA TYR B 453 -48.82 19.31 22.97
C TYR B 453 -49.81 19.94 23.93
N PRO B 454 -51.08 20.10 23.52
CA PRO B 454 -52.04 20.71 24.46
C PRO B 454 -52.13 19.93 25.77
N ALA B 455 -52.22 18.60 25.68
CA ALA B 455 -52.29 17.76 26.88
C ALA B 455 -51.07 17.98 27.77
N LEU B 456 -49.92 18.16 27.14
CA LEU B 456 -48.66 18.40 27.84
C LEU B 456 -48.75 19.69 28.66
N ARG B 457 -49.22 20.79 28.05
CA ARG B 457 -49.34 22.06 28.77
C ARG B 457 -50.32 21.97 29.94
N ALA B 458 -51.36 21.14 29.79
CA ALA B 458 -52.34 20.95 30.85
C ALA B 458 -51.71 20.19 32.02
N GLU B 459 -50.89 19.17 31.71
CA GLU B 459 -50.21 18.42 32.77
C GLU B 459 -49.27 19.36 33.50
N GLN B 460 -48.63 20.26 32.76
CA GLN B 460 -47.70 21.23 33.33
C GLN B 460 -48.44 22.22 34.21
N ALA B 461 -49.58 22.71 33.72
CA ALA B 461 -50.39 23.69 34.46
C ALA B 461 -50.91 23.05 35.75
N ALA B 462 -51.31 21.80 35.67
CA ALA B 462 -51.82 21.07 36.84
C ALA B 462 -50.73 20.86 37.87
N ARG B 463 -49.51 20.62 37.41
CA ARG B 463 -48.40 20.39 38.32
C ARG B 463 -47.92 21.67 39.00
N ARG B 464 -47.92 22.78 38.24
CA ARG B 464 -47.50 24.06 38.79
C ARG B 464 -48.49 24.56 39.85
N ALA B 465 -49.76 24.19 39.67
CA ALA B 465 -50.82 24.58 40.58
C ALA B 465 -50.61 24.03 41.99
N ASP B 466 -49.95 22.88 42.08
CA ASP B 466 -49.66 22.26 43.38
C ASP B 466 -48.26 22.71 43.79
N PRO B 467 -48.18 23.55 44.84
CA PRO B 467 -46.89 24.06 45.35
C PRO B 467 -46.03 22.98 46.00
N ASN B 468 -46.58 21.78 46.17
CA ASN B 468 -45.85 20.68 46.78
C ASN B 468 -45.30 19.67 45.79
N SER B 469 -45.65 19.83 44.51
CA SER B 469 -45.19 18.92 43.47
C SER B 469 -43.68 18.70 43.61
N PRO B 470 -43.27 17.46 43.90
CA PRO B 470 -41.86 17.12 44.07
C PRO B 470 -40.98 17.40 42.86
N THR B 471 -41.58 17.57 41.69
CA THR B 471 -40.81 17.84 40.47
C THR B 471 -41.38 19.01 39.67
N LEU B 472 -40.57 19.54 38.77
CA LEU B 472 -40.96 20.62 37.88
C LEU B 472 -41.05 20.03 36.47
N MET B 473 -42.07 20.43 35.71
CA MET B 473 -42.23 19.94 34.34
C MET B 473 -41.85 21.05 33.37
N GLY B 474 -41.01 20.71 32.39
CA GLY B 474 -40.59 21.69 31.41
C GLY B 474 -40.77 21.23 29.99
N ILE B 475 -41.21 22.13 29.13
CA ILE B 475 -41.45 21.81 27.73
C ILE B 475 -40.65 22.77 26.83
N GLY B 476 -39.72 22.20 26.08
CA GLY B 476 -38.89 22.98 25.18
C GLY B 476 -39.23 22.68 23.74
N LEU B 477 -39.33 23.73 22.94
CA LEU B 477 -39.66 23.62 21.52
C LEU B 477 -38.74 24.50 20.69
N VAL B 478 -38.16 23.91 19.66
CA VAL B 478 -37.26 24.61 18.76
C VAL B 478 -37.65 24.29 17.32
N THR B 479 -37.78 25.34 16.52
CA THR B 479 -38.13 25.25 15.11
C THR B 479 -36.98 26.00 14.41
N PHE B 480 -36.11 25.23 13.76
CA PHE B 480 -34.93 25.82 13.13
C PHE B 480 -34.69 25.55 11.67
N THR B 481 -33.85 26.39 11.08
CA THR B 481 -33.44 26.31 9.70
C THR B 481 -31.93 26.26 9.69
N GLU B 482 -31.39 25.27 9.00
CA GLU B 482 -29.95 25.10 8.88
C GLU B 482 -29.50 25.71 7.56
N VAL B 483 -28.19 25.81 7.39
CA VAL B 483 -27.60 26.33 6.16
C VAL B 483 -26.30 25.55 5.96
N VAL B 484 -26.38 24.50 5.16
CA VAL B 484 -25.24 23.64 4.91
C VAL B 484 -24.91 23.42 3.45
N GLY B 485 -23.63 23.16 3.20
CA GLY B 485 -23.15 22.94 1.85
C GLY B 485 -22.26 24.08 1.46
N ALA B 486 -21.35 24.46 2.38
CA ALA B 486 -20.42 25.56 2.17
C ALA B 486 -19.83 25.41 0.79
N GLY B 487 -20.18 26.34 -0.09
CA GLY B 487 -19.72 26.22 -1.44
C GLY B 487 -19.47 27.37 -2.39
N PRO B 488 -20.47 28.19 -2.77
CA PRO B 488 -20.28 29.31 -3.72
C PRO B 488 -18.88 29.93 -3.65
N SER B 489 -18.05 29.57 -4.62
CA SER B 489 -16.66 30.05 -4.68
C SER B 489 -16.51 31.55 -4.67
N LYS B 490 -17.55 32.26 -5.10
CA LYS B 490 -17.57 33.72 -5.12
C LYS B 490 -17.49 34.27 -3.70
N MET B 491 -18.15 33.58 -2.75
CA MET B 491 -18.15 34.01 -1.36
C MET B 491 -17.45 33.05 -0.40
N CYS B 492 -17.38 31.77 -0.75
CA CYS B 492 -16.75 30.76 0.10
C CYS B 492 -15.46 30.14 -0.44
N ASP B 493 -14.40 30.22 0.34
CA ASP B 493 -13.13 29.64 -0.08
C ASP B 493 -12.26 29.33 1.15
N ILE B 494 -11.53 28.23 1.07
CA ILE B 494 -10.63 27.82 2.15
C ILE B 494 -9.21 28.13 1.64
N LEU B 495 -8.58 29.11 2.27
CA LEU B 495 -7.22 29.52 1.91
C LEU B 495 -7.08 29.81 0.42
N GLY B 496 -8.13 30.42 -0.15
CA GLY B 496 -8.12 30.76 -1.57
C GLY B 496 -8.70 29.71 -2.50
N VAL B 497 -9.00 28.52 -1.99
CA VAL B 497 -9.57 27.48 -2.82
C VAL B 497 -11.09 27.52 -2.76
N GLY B 498 -11.73 27.71 -3.92
CA GLY B 498 -13.18 27.75 -3.97
C GLY B 498 -13.78 26.53 -3.29
N MET B 499 -14.89 26.70 -2.57
CA MET B 499 -15.52 25.59 -1.87
C MET B 499 -16.44 24.70 -2.70
N PHE B 500 -15.85 24.14 -3.74
CA PHE B 500 -16.52 23.24 -4.65
C PHE B 500 -16.19 21.83 -4.16
N ASP B 501 -16.55 20.84 -4.97
CA ASP B 501 -16.19 19.47 -4.70
C ASP B 501 -16.36 18.67 -5.96
N SER B 502 -15.81 17.46 -5.99
CA SER B 502 -15.84 16.69 -7.20
C SER B 502 -16.12 15.22 -7.08
N CYS B 503 -16.28 14.59 -8.23
CA CYS B 503 -16.53 13.16 -8.33
C CYS B 503 -16.12 12.63 -9.69
N GLU B 504 -15.34 11.55 -9.65
CA GLU B 504 -14.91 10.88 -10.87
C GLU B 504 -15.49 9.49 -10.80
N ILE B 505 -16.25 9.13 -11.82
CA ILE B 505 -16.85 7.80 -11.91
C ILE B 505 -16.33 7.15 -13.18
N ARG B 506 -15.96 5.88 -13.08
CA ARG B 506 -15.45 5.14 -14.22
C ARG B 506 -16.13 3.79 -14.32
N ILE B 507 -16.84 3.58 -15.42
CA ILE B 507 -17.52 2.30 -15.64
C ILE B 507 -16.55 1.33 -16.33
N HIS B 508 -16.49 0.10 -15.82
CA HIS B 508 -15.62 -0.93 -16.36
C HIS B 508 -16.29 -1.70 -17.50
N PRO B 509 -15.50 -2.40 -18.33
CA PRO B 509 -16.01 -3.17 -19.47
C PRO B 509 -17.19 -4.11 -19.14
N THR B 510 -17.18 -4.69 -17.94
CA THR B 510 -18.24 -5.63 -17.55
C THR B 510 -19.44 -5.06 -16.79
N GLY B 511 -19.54 -3.74 -16.68
CA GLY B 511 -20.69 -3.16 -16.00
C GLY B 511 -20.55 -2.59 -14.60
N SER B 512 -19.57 -3.02 -13.83
CA SER B 512 -19.38 -2.49 -12.48
C SER B 512 -18.63 -1.15 -12.56
N ALA B 513 -18.42 -0.49 -11.42
CA ALA B 513 -17.74 0.80 -11.44
C ALA B 513 -16.97 1.19 -10.19
N ILE B 514 -16.09 2.17 -10.37
CA ILE B 514 -15.30 2.72 -9.28
C ILE B 514 -15.54 4.24 -9.28
N ALA B 515 -15.73 4.80 -8.10
CA ALA B 515 -15.99 6.23 -7.96
C ALA B 515 -15.19 6.85 -6.85
N ARG B 516 -14.67 8.04 -7.11
CA ARG B 516 -13.89 8.77 -6.11
C ARG B 516 -14.41 10.17 -6.01
N MET B 517 -14.40 10.70 -4.79
CA MET B 517 -14.88 12.06 -4.53
C MET B 517 -13.83 12.86 -3.77
N GLY B 518 -13.99 14.17 -3.75
CA GLY B 518 -13.06 15.04 -3.06
C GLY B 518 -13.36 15.19 -1.58
N THR B 519 -14.35 14.45 -1.11
CA THR B 519 -14.74 14.47 0.29
C THR B 519 -14.02 13.35 1.02
N ILE B 520 -14.38 13.13 2.29
CA ILE B 520 -13.79 12.09 3.12
C ILE B 520 -14.67 11.78 4.31
N THR B 521 -15.32 10.63 4.27
CA THR B 521 -16.21 10.22 5.34
C THR B 521 -15.40 9.91 6.61
N GLN B 522 -16.08 9.98 7.74
CA GLN B 522 -15.47 9.66 9.02
C GLN B 522 -16.46 8.77 9.76
N GLY B 523 -17.25 8.02 9.00
CA GLY B 523 -18.23 7.12 9.58
C GLY B 523 -19.66 7.44 9.22
N GLN B 524 -19.86 8.51 8.45
CA GLN B 524 -21.22 8.92 8.06
C GLN B 524 -21.83 8.10 6.93
N GLY B 525 -21.07 7.13 6.42
CA GLY B 525 -21.58 6.24 5.39
C GLY B 525 -21.47 6.56 3.92
N HIS B 526 -20.57 7.45 3.54
CA HIS B 526 -20.40 7.81 2.13
C HIS B 526 -20.24 6.61 1.18
N GLN B 527 -19.53 5.58 1.62
CA GLN B 527 -19.31 4.40 0.79
C GLN B 527 -20.59 3.66 0.44
N THR B 528 -21.63 3.91 1.23
CA THR B 528 -22.92 3.30 0.97
C THR B 528 -23.79 4.30 0.22
N THR B 529 -24.01 5.45 0.85
CA THR B 529 -24.86 6.49 0.28
C THR B 529 -24.44 6.99 -1.09
N TYR B 530 -23.14 7.29 -1.27
CA TYR B 530 -22.65 7.76 -2.56
C TYR B 530 -22.95 6.72 -3.63
N ALA B 531 -22.75 5.45 -3.30
CA ALA B 531 -23.03 4.37 -4.23
C ALA B 531 -24.52 4.35 -4.61
N GLN B 532 -25.38 4.65 -3.64
CA GLN B 532 -26.82 4.68 -3.91
C GLN B 532 -27.20 5.76 -4.92
N ILE B 533 -26.55 6.92 -4.83
CA ILE B 533 -26.83 8.02 -5.76
C ILE B 533 -26.53 7.61 -7.20
N ILE B 534 -25.36 7.01 -7.39
CA ILE B 534 -24.92 6.57 -8.71
C ILE B 534 -25.76 5.38 -9.21
N ALA B 535 -26.16 4.51 -8.29
CA ALA B 535 -26.97 3.35 -8.64
C ALA B 535 -28.21 3.77 -9.40
N THR B 536 -28.94 4.73 -8.85
CA THR B 536 -30.15 5.23 -9.47
C THR B 536 -29.89 5.99 -10.77
N GLU B 537 -28.79 6.73 -10.81
CA GLU B 537 -28.44 7.50 -11.99
C GLU B 537 -28.00 6.64 -13.17
N LEU B 538 -27.45 5.47 -12.90
CA LEU B 538 -26.93 4.64 -13.98
C LEU B 538 -27.48 3.24 -14.12
N GLY B 539 -28.37 2.84 -13.22
CA GLY B 539 -28.92 1.51 -13.31
C GLY B 539 -27.89 0.42 -13.03
N ILE B 540 -26.92 0.72 -12.17
CA ILE B 540 -25.87 -0.23 -11.78
C ILE B 540 -26.09 -0.47 -10.31
N PRO B 541 -26.24 -1.73 -9.88
CA PRO B 541 -26.47 -1.97 -8.44
C PRO B 541 -25.40 -1.35 -7.55
N SER B 542 -25.86 -0.64 -6.52
CA SER B 542 -24.98 0.03 -5.57
C SER B 542 -23.89 -0.86 -4.99
N GLU B 543 -24.18 -2.15 -4.88
CA GLU B 543 -23.23 -3.11 -4.34
C GLU B 543 -21.90 -3.21 -5.08
N VAL B 544 -21.92 -3.02 -6.40
CA VAL B 544 -20.70 -3.10 -7.20
C VAL B 544 -20.12 -1.76 -7.64
N ILE B 545 -20.64 -0.68 -7.06
CA ILE B 545 -20.12 0.66 -7.35
C ILE B 545 -19.22 0.92 -6.14
N GLN B 546 -17.93 0.68 -6.32
CA GLN B 546 -16.95 0.84 -5.25
C GLN B 546 -16.49 2.28 -5.11
N VAL B 547 -16.78 2.90 -3.96
CA VAL B 547 -16.37 4.27 -3.72
C VAL B 547 -15.20 4.40 -2.74
N GLU B 548 -14.33 5.37 -3.04
CA GLU B 548 -13.14 5.66 -2.24
C GLU B 548 -12.98 7.17 -2.10
N GLU B 549 -12.39 7.60 -1.00
CA GLU B 549 -12.12 9.01 -0.73
C GLU B 549 -10.82 9.07 0.05
N GLY B 550 -10.35 10.28 0.32
CA GLY B 550 -9.16 10.47 1.14
C GLY B 550 -7.74 10.34 0.63
N ASP B 551 -7.54 9.75 -0.52
CA ASP B 551 -6.19 9.61 -1.06
C ASP B 551 -5.98 10.71 -2.13
N THR B 552 -5.22 11.74 -1.77
CA THR B 552 -4.99 12.86 -2.69
C THR B 552 -4.32 12.47 -3.99
N SER B 553 -3.71 11.30 -4.02
CA SER B 553 -3.02 10.83 -5.21
C SER B 553 -3.94 10.07 -6.19
N THR B 554 -5.15 9.75 -5.75
CA THR B 554 -6.10 9.02 -6.59
C THR B 554 -7.43 9.75 -6.75
N ALA B 555 -7.91 10.38 -5.67
CA ALA B 555 -9.19 11.07 -5.69
C ALA B 555 -9.15 12.47 -6.29
N PRO B 556 -10.28 12.90 -6.88
CA PRO B 556 -10.33 14.24 -7.48
C PRO B 556 -10.28 15.27 -6.36
N TYR B 557 -9.74 16.45 -6.66
CA TYR B 557 -9.61 17.49 -5.66
C TYR B 557 -10.97 17.92 -5.11
N GLY B 558 -11.03 18.05 -3.78
CA GLY B 558 -12.24 18.47 -3.11
C GLY B 558 -11.86 19.21 -1.86
N LEU B 559 -12.86 19.70 -1.13
CA LEU B 559 -12.60 20.45 0.10
C LEU B 559 -12.86 19.64 1.37
N GLY B 560 -13.07 18.33 1.21
CA GLY B 560 -13.31 17.47 2.36
C GLY B 560 -14.72 17.53 2.89
N THR B 561 -14.95 16.95 4.08
CA THR B 561 -16.28 16.98 4.68
C THR B 561 -16.35 17.46 6.12
N TYR B 562 -17.22 18.45 6.31
CA TYR B 562 -17.52 19.11 7.58
C TYR B 562 -18.68 20.05 7.26
N GLY B 563 -19.37 20.53 8.28
CA GLY B 563 -20.49 21.42 8.05
C GLY B 563 -21.59 20.81 7.16
N SER B 564 -21.70 19.49 7.18
CA SER B 564 -22.70 18.77 6.37
C SER B 564 -22.71 19.20 4.90
N ARG B 565 -21.52 19.42 4.35
CA ARG B 565 -21.39 19.87 2.97
C ARG B 565 -21.38 18.74 1.95
N SER B 566 -21.10 17.53 2.40
CA SER B 566 -21.01 16.38 1.49
C SER B 566 -22.19 16.14 0.56
N THR B 567 -23.37 15.88 1.12
CA THR B 567 -24.54 15.65 0.29
C THR B 567 -24.84 16.86 -0.60
N PRO B 568 -24.80 18.08 -0.04
CA PRO B 568 -25.08 19.24 -0.87
C PRO B 568 -24.10 19.42 -2.04
N VAL B 569 -22.81 19.49 -1.75
CA VAL B 569 -21.79 19.70 -2.78
C VAL B 569 -21.33 18.47 -3.55
N ALA B 570 -20.82 17.45 -2.86
CA ALA B 570 -20.37 16.25 -3.54
C ALA B 570 -21.54 15.49 -4.14
N GLY B 571 -22.66 15.45 -3.40
CA GLY B 571 -23.85 14.78 -3.88
C GLY B 571 -24.27 15.29 -5.26
N ALA B 572 -24.09 16.58 -5.48
CA ALA B 572 -24.44 17.21 -6.75
C ALA B 572 -23.42 16.83 -7.82
N ALA B 573 -22.14 16.85 -7.47
CA ALA B 573 -21.07 16.49 -8.39
C ALA B 573 -21.20 15.03 -8.83
N ILE B 574 -21.61 14.17 -7.90
CA ILE B 574 -21.80 12.75 -8.17
C ILE B 574 -22.91 12.56 -9.20
N ALA B 575 -24.04 13.21 -8.97
CA ALA B 575 -25.17 13.13 -9.88
C ALA B 575 -24.81 13.67 -11.27
N LEU B 576 -24.15 14.83 -11.29
CA LEU B 576 -23.76 15.46 -12.55
C LEU B 576 -22.72 14.64 -13.32
N ALA B 577 -21.74 14.09 -12.62
CA ALA B 577 -20.73 13.26 -13.29
C ALA B 577 -21.43 12.00 -13.82
N ALA B 578 -22.36 11.46 -13.05
CA ALA B 578 -23.12 10.27 -13.46
C ALA B 578 -23.95 10.59 -14.69
N ARG B 579 -24.60 11.76 -14.66
CA ARG B 579 -25.44 12.19 -15.77
C ARG B 579 -24.64 12.45 -17.05
N LYS B 580 -23.34 12.74 -16.93
CA LYS B 580 -22.51 12.94 -18.13
C LYS B 580 -22.33 11.58 -18.78
N ILE B 581 -22.16 10.55 -17.94
CA ILE B 581 -21.99 9.17 -18.37
C ILE B 581 -23.29 8.65 -19.00
N HIS B 582 -24.43 9.01 -18.39
CA HIS B 582 -25.74 8.59 -18.88
C HIS B 582 -26.02 9.19 -20.26
N ALA B 583 -25.56 10.42 -20.50
CA ALA B 583 -25.77 11.09 -21.78
C ALA B 583 -24.97 10.39 -22.89
N LYS B 584 -23.74 10.00 -22.57
CA LYS B 584 -22.90 9.32 -23.54
C LYS B 584 -23.49 7.93 -23.77
N ALA B 585 -23.98 7.30 -22.70
CA ALA B 585 -24.56 5.98 -22.79
C ALA B 585 -25.79 5.97 -23.70
N ARG B 586 -26.55 7.06 -23.67
CA ARG B 586 -27.75 7.20 -24.50
C ARG B 586 -27.32 7.26 -25.96
N LYS B 587 -26.26 8.03 -26.20
CA LYS B 587 -25.66 8.22 -27.51
C LYS B 587 -25.17 6.87 -28.05
N ILE B 588 -24.57 6.06 -27.17
CA ILE B 588 -24.08 4.74 -27.55
C ILE B 588 -25.24 3.79 -27.79
N ALA B 589 -26.25 3.86 -26.92
CA ALA B 589 -27.43 3.00 -27.06
C ALA B 589 -28.15 3.27 -28.39
N ALA B 590 -28.13 4.53 -28.82
CA ALA B 590 -28.77 4.92 -30.08
C ALA B 590 -28.07 4.26 -31.27
N HIS B 591 -26.75 4.23 -31.23
CA HIS B 591 -25.95 3.62 -32.29
C HIS B 591 -26.21 2.11 -32.36
N MET B 592 -26.23 1.47 -31.19
CA MET B 592 -26.46 0.05 -31.11
C MET B 592 -27.84 -0.35 -31.61
N LEU B 593 -28.85 0.39 -31.19
CA LEU B 593 -30.25 0.12 -31.57
C LEU B 593 -30.66 0.71 -32.91
N GLU B 594 -29.70 1.35 -33.59
CA GLU B 594 -29.92 1.97 -34.90
C GLU B 594 -31.09 2.95 -34.95
N VAL B 595 -31.29 3.69 -33.87
CA VAL B 595 -32.36 4.69 -33.78
C VAL B 595 -31.74 6.01 -33.32
N ASN B 596 -32.54 7.05 -33.25
CA ASN B 596 -32.06 8.35 -32.78
C ASN B 596 -32.27 8.39 -31.27
N GLU B 597 -31.46 9.20 -30.58
CA GLU B 597 -31.54 9.33 -29.12
C GLU B 597 -32.95 9.66 -28.62
N ASN B 598 -33.58 10.65 -29.27
CA ASN B 598 -34.92 11.10 -28.90
C ASN B 598 -35.98 9.99 -28.99
N ASP B 599 -35.64 8.88 -29.65
CA ASP B 599 -36.56 7.76 -29.77
C ASP B 599 -36.34 6.75 -28.67
N LEU B 600 -35.56 7.14 -27.65
CA LEU B 600 -35.26 6.25 -26.53
C LEU B 600 -35.85 6.67 -25.19
N ASP B 601 -36.09 5.67 -24.35
CA ASP B 601 -36.63 5.85 -23.00
C ASP B 601 -35.77 5.12 -21.98
N TRP B 602 -35.37 5.81 -20.92
CA TRP B 602 -34.60 5.19 -19.86
C TRP B 602 -35.58 4.61 -18.87
N GLU B 603 -35.44 3.31 -18.58
CA GLU B 603 -36.34 2.67 -17.64
C GLU B 603 -35.53 1.87 -16.62
N VAL B 604 -35.10 2.57 -15.56
CA VAL B 604 -34.34 1.96 -14.47
C VAL B 604 -32.89 1.57 -14.77
N ASP B 605 -32.69 0.63 -15.67
CA ASP B 605 -31.33 0.18 -15.99
C ASP B 605 -31.10 -0.13 -17.46
N ARG B 606 -31.93 0.44 -18.32
CA ARG B 606 -31.81 0.19 -19.74
C ARG B 606 -32.44 1.29 -20.58
N PHE B 607 -31.99 1.39 -21.83
CA PHE B 607 -32.54 2.34 -22.76
C PHE B 607 -33.39 1.49 -23.67
N LYS B 608 -34.68 1.80 -23.77
CA LYS B 608 -35.58 1.04 -24.63
C LYS B 608 -36.20 1.97 -25.66
N VAL B 609 -36.42 1.43 -26.86
CA VAL B 609 -37.02 2.19 -27.96
C VAL B 609 -38.51 2.44 -27.69
N LYS B 610 -38.93 3.69 -27.86
CA LYS B 610 -40.31 4.08 -27.65
C LYS B 610 -41.27 3.25 -28.51
N GLY B 611 -42.16 2.53 -27.83
CA GLY B 611 -43.13 1.68 -28.51
C GLY B 611 -42.77 0.20 -28.42
N ASP B 612 -41.62 -0.15 -29.02
CA ASP B 612 -41.14 -1.53 -29.03
C ASP B 612 -40.26 -1.84 -27.80
N ASP B 613 -40.84 -2.54 -26.83
CA ASP B 613 -40.14 -2.90 -25.60
C ASP B 613 -39.06 -3.97 -25.74
N SER B 614 -39.25 -4.90 -26.68
CA SER B 614 -38.29 -5.98 -26.88
C SER B 614 -36.89 -5.48 -27.31
N LYS B 615 -36.87 -4.30 -27.93
CA LYS B 615 -35.61 -3.70 -28.38
C LYS B 615 -35.05 -2.75 -27.31
N PHE B 616 -33.95 -3.17 -26.68
CA PHE B 616 -33.31 -2.37 -25.63
C PHE B 616 -31.84 -2.74 -25.42
N LYS B 617 -31.14 -1.89 -24.66
CA LYS B 617 -29.73 -2.10 -24.34
C LYS B 617 -29.45 -1.66 -22.90
N THR B 618 -29.03 -2.61 -22.07
CA THR B 618 -28.72 -2.36 -20.67
C THR B 618 -27.44 -1.56 -20.54
N MET B 619 -27.17 -1.10 -19.32
CA MET B 619 -25.94 -0.34 -19.05
C MET B 619 -24.74 -1.27 -19.23
N ALA B 620 -24.96 -2.56 -18.97
CA ALA B 620 -23.90 -3.55 -19.13
C ALA B 620 -23.59 -3.65 -20.62
N ASP B 621 -24.64 -3.74 -21.44
CA ASP B 621 -24.48 -3.81 -22.89
C ASP B 621 -23.74 -2.57 -23.43
N ILE B 622 -24.12 -1.40 -22.92
CA ILE B 622 -23.53 -0.13 -23.34
C ILE B 622 -22.07 -0.01 -22.92
N ALA B 623 -21.78 -0.45 -21.70
CA ALA B 623 -20.42 -0.41 -21.15
C ALA B 623 -19.48 -1.21 -22.05
N TRP B 624 -19.88 -2.45 -22.35
CA TRP B 624 -19.07 -3.31 -23.19
C TRP B 624 -18.80 -2.66 -24.55
N GLN B 625 -19.84 -2.14 -25.17
CA GLN B 625 -19.73 -1.49 -26.48
C GLN B 625 -18.72 -0.33 -26.45
N ALA B 626 -18.67 0.38 -25.33
CA ALA B 626 -17.76 1.51 -25.16
C ALA B 626 -16.28 1.09 -25.24
N TYR B 627 -16.01 -0.14 -24.83
CA TYR B 627 -14.65 -0.68 -24.84
C TYR B 627 -14.36 -1.49 -26.07
N HIS B 628 -15.42 -2.03 -26.68
CA HIS B 628 -15.29 -2.85 -27.87
C HIS B 628 -14.98 -2.00 -29.10
N GLN B 629 -15.93 -1.17 -29.51
CA GLN B 629 -15.76 -0.28 -30.64
C GLN B 629 -16.67 0.90 -30.43
N PRO B 630 -16.10 2.08 -30.14
CA PRO B 630 -16.87 3.28 -29.92
C PRO B 630 -17.56 3.77 -31.20
N PRO B 631 -18.82 4.21 -31.09
CA PRO B 631 -19.56 4.71 -32.26
C PRO B 631 -18.77 5.89 -32.80
N ALA B 632 -18.76 6.06 -34.12
CA ALA B 632 -18.03 7.16 -34.74
C ALA B 632 -18.25 8.48 -34.01
N GLY B 633 -17.17 9.21 -33.78
CA GLY B 633 -17.27 10.50 -33.10
C GLY B 633 -16.99 10.45 -31.61
N LEU B 634 -17.16 9.27 -31.01
CA LEU B 634 -16.93 9.08 -29.58
C LEU B 634 -15.61 8.38 -29.28
N GLU B 635 -15.01 8.72 -28.14
CA GLU B 635 -13.77 8.11 -27.69
C GLU B 635 -14.18 6.83 -26.94
N PRO B 636 -13.31 5.80 -26.93
CA PRO B 636 -13.64 4.56 -26.23
C PRO B 636 -13.80 4.88 -24.73
N GLY B 637 -14.36 3.94 -23.97
CA GLY B 637 -14.53 4.16 -22.55
C GLY B 637 -15.87 4.76 -22.15
N LEU B 638 -16.14 4.72 -20.86
CA LEU B 638 -17.39 5.23 -20.29
C LEU B 638 -17.08 5.74 -18.89
N GLU B 639 -16.70 7.00 -18.79
CA GLU B 639 -16.37 7.61 -17.51
C GLU B 639 -16.53 9.13 -17.54
N ALA B 640 -16.63 9.74 -16.37
CA ALA B 640 -16.79 11.19 -16.29
C ALA B 640 -16.23 11.78 -15.00
N VAL B 641 -15.95 13.08 -15.06
CA VAL B 641 -15.44 13.84 -13.93
C VAL B 641 -16.29 15.10 -13.82
N HIS B 642 -16.51 15.57 -12.60
CA HIS B 642 -17.30 16.79 -12.42
C HIS B 642 -16.94 17.52 -11.14
N TYR B 643 -16.65 18.81 -11.29
CA TYR B 643 -16.34 19.68 -10.17
C TYR B 643 -17.53 20.62 -10.05
N TYR B 644 -18.24 20.52 -8.94
CA TYR B 644 -19.44 21.32 -8.71
C TYR B 644 -19.27 22.54 -7.84
N ASP B 645 -19.48 23.70 -8.43
CA ASP B 645 -19.42 24.98 -7.73
C ASP B 645 -20.90 25.25 -7.47
N PRO B 646 -21.37 24.98 -6.25
CA PRO B 646 -22.76 25.18 -5.88
C PRO B 646 -23.25 26.60 -6.03
N PRO B 647 -24.49 26.77 -6.55
CA PRO B 647 -25.13 28.07 -6.77
C PRO B 647 -25.65 28.71 -5.48
N ASN B 648 -25.85 27.88 -4.46
CA ASN B 648 -26.39 28.34 -3.19
C ASN B 648 -26.21 27.23 -2.16
N PHE B 649 -26.49 27.56 -0.90
CA PHE B 649 -26.42 26.59 0.17
C PHE B 649 -27.72 25.82 0.14
N THR B 650 -27.82 24.87 1.05
CA THR B 650 -28.98 24.05 1.21
C THR B 650 -29.55 24.43 2.58
N TYR B 651 -30.88 24.48 2.71
CA TYR B 651 -31.46 24.88 3.99
C TYR B 651 -32.42 23.87 4.62
N PRO B 652 -31.88 22.78 5.19
CA PRO B 652 -32.77 21.79 5.80
C PRO B 652 -33.32 22.38 7.08
N PHE B 653 -34.49 21.92 7.48
CA PHE B 653 -35.09 22.45 8.69
C PHE B 653 -35.49 21.37 9.66
N GLY B 654 -35.86 21.81 10.86
CA GLY B 654 -36.29 20.87 11.88
C GLY B 654 -37.19 21.48 12.92
N ILE B 655 -37.90 20.61 13.62
CA ILE B 655 -38.81 20.99 14.67
C ILE B 655 -38.64 19.94 15.76
N TYR B 656 -37.99 20.34 16.85
CA TYR B 656 -37.71 19.44 17.97
C TYR B 656 -38.46 19.86 19.23
N LEU B 657 -38.96 18.87 19.95
CA LEU B 657 -39.68 19.13 21.20
C LEU B 657 -39.12 18.20 22.26
N CYS B 658 -38.93 18.73 23.47
CA CYS B 658 -38.42 17.94 24.59
C CYS B 658 -39.17 18.21 25.87
N VAL B 659 -39.49 17.14 26.60
CA VAL B 659 -40.18 17.27 27.88
C VAL B 659 -39.21 16.78 28.96
N VAL B 660 -39.04 17.60 29.99
CA VAL B 660 -38.15 17.25 31.11
C VAL B 660 -38.86 17.32 32.45
N ASP B 661 -38.34 16.56 33.41
CA ASP B 661 -38.86 16.57 34.77
C ASP B 661 -37.65 16.77 35.67
N ILE B 662 -37.67 17.89 36.40
CA ILE B 662 -36.58 18.26 37.30
C ILE B 662 -36.89 17.91 38.74
N ASP B 663 -35.99 17.17 39.36
CA ASP B 663 -36.13 16.77 40.76
C ASP B 663 -35.81 18.00 41.58
N ARG B 664 -36.81 18.53 42.26
CA ARG B 664 -36.65 19.74 43.07
C ARG B 664 -35.72 19.58 44.27
N ALA B 665 -35.52 18.35 44.71
CA ALA B 665 -34.66 18.09 45.86
C ALA B 665 -33.19 17.88 45.52
N THR B 666 -32.86 17.57 44.27
CA THR B 666 -31.46 17.32 43.90
C THR B 666 -30.96 18.09 42.69
N GLY B 667 -31.88 18.68 41.94
CA GLY B 667 -31.48 19.42 40.75
C GLY B 667 -31.29 18.54 39.53
N GLU B 668 -31.60 17.25 39.67
CA GLU B 668 -31.46 16.30 38.57
C GLU B 668 -32.54 16.49 37.52
N THR B 669 -32.12 16.48 36.25
CA THR B 669 -33.04 16.65 35.14
C THR B 669 -33.16 15.37 34.34
N LYS B 670 -34.38 14.87 34.24
CA LYS B 670 -34.65 13.65 33.49
C LYS B 670 -35.46 13.97 32.23
N VAL B 671 -34.88 13.68 31.08
CA VAL B 671 -35.55 13.89 29.82
C VAL B 671 -36.61 12.80 29.75
N ARG B 672 -37.88 13.20 29.82
CA ARG B 672 -38.97 12.24 29.77
C ARG B 672 -39.29 11.87 28.33
N ARG B 673 -39.05 12.82 27.44
CA ARG B 673 -39.36 12.59 26.04
C ARG B 673 -38.70 13.59 25.12
N PHE B 674 -38.34 13.14 23.92
CA PHE B 674 -37.72 13.99 22.92
C PHE B 674 -38.20 13.56 21.54
N TYR B 675 -38.80 14.51 20.83
CA TYR B 675 -39.33 14.24 19.50
C TYR B 675 -38.62 15.12 18.48
N ALA B 676 -37.94 14.47 17.53
CA ALA B 676 -37.19 15.20 16.52
C ALA B 676 -37.68 14.98 15.10
N LEU B 677 -38.07 16.08 14.45
CA LEU B 677 -38.54 16.01 13.08
C LEU B 677 -37.54 16.80 12.23
N ASP B 678 -36.97 16.13 11.23
CA ASP B 678 -36.01 16.77 10.33
C ASP B 678 -36.44 16.64 8.89
N ASP B 679 -36.21 17.69 8.10
CA ASP B 679 -36.54 17.68 6.68
C ASP B 679 -35.31 18.12 5.93
N CYS B 680 -34.63 17.15 5.31
CA CYS B 680 -33.43 17.38 4.55
C CYS B 680 -33.66 17.14 3.07
N GLY B 681 -34.89 17.37 2.62
CA GLY B 681 -35.22 17.16 1.22
C GLY B 681 -35.18 15.70 0.85
N THR B 682 -34.78 15.41 -0.40
CA THR B 682 -34.70 14.04 -0.86
C THR B 682 -33.77 13.24 0.04
N ARG B 683 -34.25 12.08 0.49
CA ARG B 683 -33.49 11.20 1.37
C ARG B 683 -32.83 10.05 0.62
N ILE B 684 -31.51 9.93 0.78
CA ILE B 684 -30.76 8.88 0.12
C ILE B 684 -30.92 7.52 0.81
N ASN B 685 -30.69 7.49 2.12
CA ASN B 685 -30.81 6.27 2.91
C ASN B 685 -31.39 6.59 4.29
N PRO B 686 -32.69 6.33 4.48
CA PRO B 686 -33.39 6.57 5.74
C PRO B 686 -32.71 5.96 6.96
N MET B 687 -32.12 4.79 6.80
CA MET B 687 -31.44 4.12 7.89
C MET B 687 -30.23 4.93 8.33
N ILE B 688 -29.43 5.36 7.36
CA ILE B 688 -28.24 6.15 7.66
C ILE B 688 -28.61 7.51 8.23
N ILE B 689 -29.69 8.09 7.74
CA ILE B 689 -30.15 9.38 8.24
C ILE B 689 -30.53 9.25 9.72
N GLU B 690 -31.23 8.16 10.06
CA GLU B 690 -31.66 7.93 11.44
C GLU B 690 -30.47 7.85 12.40
N GLY B 691 -29.38 7.25 11.93
CA GLY B 691 -28.19 7.12 12.76
C GLY B 691 -27.55 8.46 13.06
N GLN B 692 -27.51 9.34 12.05
CA GLN B 692 -26.93 10.67 12.21
C GLN B 692 -27.72 11.49 13.23
N ILE B 693 -29.05 11.34 13.20
CA ILE B 693 -29.93 12.04 14.11
C ILE B 693 -29.68 11.57 15.54
N HIS B 694 -29.72 10.26 15.75
CA HIS B 694 -29.48 9.67 17.08
C HIS B 694 -28.16 10.19 17.66
N GLY B 695 -27.09 10.16 16.85
CA GLY B 695 -25.79 10.63 17.30
C GLY B 695 -25.76 12.12 17.63
N GLY B 696 -26.30 12.93 16.72
CA GLY B 696 -26.31 14.37 16.92
C GLY B 696 -27.14 14.81 18.12
N LEU B 697 -28.28 14.17 18.34
CA LEU B 697 -29.14 14.51 19.47
C LEU B 697 -28.38 14.19 20.75
N THR B 698 -27.62 13.09 20.71
CA THR B 698 -26.83 12.66 21.85
C THR B 698 -25.75 13.69 22.15
N GLU B 699 -25.12 14.25 21.10
CA GLU B 699 -24.10 15.27 21.30
C GLU B 699 -24.79 16.48 21.91
N GLY B 700 -26.02 16.73 21.46
CA GLY B 700 -26.80 17.85 21.96
C GLY B 700 -27.06 17.72 23.45
N TYR B 701 -27.43 16.50 23.86
CA TYR B 701 -27.70 16.21 25.26
C TYR B 701 -26.44 16.38 26.08
N ALA B 702 -25.32 15.88 25.54
CA ALA B 702 -24.05 15.99 26.22
C ALA B 702 -23.66 17.44 26.44
N VAL B 703 -23.83 18.28 25.42
CA VAL B 703 -23.46 19.68 25.51
C VAL B 703 -24.36 20.49 26.43
N ALA B 704 -25.67 20.36 26.23
CA ALA B 704 -26.61 21.11 27.05
C ALA B 704 -26.68 20.67 28.51
N MET B 705 -26.61 19.37 28.77
CA MET B 705 -26.73 18.86 30.12
C MET B 705 -25.45 18.57 30.88
N GLY B 706 -24.30 18.56 30.22
CA GLY B 706 -23.09 18.25 30.96
C GLY B 706 -21.75 18.81 30.54
N GLN B 707 -21.52 18.96 29.25
CA GLN B 707 -20.22 19.43 28.77
C GLN B 707 -19.83 20.86 29.06
N GLN B 708 -18.55 21.04 29.42
CA GLN B 708 -17.96 22.34 29.70
C GLN B 708 -16.45 22.18 29.87
N MET B 709 -15.73 23.29 29.69
CA MET B 709 -14.27 23.29 29.82
C MET B 709 -13.88 24.48 30.68
N PRO B 710 -14.00 24.35 32.00
CA PRO B 710 -13.64 25.44 32.92
C PRO B 710 -12.15 25.66 33.15
N PHE B 711 -11.78 26.92 33.35
CA PHE B 711 -10.39 27.32 33.60
C PHE B 711 -10.34 28.01 34.94
N ASP B 712 -9.32 27.71 35.75
CA ASP B 712 -9.17 28.38 37.04
C ASP B 712 -8.48 29.73 36.83
N ALA B 713 -8.37 30.52 37.89
CA ALA B 713 -7.76 31.86 37.83
C ALA B 713 -6.36 31.88 37.20
N GLN B 714 -5.63 30.77 37.32
CA GLN B 714 -4.28 30.68 36.77
C GLN B 714 -4.24 30.16 35.34
N GLY B 715 -5.41 29.96 34.75
CA GLY B 715 -5.47 29.49 33.37
C GLY B 715 -5.27 28.01 33.14
N ASN B 716 -5.38 27.21 34.20
CA ASN B 716 -5.24 25.76 34.07
C ASN B 716 -6.58 25.18 33.63
N LEU B 717 -6.54 24.31 32.64
CA LEU B 717 -7.74 23.66 32.13
C LEU B 717 -8.18 22.61 33.15
N LEU B 718 -9.44 22.66 33.56
CA LEU B 718 -9.98 21.70 34.52
C LEU B 718 -10.92 20.72 33.81
N GLY B 719 -10.93 19.47 34.27
CA GLY B 719 -11.80 18.46 33.68
C GLY B 719 -11.52 18.17 32.22
N ASN B 720 -10.24 18.02 31.87
CA ASN B 720 -9.84 17.74 30.50
C ASN B 720 -9.64 16.26 30.14
N THR B 721 -10.17 15.38 30.99
CA THR B 721 -10.11 13.93 30.75
C THR B 721 -11.53 13.38 30.94
N LEU B 722 -11.73 12.10 30.64
CA LEU B 722 -13.06 11.51 30.79
C LEU B 722 -13.49 11.38 32.25
N MET B 723 -12.59 11.76 33.16
CA MET B 723 -12.86 11.74 34.59
C MET B 723 -13.98 12.73 34.89
N ASP B 724 -13.94 13.88 34.23
CA ASP B 724 -14.95 14.90 34.45
C ASP B 724 -15.65 15.36 33.17
N TYR B 725 -14.94 15.35 32.04
CA TYR B 725 -15.55 15.77 30.77
C TYR B 725 -16.70 14.83 30.44
N PHE B 726 -17.92 15.36 30.46
CA PHE B 726 -19.13 14.59 30.22
C PHE B 726 -19.33 13.95 28.84
N LEU B 727 -19.58 12.64 28.85
CA LEU B 727 -19.87 11.85 27.67
C LEU B 727 -20.93 10.82 28.09
N PRO B 728 -22.17 10.99 27.64
CA PRO B 728 -23.26 10.07 28.01
C PRO B 728 -23.06 8.60 27.61
N THR B 729 -23.53 7.70 28.47
CA THR B 729 -23.46 6.27 28.19
C THR B 729 -24.86 5.88 27.75
N ALA B 730 -25.06 4.60 27.48
CA ALA B 730 -26.37 4.11 27.06
C ALA B 730 -27.44 4.40 28.12
N VAL B 731 -27.03 4.50 29.38
CA VAL B 731 -27.97 4.76 30.46
C VAL B 731 -28.46 6.21 30.50
N GLU B 732 -27.57 7.18 30.32
CA GLU B 732 -27.96 8.59 30.34
C GLU B 732 -28.63 9.06 29.06
N THR B 733 -28.34 8.37 27.96
CA THR B 733 -28.91 8.73 26.67
C THR B 733 -30.35 8.28 26.55
N PRO B 734 -31.26 9.23 26.30
CA PRO B 734 -32.68 8.90 26.16
C PRO B 734 -33.05 8.27 24.82
N HIS B 735 -34.24 7.67 24.79
CA HIS B 735 -34.74 7.08 23.56
C HIS B 735 -35.24 8.23 22.68
N TRP B 736 -34.70 8.34 21.47
CA TRP B 736 -35.10 9.40 20.56
C TRP B 736 -36.24 9.00 19.64
N GLU B 737 -37.21 9.89 19.48
CA GLU B 737 -38.32 9.64 18.57
C GLU B 737 -38.06 10.54 17.36
N THR B 738 -38.07 9.95 16.18
CA THR B 738 -37.82 10.72 14.97
C THR B 738 -38.98 10.70 13.99
N ASP B 739 -39.10 11.81 13.26
CA ASP B 739 -40.14 12.02 12.25
C ASP B 739 -39.50 12.88 11.16
N HIS B 740 -40.21 13.10 10.06
CA HIS B 740 -39.68 13.90 8.98
C HIS B 740 -40.75 14.28 7.96
N THR B 741 -40.36 15.20 7.08
CA THR B 741 -41.16 15.65 5.95
C THR B 741 -40.13 15.80 4.83
N VAL B 742 -40.59 15.93 3.59
CA VAL B 742 -39.67 16.06 2.46
C VAL B 742 -39.93 17.31 1.63
N THR B 743 -39.05 18.29 1.75
CA THR B 743 -39.14 19.54 1.01
C THR B 743 -37.79 19.67 0.31
N PRO B 744 -37.69 19.12 -0.90
CA PRO B 744 -36.49 19.10 -1.75
C PRO B 744 -35.89 20.46 -2.04
N SER B 745 -34.57 20.48 -2.20
CA SER B 745 -33.88 21.70 -2.56
C SER B 745 -34.05 21.80 -4.07
N PRO B 746 -34.73 22.86 -4.55
CA PRO B 746 -34.96 23.06 -5.99
C PRO B 746 -33.70 23.12 -6.85
N HIS B 747 -32.66 23.78 -6.36
CA HIS B 747 -31.42 23.93 -7.10
C HIS B 747 -30.48 22.71 -7.11
N HIS B 748 -30.68 21.79 -6.17
CA HIS B 748 -29.83 20.60 -6.08
C HIS B 748 -30.21 19.56 -7.13
N PRO B 749 -29.20 18.95 -7.79
CA PRO B 749 -29.42 17.93 -8.82
C PRO B 749 -30.37 16.81 -8.39
N ILE B 750 -30.35 16.43 -7.12
CA ILE B 750 -31.26 15.37 -6.65
C ILE B 750 -32.16 15.84 -5.51
N GLY B 751 -32.19 17.16 -5.29
CA GLY B 751 -33.03 17.73 -4.24
C GLY B 751 -32.67 17.36 -2.80
N ALA B 752 -31.49 16.80 -2.60
CA ALA B 752 -31.06 16.38 -1.27
C ALA B 752 -30.31 17.46 -0.52
N LYS B 753 -30.59 17.58 0.78
CA LYS B 753 -29.93 18.56 1.63
C LYS B 753 -29.12 17.82 2.69
N GLY B 754 -28.12 18.49 3.26
CA GLY B 754 -27.32 17.88 4.31
C GLY B 754 -28.20 17.65 5.52
N VAL B 755 -27.80 16.80 6.46
CA VAL B 755 -28.64 16.53 7.63
C VAL B 755 -27.87 16.16 8.89
N ALA B 756 -26.63 15.71 8.74
CA ALA B 756 -25.82 15.29 9.88
C ALA B 756 -25.64 16.31 11.02
N GLU B 757 -25.54 17.58 10.69
CA GLU B 757 -25.34 18.59 11.72
C GLU B 757 -26.59 19.22 12.30
N SER B 758 -27.73 18.97 11.66
CA SER B 758 -29.02 19.50 12.12
C SER B 758 -29.39 19.05 13.52
N PRO B 759 -29.28 17.74 13.82
CA PRO B 759 -29.62 17.25 15.16
C PRO B 759 -28.81 17.88 16.28
N HIS B 760 -27.56 18.21 15.98
CA HIS B 760 -26.67 18.82 16.97
C HIS B 760 -27.10 20.25 17.22
N VAL B 761 -27.16 21.02 16.14
CA VAL B 761 -27.54 22.42 16.15
C VAL B 761 -28.89 22.66 16.82
N GLY B 762 -29.89 21.87 16.44
CA GLY B 762 -31.21 22.05 17.00
C GLY B 762 -31.48 21.54 18.39
N SER B 763 -30.88 20.41 18.75
CA SER B 763 -31.12 19.82 20.06
C SER B 763 -30.64 20.66 21.23
N ILE B 764 -29.47 21.30 21.10
CA ILE B 764 -28.92 22.09 22.20
C ILE B 764 -29.91 23.13 22.75
N PRO B 765 -30.47 23.99 21.89
CA PRO B 765 -31.43 24.98 22.39
C PRO B 765 -32.76 24.33 22.83
N THR B 766 -33.05 23.12 22.35
CA THR B 766 -34.28 22.44 22.74
C THR B 766 -34.16 22.03 24.21
N PHE B 767 -32.97 21.59 24.62
CA PHE B 767 -32.78 21.20 26.01
C PHE B 767 -32.87 22.42 26.94
N THR B 768 -32.23 23.51 26.56
CA THR B 768 -32.28 24.73 27.37
C THR B 768 -33.70 25.26 27.41
N ALA B 769 -34.42 25.14 26.30
CA ALA B 769 -35.80 25.61 26.22
C ALA B 769 -36.65 24.85 27.24
N ALA B 770 -36.36 23.55 27.37
CA ALA B 770 -37.10 22.70 28.30
C ALA B 770 -36.75 23.00 29.75
N VAL B 771 -35.47 23.27 30.02
CA VAL B 771 -35.03 23.56 31.38
C VAL B 771 -35.54 24.93 31.83
N VAL B 772 -35.41 25.93 30.96
CA VAL B 772 -35.89 27.27 31.29
C VAL B 772 -37.42 27.26 31.46
N ASP B 773 -38.12 26.60 30.54
CA ASP B 773 -39.57 26.52 30.60
C ASP B 773 -40.07 25.94 31.93
N ALA B 774 -39.25 25.11 32.56
CA ALA B 774 -39.62 24.51 33.84
C ALA B 774 -39.60 25.56 34.97
N PHE B 775 -38.80 26.60 34.78
CA PHE B 775 -38.69 27.70 35.75
C PHE B 775 -39.45 28.94 35.28
N ALA B 776 -39.99 28.90 34.06
CA ALA B 776 -40.71 30.04 33.48
C ALA B 776 -41.79 30.72 34.32
N HIS B 777 -42.62 29.93 35.00
CA HIS B 777 -43.69 30.47 35.82
C HIS B 777 -43.24 31.35 37.00
N VAL B 778 -41.97 31.24 37.40
CA VAL B 778 -41.46 32.10 38.47
C VAL B 778 -40.58 33.22 37.91
N GLY B 779 -40.77 33.52 36.62
CA GLY B 779 -40.04 34.61 35.99
C GLY B 779 -38.70 34.36 35.34
N VAL B 780 -38.21 33.12 35.35
CA VAL B 780 -36.93 32.81 34.73
C VAL B 780 -37.00 32.91 33.20
N THR B 781 -36.04 33.63 32.62
CA THR B 781 -35.99 33.82 31.17
C THR B 781 -34.87 33.02 30.52
N HIS B 782 -33.80 32.78 31.27
CA HIS B 782 -32.67 32.02 30.76
C HIS B 782 -31.77 31.48 31.85
N LEU B 783 -31.12 30.35 31.55
CA LEU B 783 -30.18 29.70 32.45
C LEU B 783 -29.05 29.20 31.54
N ASP B 784 -27.80 29.54 31.86
CA ASP B 784 -26.68 29.10 31.03
C ASP B 784 -26.35 27.63 31.19
N MET B 785 -25.88 27.03 30.10
CA MET B 785 -25.48 25.63 30.10
C MET B 785 -24.14 25.56 30.80
N PRO B 786 -23.74 24.36 31.27
CA PRO B 786 -24.50 23.11 31.18
C PRO B 786 -25.56 23.04 32.28
N HIS B 787 -26.62 22.30 32.01
CA HIS B 787 -27.68 22.15 32.99
C HIS B 787 -27.40 20.91 33.81
N THR B 788 -26.25 20.91 34.47
CA THR B 788 -25.89 19.78 35.32
C THR B 788 -26.75 19.90 36.58
N SER B 789 -26.86 18.81 37.34
CA SER B 789 -27.68 18.84 38.56
C SER B 789 -27.19 19.89 39.56
N TYR B 790 -25.89 20.08 39.58
CA TYR B 790 -25.26 21.05 40.46
C TYR B 790 -25.73 22.46 40.13
N ARG B 791 -25.72 22.80 38.85
CA ARG B 791 -26.13 24.12 38.40
C ARG B 791 -27.63 24.36 38.46
N VAL B 792 -28.42 23.33 38.19
CA VAL B 792 -29.87 23.47 38.23
C VAL B 792 -30.32 23.62 39.67
N TRP B 793 -29.65 22.92 40.60
CA TRP B 793 -29.99 23.02 42.00
C TRP B 793 -29.68 24.42 42.51
N LYS B 794 -28.57 24.97 42.02
CA LYS B 794 -28.13 26.32 42.39
C LYS B 794 -29.25 27.30 42.04
N SER B 795 -29.85 27.12 40.87
CA SER B 795 -30.95 27.96 40.39
C SER B 795 -32.26 27.64 41.12
N LEU B 796 -32.39 26.38 41.55
CA LEU B 796 -33.58 25.92 42.27
C LEU B 796 -33.66 26.64 43.63
N LYS B 797 -32.51 26.76 44.28
CA LYS B 797 -32.45 27.42 45.58
C LYS B 797 -32.65 28.92 45.43
N GLU B 798 -32.12 29.50 44.35
CA GLU B 798 -32.24 30.93 44.09
C GLU B 798 -33.67 31.39 43.87
N HIS B 799 -34.46 30.55 43.20
CA HIS B 799 -35.85 30.89 42.92
C HIS B 799 -36.82 30.18 43.85
N ASN B 800 -36.31 29.80 45.02
CA ASN B 800 -37.08 29.14 46.08
C ASN B 800 -37.88 27.91 45.68
N LEU B 801 -37.34 27.11 44.76
CA LEU B 801 -38.04 25.91 44.32
C LEU B 801 -37.37 24.63 44.81
N ALA B 802 -36.28 24.77 45.58
CA ALA B 802 -35.57 23.61 46.12
C ALA B 802 -36.42 22.88 47.17
N LEU B 803 -36.52 21.56 47.04
CA LEU B 803 -37.31 20.72 47.94
C LEU B 803 -38.81 21.02 47.84
N MET C 1 -0.92 7.93 29.70
CA MET C 1 -1.24 6.60 29.20
C MET C 1 -0.10 5.63 29.49
N ILE C 2 1.12 6.09 29.26
CA ILE C 2 2.30 5.26 29.45
C ILE C 2 2.85 5.28 30.88
N PRO C 3 2.72 4.15 31.60
CA PRO C 3 3.20 4.05 32.97
C PRO C 3 4.72 3.94 33.00
N PRO C 4 5.36 4.37 34.09
CA PRO C 4 6.82 4.28 34.19
C PRO C 4 7.26 2.82 34.35
N ARG C 5 8.55 2.58 34.15
CA ARG C 5 9.10 1.23 34.29
C ARG C 5 9.09 0.77 35.73
N PHE C 6 8.84 -0.52 35.92
CA PHE C 6 8.82 -1.11 37.25
C PHE C 6 9.10 -2.58 37.14
N GLU C 7 9.55 -3.17 38.25
CA GLU C 7 9.81 -4.60 38.27
C GLU C 7 8.52 -5.28 38.75
N TYR C 8 8.26 -6.46 38.20
CA TYR C 8 7.05 -7.21 38.53
C TYR C 8 7.32 -8.47 39.34
N HIS C 9 6.42 -8.77 40.26
CA HIS C 9 6.53 -9.96 41.11
C HIS C 9 5.12 -10.57 41.22
N ALA C 10 5.05 -11.89 41.24
CA ALA C 10 3.75 -12.56 41.34
C ALA C 10 3.74 -13.73 42.34
N PRO C 11 3.74 -13.40 43.63
CA PRO C 11 3.74 -14.42 44.70
C PRO C 11 2.47 -15.27 44.70
N LYS C 12 2.57 -16.48 45.24
CA LYS C 12 1.43 -17.39 45.30
C LYS C 12 0.90 -17.56 46.73
N SER C 13 1.48 -16.82 47.66
CA SER C 13 1.04 -16.90 49.05
C SER C 13 1.09 -15.53 49.71
N VAL C 14 0.26 -15.35 50.74
CA VAL C 14 0.22 -14.10 51.46
C VAL C 14 1.60 -13.86 52.09
N GLY C 15 2.19 -14.93 52.64
CA GLY C 15 3.49 -14.85 53.26
C GLY C 15 4.58 -14.35 52.34
N GLU C 16 4.61 -14.86 51.11
CA GLU C 16 5.59 -14.44 50.12
C GLU C 16 5.39 -12.97 49.79
N ALA C 17 4.13 -12.58 49.67
CA ALA C 17 3.77 -11.20 49.36
C ALA C 17 4.23 -10.27 50.47
N VAL C 18 4.01 -10.70 51.72
CA VAL C 18 4.42 -9.92 52.89
C VAL C 18 5.94 -9.82 52.94
N ALA C 19 6.63 -10.92 52.62
CA ALA C 19 8.08 -10.95 52.61
C ALA C 19 8.60 -9.94 51.59
N LEU C 20 8.03 -9.96 50.39
CA LEU C 20 8.41 -9.05 49.32
C LEU C 20 8.22 -7.60 49.73
N LEU C 21 7.12 -7.32 50.42
CA LEU C 21 6.84 -5.96 50.90
C LEU C 21 7.94 -5.50 51.85
N GLY C 22 8.39 -6.43 52.71
CA GLY C 22 9.43 -6.10 53.66
C GLY C 22 10.78 -5.92 53.00
N GLN C 23 11.09 -6.83 52.09
CA GLN C 23 12.35 -6.84 51.34
C GLN C 23 12.52 -5.62 50.43
N LEU C 24 11.47 -5.26 49.70
CA LEU C 24 11.51 -4.14 48.75
C LEU C 24 11.18 -2.78 49.35
N GLY C 25 10.48 -2.77 50.48
CA GLY C 25 10.14 -1.51 51.11
C GLY C 25 9.04 -0.70 50.44
N SER C 26 9.07 0.61 50.68
CA SER C 26 8.09 1.56 50.14
C SER C 26 8.10 1.73 48.63
N ASP C 27 9.14 1.23 47.97
CA ASP C 27 9.24 1.32 46.51
C ASP C 27 8.39 0.26 45.83
N ALA C 28 7.76 -0.60 46.63
CA ALA C 28 6.90 -1.65 46.09
C ALA C 28 5.45 -1.36 46.44
N LYS C 29 4.54 -1.83 45.59
CA LYS C 29 3.12 -1.62 45.78
C LYS C 29 2.37 -2.89 45.44
N LEU C 30 1.39 -3.24 46.25
CA LEU C 30 0.57 -4.42 46.01
C LEU C 30 -0.36 -4.09 44.85
N LEU C 31 -0.37 -4.95 43.84
CA LEU C 31 -1.23 -4.75 42.68
C LEU C 31 -2.40 -5.69 42.84
N ALA C 32 -3.61 -5.14 42.86
CA ALA C 32 -4.81 -5.97 42.99
C ALA C 32 -5.59 -5.91 41.67
N GLY C 33 -6.77 -5.32 41.70
CA GLY C 33 -7.56 -5.20 40.49
C GLY C 33 -6.90 -4.23 39.51
N GLY C 34 -6.03 -3.38 40.05
CA GLY C 34 -5.31 -2.42 39.23
C GLY C 34 -6.10 -1.24 38.68
N HIS C 35 -7.39 -1.16 38.96
CA HIS C 35 -8.19 -0.08 38.43
C HIS C 35 -8.17 1.26 39.15
N SER C 36 -7.19 1.44 40.01
CA SER C 36 -6.96 2.69 40.73
C SER C 36 -5.47 2.93 40.65
N LEU C 37 -4.71 1.87 40.87
CA LEU C 37 -3.26 1.89 40.84
C LEU C 37 -2.67 2.13 39.46
N LEU C 38 -3.12 1.37 38.45
CA LEU C 38 -2.61 1.55 37.10
C LEU C 38 -3.00 2.92 36.54
N PRO C 39 -4.26 3.34 36.73
CA PRO C 39 -4.66 4.66 36.21
C PRO C 39 -3.75 5.76 36.77
N MET C 40 -3.41 5.65 38.04
CA MET C 40 -2.51 6.63 38.68
C MET C 40 -1.11 6.53 38.10
N MET C 41 -0.64 5.31 37.85
CA MET C 41 0.69 5.10 37.27
C MET C 41 0.75 5.57 35.81
N LYS C 42 -0.35 5.38 35.09
CA LYS C 42 -0.44 5.79 33.69
C LYS C 42 -0.41 7.32 33.56
N LEU C 43 -0.76 8.02 34.63
CA LEU C 43 -0.75 9.48 34.66
C LEU C 43 0.48 10.00 35.42
N ARG C 44 1.38 9.09 35.79
CA ARG C 44 2.59 9.43 36.54
C ARG C 44 2.30 10.07 37.91
N PHE C 45 1.20 9.68 38.54
CA PHE C 45 0.84 10.19 39.87
C PHE C 45 1.64 9.42 40.90
N ALA C 46 1.72 8.11 40.68
CA ALA C 46 2.46 7.19 41.54
C ALA C 46 3.45 6.49 40.64
N GLN C 47 4.69 6.31 41.12
CA GLN C 47 5.74 5.65 40.34
C GLN C 47 6.50 4.58 41.10
N PRO C 48 5.81 3.56 41.61
CA PRO C 48 6.52 2.52 42.36
C PRO C 48 7.46 1.72 41.45
N GLU C 49 8.65 1.44 41.96
CA GLU C 49 9.63 0.70 41.19
C GLU C 49 9.37 -0.80 41.19
N HIS C 50 8.46 -1.24 42.06
CA HIS C 50 8.10 -2.65 42.15
C HIS C 50 6.62 -2.85 42.36
N LEU C 51 6.04 -3.75 41.57
CA LEU C 51 4.62 -4.09 41.70
C LEU C 51 4.47 -5.55 42.11
N ILE C 52 3.88 -5.75 43.28
CA ILE C 52 3.67 -7.08 43.81
C ILE C 52 2.23 -7.49 43.50
N ASP C 53 2.07 -8.27 42.44
CA ASP C 53 0.75 -8.72 42.02
C ASP C 53 0.24 -9.80 42.98
N ILE C 54 -0.97 -9.60 43.48
CA ILE C 54 -1.59 -10.55 44.40
C ILE C 54 -2.83 -11.26 43.84
N ASN C 55 -2.94 -11.31 42.50
CA ASN C 55 -4.07 -11.98 41.82
C ASN C 55 -3.90 -13.49 41.72
N ARG C 56 -2.71 -14.00 42.02
CA ARG C 56 -2.44 -15.43 41.93
C ARG C 56 -2.34 -16.11 43.30
N ILE C 57 -2.97 -15.51 44.30
CA ILE C 57 -2.99 -16.03 45.66
C ILE C 57 -4.42 -16.50 45.96
N PRO C 58 -4.65 -17.82 45.94
CA PRO C 58 -5.98 -18.39 46.21
C PRO C 58 -6.58 -18.13 47.60
N GLU C 59 -5.74 -17.91 48.60
CA GLU C 59 -6.25 -17.66 49.95
C GLU C 59 -6.85 -16.28 50.13
N LEU C 60 -6.79 -15.46 49.08
CA LEU C 60 -7.35 -14.11 49.12
C LEU C 60 -8.67 -14.10 48.37
N ARG C 61 -9.12 -15.30 47.99
CA ARG C 61 -10.36 -15.46 47.23
C ARG C 61 -11.38 -16.31 47.98
N GLY C 62 -12.63 -16.24 47.52
CA GLY C 62 -13.68 -17.04 48.14
C GLY C 62 -14.58 -16.29 49.09
N ILE C 63 -15.83 -16.74 49.16
CA ILE C 63 -16.84 -16.16 50.04
C ILE C 63 -17.43 -17.32 50.84
N ARG C 64 -17.31 -17.26 52.16
CA ARG C 64 -17.83 -18.34 52.99
C ARG C 64 -18.51 -17.84 54.26
N GLU C 65 -19.06 -18.80 55.02
CA GLU C 65 -19.75 -18.49 56.26
C GLU C 65 -19.15 -19.26 57.43
N GLU C 66 -18.73 -18.51 58.45
CA GLU C 66 -18.16 -19.07 59.68
C GLU C 66 -19.07 -18.55 60.77
N GLY C 67 -20.04 -19.37 61.17
CA GLY C 67 -21.00 -18.95 62.18
C GLY C 67 -21.88 -17.89 61.57
N SER C 68 -22.10 -16.79 62.28
CA SER C 68 -22.94 -15.72 61.75
C SER C 68 -22.11 -14.63 61.06
N THR C 69 -20.89 -14.98 60.67
CA THR C 69 -20.00 -14.04 60.00
C THR C 69 -19.75 -14.44 58.53
N VAL C 70 -19.95 -13.47 57.63
CA VAL C 70 -19.72 -13.71 56.22
C VAL C 70 -18.29 -13.28 55.93
N VAL C 71 -17.47 -14.22 55.46
CA VAL C 71 -16.08 -13.96 55.18
C VAL C 71 -15.90 -13.74 53.69
N ILE C 72 -15.38 -12.57 53.33
CA ILE C 72 -15.16 -12.21 51.95
C ILE C 72 -13.69 -11.98 51.65
N GLY C 73 -13.16 -12.72 50.68
CA GLY C 73 -11.76 -12.59 50.28
C GLY C 73 -11.46 -11.20 49.74
N ALA C 74 -10.35 -10.63 50.17
CA ALA C 74 -9.97 -9.30 49.71
C ALA C 74 -9.93 -9.20 48.20
N MET C 75 -9.57 -10.28 47.51
CA MET C 75 -9.48 -10.27 46.07
C MET C 75 -10.79 -10.61 45.35
N THR C 76 -11.90 -10.53 46.08
CA THR C 76 -13.21 -10.79 45.50
C THR C 76 -13.53 -9.63 44.59
N VAL C 77 -13.81 -9.95 43.34
CA VAL C 77 -14.14 -8.98 42.33
C VAL C 77 -15.58 -8.46 42.50
N GLU C 78 -15.76 -7.16 42.27
CA GLU C 78 -17.06 -6.51 42.42
C GLU C 78 -18.26 -7.27 41.86
N ASN C 79 -18.12 -7.85 40.66
CA ASN C 79 -19.20 -8.61 40.06
C ASN C 79 -19.50 -9.92 40.80
N ASP C 80 -18.49 -10.53 41.40
CA ASP C 80 -18.66 -11.78 42.16
C ASP C 80 -19.44 -11.49 43.44
N LEU C 81 -19.36 -10.24 43.88
CA LEU C 81 -20.05 -9.79 45.06
C LEU C 81 -21.55 -9.73 44.72
N ILE C 82 -21.84 -9.24 43.53
CA ILE C 82 -23.19 -9.08 43.02
C ILE C 82 -23.86 -10.42 42.72
N SER C 83 -23.09 -11.35 42.18
CA SER C 83 -23.63 -12.66 41.83
C SER C 83 -23.54 -13.72 42.93
N SER C 84 -22.89 -13.37 44.04
CA SER C 84 -22.75 -14.30 45.16
C SER C 84 -24.07 -14.57 45.88
N PRO C 85 -24.52 -15.84 45.87
CA PRO C 85 -25.77 -16.20 46.54
C PRO C 85 -25.69 -15.96 48.04
N ILE C 86 -24.50 -16.06 48.60
CA ILE C 86 -24.33 -15.82 50.03
C ILE C 86 -24.53 -14.34 50.32
N VAL C 87 -23.84 -13.47 49.59
CA VAL C 87 -23.98 -12.04 49.81
C VAL C 87 -25.41 -11.56 49.57
N GLN C 88 -26.10 -12.18 48.62
CA GLN C 88 -27.48 -11.82 48.32
C GLN C 88 -28.46 -12.16 49.44
N ALA C 89 -28.20 -13.27 50.12
CA ALA C 89 -29.06 -13.72 51.21
C ALA C 89 -28.70 -13.12 52.56
N ARG C 90 -27.41 -13.11 52.87
CA ARG C 90 -26.91 -12.63 54.14
C ARG C 90 -26.56 -11.14 54.24
N LEU C 91 -26.17 -10.52 53.12
CA LEU C 91 -25.80 -9.11 53.10
C LEU C 91 -26.32 -8.42 51.84
N PRO C 92 -27.65 -8.42 51.62
CA PRO C 92 -28.27 -7.80 50.43
C PRO C 92 -27.78 -6.40 50.04
N LEU C 93 -27.40 -5.60 51.04
CA LEU C 93 -26.90 -4.25 50.82
C LEU C 93 -25.67 -4.24 49.90
N LEU C 94 -24.69 -5.09 50.21
CA LEU C 94 -23.47 -5.14 49.43
C LEU C 94 -23.69 -5.64 48.01
N ALA C 95 -24.59 -6.59 47.84
CA ALA C 95 -24.88 -7.13 46.52
C ALA C 95 -25.46 -6.07 45.60
N GLU C 96 -26.41 -5.29 46.13
CA GLU C 96 -27.07 -4.24 45.36
C GLU C 96 -26.21 -3.01 45.13
N ALA C 97 -25.48 -2.59 46.16
CA ALA C 97 -24.63 -1.41 46.09
C ALA C 97 -23.44 -1.58 45.16
N ALA C 98 -22.98 -2.82 45.02
CA ALA C 98 -21.84 -3.11 44.15
C ALA C 98 -22.23 -2.81 42.70
N LYS C 99 -23.53 -2.83 42.42
CA LYS C 99 -24.02 -2.52 41.08
C LYS C 99 -23.82 -1.05 40.74
N LEU C 100 -23.75 -0.23 41.78
CA LEU C 100 -23.56 1.20 41.61
C LEU C 100 -22.10 1.58 41.48
N ILE C 101 -21.23 0.58 41.51
CA ILE C 101 -19.80 0.85 41.42
C ILE C 101 -19.28 0.70 40.01
N ALA C 102 -18.65 1.77 39.51
CA ALA C 102 -18.07 1.78 38.17
C ALA C 102 -18.97 1.17 37.08
N ASP C 103 -18.40 0.30 36.25
CA ASP C 103 -19.13 -0.36 35.18
C ASP C 103 -18.75 -1.85 35.16
N PRO C 104 -19.41 -2.66 34.31
CA PRO C 104 -19.12 -4.10 34.23
C PRO C 104 -17.66 -4.48 34.10
N GLN C 105 -16.96 -3.92 33.11
CA GLN C 105 -15.55 -4.22 32.89
C GLN C 105 -14.69 -3.94 34.10
N VAL C 106 -14.91 -2.77 34.72
CA VAL C 106 -14.16 -2.42 35.91
C VAL C 106 -14.50 -3.39 37.04
N ARG C 107 -15.77 -3.76 37.15
CA ARG C 107 -16.21 -4.69 38.19
C ARG C 107 -15.69 -6.11 38.03
N ASN C 108 -15.08 -6.40 36.87
CA ASN C 108 -14.50 -7.72 36.63
C ASN C 108 -13.05 -7.77 37.13
N ARG C 109 -12.50 -6.63 37.50
CA ARG C 109 -11.13 -6.55 37.98
C ARG C 109 -11.02 -5.93 39.37
N GLY C 110 -11.69 -4.79 39.57
CA GLY C 110 -11.65 -4.12 40.85
C GLY C 110 -12.19 -5.02 41.95
N THR C 111 -11.47 -5.09 43.07
CA THR C 111 -11.87 -5.92 44.19
C THR C 111 -12.37 -5.10 45.35
N ILE C 112 -13.14 -5.75 46.23
CA ILE C 112 -13.68 -5.08 47.41
C ILE C 112 -12.51 -4.64 48.30
N GLY C 113 -11.51 -5.51 48.43
CA GLY C 113 -10.34 -5.19 49.24
C GLY C 113 -9.54 -4.00 48.72
N GLY C 114 -9.36 -3.91 47.41
CA GLY C 114 -8.63 -2.79 46.86
C GLY C 114 -9.43 -1.51 46.96
N ASP C 115 -10.76 -1.62 46.85
CA ASP C 115 -11.65 -0.46 46.93
C ASP C 115 -11.53 0.14 48.32
N ILE C 116 -11.38 -0.73 49.31
CA ILE C 116 -11.24 -0.30 50.71
C ILE C 116 -9.81 0.17 51.00
N ALA C 117 -8.82 -0.62 50.59
CA ALA C 117 -7.42 -0.27 50.82
C ALA C 117 -6.99 1.05 50.17
N HIS C 118 -7.61 1.39 49.05
CA HIS C 118 -7.30 2.63 48.35
C HIS C 118 -7.60 3.83 49.27
N GLY C 119 -8.69 3.72 50.04
CA GLY C 119 -9.06 4.77 50.97
C GLY C 119 -9.48 6.08 50.37
N ASP C 120 -9.98 6.03 49.14
CA ASP C 120 -10.45 7.21 48.45
C ASP C 120 -11.83 7.55 49.00
N PRO C 121 -12.03 8.81 49.44
CA PRO C 121 -13.31 9.27 49.98
C PRO C 121 -14.40 9.09 48.92
N GLY C 122 -13.98 9.06 47.66
CA GLY C 122 -14.91 8.89 46.56
C GLY C 122 -15.42 7.47 46.36
N ASN C 123 -14.71 6.48 46.90
CA ASN C 123 -15.10 5.08 46.76
C ASN C 123 -16.34 4.72 47.60
N ASP C 124 -17.08 3.69 47.18
CA ASP C 124 -18.31 3.29 47.90
C ASP C 124 -18.14 2.33 49.07
N HIS C 125 -17.25 1.35 48.93
CA HIS C 125 -17.03 0.38 49.99
C HIS C 125 -16.68 0.92 51.37
N PRO C 126 -15.90 2.02 51.45
CA PRO C 126 -15.61 2.52 52.80
C PRO C 126 -16.88 2.77 53.61
N ALA C 127 -17.80 3.58 53.10
CA ALA C 127 -19.04 3.85 53.83
C ALA C 127 -19.84 2.56 54.05
N LEU C 128 -19.95 1.75 53.00
CA LEU C 128 -20.68 0.49 53.05
C LEU C 128 -20.13 -0.42 54.15
N SER C 129 -18.81 -0.51 54.23
CA SER C 129 -18.17 -1.36 55.23
C SER C 129 -18.48 -0.89 56.64
N ILE C 130 -18.70 0.40 56.80
CA ILE C 130 -19.04 0.96 58.11
C ILE C 130 -20.50 0.65 58.44
N ALA C 131 -21.40 0.83 57.48
CA ALA C 131 -22.82 0.58 57.73
C ALA C 131 -23.08 -0.89 58.11
N VAL C 132 -22.32 -1.81 57.50
CA VAL C 132 -22.46 -3.23 57.78
C VAL C 132 -21.61 -3.72 58.95
N GLU C 133 -20.84 -2.81 59.55
CA GLU C 133 -19.99 -3.10 60.70
C GLU C 133 -18.92 -4.15 60.42
N ALA C 134 -18.36 -4.10 59.23
CA ALA C 134 -17.34 -5.04 58.82
C ALA C 134 -16.04 -4.88 59.60
N HIS C 135 -15.18 -5.88 59.45
CA HIS C 135 -13.88 -5.90 60.08
C HIS C 135 -12.91 -6.42 59.03
N PHE C 136 -11.69 -5.93 59.07
CA PHE C 136 -10.68 -6.32 58.11
C PHE C 136 -9.53 -7.10 58.75
N VAL C 137 -9.17 -8.22 58.14
CA VAL C 137 -8.08 -9.04 58.64
C VAL C 137 -6.80 -8.66 57.87
N LEU C 138 -5.79 -8.20 58.59
CA LEU C 138 -4.53 -7.78 57.96
C LEU C 138 -3.36 -8.69 58.36
N GLU C 139 -2.60 -9.15 57.38
CA GLU C 139 -1.46 -10.00 57.68
C GLU C 139 -0.12 -9.32 57.42
N GLY C 140 0.77 -9.41 58.40
CA GLY C 140 2.09 -8.82 58.29
C GLY C 140 3.15 -9.84 58.65
N PRO C 141 4.40 -9.39 58.86
CA PRO C 141 5.51 -10.28 59.22
C PRO C 141 5.36 -10.85 60.64
N ASN C 142 4.62 -10.15 61.49
CA ASN C 142 4.40 -10.59 62.87
C ASN C 142 3.15 -11.48 63.04
N GLY C 143 2.27 -11.48 62.05
CA GLY C 143 1.06 -12.29 62.13
C GLY C 143 -0.18 -11.58 61.60
N ARG C 144 -1.32 -11.83 62.24
CA ARG C 144 -2.55 -11.21 61.81
C ARG C 144 -3.25 -10.41 62.89
N ARG C 145 -3.92 -9.35 62.48
CA ARG C 145 -4.69 -8.50 63.37
C ARG C 145 -5.99 -8.18 62.64
N THR C 146 -7.03 -7.83 63.38
CA THR C 146 -8.30 -7.48 62.77
C THR C 146 -8.71 -6.13 63.28
N VAL C 147 -9.00 -5.23 62.33
CA VAL C 147 -9.41 -3.88 62.66
C VAL C 147 -10.82 -3.62 62.16
N PRO C 148 -11.57 -2.73 62.85
CA PRO C 148 -12.94 -2.43 62.43
C PRO C 148 -12.98 -1.44 61.26
N ALA C 149 -14.03 -1.55 60.45
CA ALA C 149 -14.22 -0.64 59.34
C ALA C 149 -14.36 0.74 59.95
N ASP C 150 -15.08 0.81 61.07
CA ASP C 150 -15.28 2.06 61.77
C ASP C 150 -14.02 2.40 62.57
N GLY C 151 -13.10 3.10 61.94
CA GLY C 151 -11.85 3.47 62.59
C GLY C 151 -10.66 3.14 61.72
N PHE C 152 -10.94 2.52 60.57
CA PHE C 152 -9.91 2.11 59.62
C PHE C 152 -9.45 3.26 58.71
N PHE C 153 -10.38 4.16 58.39
CA PHE C 153 -10.11 5.28 57.50
C PHE C 153 -9.59 6.50 58.25
N LEU C 154 -8.32 6.84 57.99
CA LEU C 154 -7.64 7.94 58.66
C LEU C 154 -7.59 9.26 57.90
N GLY C 155 -7.45 9.16 56.58
CA GLY C 155 -7.39 10.35 55.76
C GLY C 155 -7.51 9.96 54.31
N THR C 156 -7.46 10.96 53.43
CA THR C 156 -7.57 10.73 52.00
C THR C 156 -6.41 9.83 51.56
N TYR C 157 -6.77 8.62 51.12
CA TYR C 157 -5.81 7.61 50.68
C TYR C 157 -5.04 6.99 51.85
N MET C 158 -5.48 7.26 53.08
CA MET C 158 -4.80 6.73 54.27
C MET C 158 -5.69 5.88 55.17
N THR C 159 -5.19 4.69 55.51
CA THR C 159 -5.92 3.76 56.37
C THR C 159 -4.96 3.15 57.40
N LEU C 160 -5.49 2.35 58.32
CA LEU C 160 -4.71 1.69 59.37
C LEU C 160 -3.70 0.68 58.82
N LEU C 161 -3.87 0.30 57.56
CA LEU C 161 -2.98 -0.64 56.90
C LEU C 161 -1.52 -0.18 56.94
N GLU C 162 -0.63 -1.08 57.33
CA GLU C 162 0.80 -0.78 57.40
C GLU C 162 1.45 -1.21 56.07
N GLU C 163 2.57 -0.57 55.72
CA GLU C 163 3.27 -0.87 54.47
C GLU C 163 3.72 -2.32 54.25
N ASN C 164 3.74 -3.11 55.32
CA ASN C 164 4.13 -4.51 55.22
C ASN C 164 2.94 -5.44 55.46
N GLU C 165 1.74 -4.92 55.31
CA GLU C 165 0.55 -5.73 55.51
C GLU C 165 -0.24 -5.96 54.23
N VAL C 166 -1.03 -7.03 54.25
CA VAL C 166 -1.88 -7.39 53.13
C VAL C 166 -3.26 -7.66 53.73
N MET C 167 -4.29 -6.97 53.25
CA MET C 167 -5.63 -7.21 53.76
C MET C 167 -6.00 -8.56 53.16
N VAL C 168 -6.32 -9.52 54.03
CA VAL C 168 -6.65 -10.87 53.62
C VAL C 168 -8.13 -11.10 53.33
N GLU C 169 -8.99 -10.60 54.21
CA GLU C 169 -10.43 -10.80 54.04
C GLU C 169 -11.28 -9.80 54.80
N ILE C 170 -12.51 -9.63 54.34
CA ILE C 170 -13.45 -8.72 54.97
C ILE C 170 -14.51 -9.57 55.66
N ARG C 171 -14.59 -9.41 56.96
CA ARG C 171 -15.54 -10.14 57.78
C ARG C 171 -16.70 -9.26 58.18
N VAL C 172 -17.90 -9.68 57.82
CA VAL C 172 -19.07 -8.89 58.16
C VAL C 172 -20.20 -9.77 58.68
N PRO C 173 -20.80 -9.37 59.81
CA PRO C 173 -21.92 -10.13 60.40
C PRO C 173 -23.14 -10.16 59.49
N ALA C 174 -23.68 -11.36 59.28
CA ALA C 174 -24.86 -11.51 58.44
C ALA C 174 -26.00 -10.67 58.98
N PHE C 175 -26.83 -10.16 58.08
CA PHE C 175 -27.99 -9.35 58.45
C PHE C 175 -28.96 -10.23 59.23
N ALA C 176 -29.46 -9.70 60.35
CA ALA C 176 -30.43 -10.44 61.16
C ALA C 176 -31.76 -10.37 60.39
N ALA C 177 -32.54 -11.43 60.50
CA ALA C 177 -33.84 -11.52 59.81
C ALA C 177 -34.65 -10.22 59.97
N GLY C 178 -34.98 -9.61 58.83
CA GLY C 178 -35.76 -8.37 58.83
C GLY C 178 -34.98 -7.07 58.81
N THR C 179 -33.66 -7.15 58.67
CA THR C 179 -32.82 -5.95 58.65
C THR C 179 -33.07 -5.09 57.41
N GLY C 180 -33.33 -3.82 57.66
CA GLY C 180 -33.55 -2.88 56.58
C GLY C 180 -32.23 -2.28 56.14
N TRP C 181 -32.14 -1.86 54.88
CA TRP C 181 -30.90 -1.30 54.37
C TRP C 181 -31.10 -0.37 53.17
N ALA C 182 -30.04 0.35 52.81
CA ALA C 182 -30.07 1.26 51.66
C ALA C 182 -28.74 1.92 51.36
N TYR C 183 -28.58 2.35 50.12
CA TYR C 183 -27.40 3.07 49.68
C TYR C 183 -27.84 4.01 48.58
N GLU C 184 -28.04 5.27 48.95
CA GLU C 184 -28.45 6.30 47.99
C GLU C 184 -27.18 7.00 47.49
N LYS C 185 -26.98 6.97 46.17
CA LYS C 185 -25.79 7.59 45.58
C LYS C 185 -26.12 8.58 44.47
N LEU C 186 -25.82 9.85 44.73
CA LEU C 186 -26.04 10.93 43.77
C LEU C 186 -24.79 10.97 42.88
N LYS C 187 -24.97 10.69 41.59
CA LYS C 187 -23.86 10.66 40.64
C LYS C 187 -24.20 11.37 39.32
N ARG C 188 -23.20 11.94 38.65
CA ARG C 188 -23.42 12.65 37.38
C ARG C 188 -23.85 11.73 36.24
N LYS C 189 -23.27 10.53 36.23
CA LYS C 189 -23.56 9.53 35.20
C LYS C 189 -23.20 8.18 35.76
N THR C 190 -23.66 7.12 35.10
CA THR C 190 -23.35 5.77 35.53
C THR C 190 -21.84 5.56 35.39
N GLY C 191 -21.25 4.84 36.35
CA GLY C 191 -19.83 4.59 36.33
C GLY C 191 -18.94 5.69 36.88
N ASP C 192 -19.56 6.74 37.43
CA ASP C 192 -18.81 7.86 38.01
C ASP C 192 -18.92 7.81 39.52
N TRP C 193 -17.94 8.38 40.21
CA TRP C 193 -17.92 8.45 41.66
C TRP C 193 -19.03 9.36 42.18
N ALA C 194 -19.54 9.02 43.36
CA ALA C 194 -20.63 9.78 43.95
C ALA C 194 -20.32 11.23 44.24
N THR C 195 -21.33 12.08 44.08
CA THR C 195 -21.22 13.50 44.41
C THR C 195 -21.44 13.50 45.94
N ALA C 196 -22.33 12.62 46.37
CA ALA C 196 -22.67 12.44 47.77
C ALA C 196 -23.32 11.07 47.87
N GLY C 197 -23.09 10.37 48.98
CA GLY C 197 -23.68 9.06 49.16
C GLY C 197 -23.93 8.74 50.61
N CYS C 198 -24.90 7.87 50.86
CA CYS C 198 -25.23 7.48 52.22
C CYS C 198 -25.60 6.01 52.32
N ALA C 199 -24.91 5.30 53.20
CA ALA C 199 -25.17 3.89 53.44
C ALA C 199 -25.92 3.78 54.76
N VAL C 200 -26.95 2.95 54.80
CA VAL C 200 -27.75 2.76 55.99
C VAL C 200 -28.13 1.31 56.23
N VAL C 201 -28.02 0.90 57.49
CA VAL C 201 -28.41 -0.43 57.93
C VAL C 201 -29.20 -0.16 59.20
N MET C 202 -30.42 -0.71 59.26
CA MET C 202 -31.25 -0.51 60.44
C MET C 202 -32.18 -1.67 60.72
N ARG C 203 -32.63 -1.76 61.97
CA ARG C 203 -33.57 -2.78 62.42
C ARG C 203 -34.74 -2.08 63.08
N LYS C 204 -35.91 -2.71 63.00
CA LYS C 204 -37.17 -2.17 63.53
C LYS C 204 -37.75 -3.00 64.67
N SER C 205 -38.50 -2.32 65.54
CA SER C 205 -39.17 -2.95 66.68
C SER C 205 -40.41 -2.10 66.94
N GLY C 206 -41.55 -2.55 66.43
CA GLY C 206 -42.78 -1.80 66.59
C GLY C 206 -42.66 -0.58 65.69
N GLY C 207 -42.93 0.60 66.23
CA GLY C 207 -42.82 1.82 65.44
C GLY C 207 -41.48 2.52 65.65
N THR C 208 -40.56 1.84 66.32
CA THR C 208 -39.24 2.43 66.63
C THR C 208 -38.03 1.78 65.94
N VAL C 209 -36.93 2.53 65.91
CA VAL C 209 -35.69 2.04 65.33
C VAL C 209 -34.90 1.34 66.43
N SER C 210 -34.77 0.03 66.33
CA SER C 210 -34.04 -0.76 67.34
C SER C 210 -32.53 -0.88 67.07
N HIS C 211 -32.13 -0.66 65.83
CA HIS C 211 -30.72 -0.72 65.41
C HIS C 211 -30.52 0.27 64.26
N ILE C 212 -29.43 1.03 64.31
CA ILE C 212 -29.15 2.02 63.27
C ILE C 212 -27.66 2.28 63.01
N ARG C 213 -27.31 2.29 61.73
CA ARG C 213 -25.93 2.53 61.30
C ARG C 213 -26.00 3.44 60.05
N ILE C 214 -25.37 4.62 60.16
CA ILE C 214 -25.36 5.59 59.07
C ILE C 214 -23.93 5.98 58.67
N ALA C 215 -23.64 5.93 57.38
CA ALA C 215 -22.32 6.28 56.85
C ALA C 215 -22.41 7.17 55.60
N LEU C 216 -21.46 8.09 55.46
CA LEU C 216 -21.46 9.05 54.37
C LEU C 216 -20.30 8.91 53.39
N THR C 217 -20.62 9.00 52.09
CA THR C 217 -19.62 8.89 51.03
C THR C 217 -19.32 10.20 50.31
N ASN C 218 -18.02 10.47 50.19
CA ASN C 218 -17.50 11.63 49.48
C ASN C 218 -17.92 13.01 49.95
N VAL C 219 -18.09 13.18 51.26
CA VAL C 219 -18.47 14.48 51.81
C VAL C 219 -17.51 14.89 52.93
N ALA C 220 -16.30 14.36 52.86
CA ALA C 220 -15.23 14.64 53.80
C ALA C 220 -13.97 13.93 53.28
N PRO C 221 -12.80 14.20 53.88
CA PRO C 221 -11.54 13.57 53.45
C PRO C 221 -11.53 12.05 53.58
N THR C 222 -12.53 11.52 54.28
CA THR C 222 -12.67 10.08 54.50
C THR C 222 -14.15 9.79 54.53
N ALA C 223 -14.50 8.51 54.44
CA ALA C 223 -15.90 8.12 54.55
C ALA C 223 -16.22 8.37 56.01
N LEU C 224 -17.47 8.71 56.32
CA LEU C 224 -17.79 8.98 57.71
C LEU C 224 -18.97 8.25 58.31
N ARG C 225 -18.85 7.89 59.58
CA ARG C 225 -19.96 7.29 60.30
C ARG C 225 -20.60 8.51 60.93
N ALA C 226 -21.93 8.55 60.99
CA ALA C 226 -22.62 9.68 61.58
C ALA C 226 -23.33 9.25 62.87
N GLU C 227 -22.56 9.12 63.94
CA GLU C 227 -23.10 8.70 65.22
C GLU C 227 -24.17 9.63 65.79
N ALA C 228 -23.97 10.94 65.67
CA ALA C 228 -24.96 11.90 66.16
C ALA C 228 -26.26 11.69 65.41
N ALA C 229 -26.14 11.41 64.11
CA ALA C 229 -27.30 11.15 63.26
C ALA C 229 -27.98 9.86 63.71
N GLU C 230 -27.18 8.85 64.05
CA GLU C 230 -27.72 7.57 64.51
C GLU C 230 -28.52 7.81 65.78
N ALA C 231 -27.96 8.65 66.67
CA ALA C 231 -28.57 8.98 67.94
C ALA C 231 -29.92 9.70 67.82
N ALA C 232 -30.18 10.28 66.66
CA ALA C 232 -31.43 10.98 66.45
C ALA C 232 -32.57 9.99 66.19
N LEU C 233 -32.21 8.71 65.99
CA LEU C 233 -33.18 7.68 65.70
C LEU C 233 -33.31 6.54 66.70
N LEU C 234 -32.18 6.01 67.18
CA LEU C 234 -32.18 4.88 68.12
C LEU C 234 -33.21 4.94 69.25
N GLY C 235 -34.06 3.91 69.30
CA GLY C 235 -35.09 3.84 70.33
C GLY C 235 -36.21 4.86 70.21
N LYS C 236 -36.29 5.54 69.08
CA LYS C 236 -37.33 6.54 68.84
C LYS C 236 -38.27 6.07 67.73
N ALA C 237 -39.48 6.63 67.70
CA ALA C 237 -40.43 6.27 66.65
C ALA C 237 -39.89 6.83 65.34
N PHE C 238 -40.03 6.08 64.26
CA PHE C 238 -39.55 6.56 62.96
C PHE C 238 -40.53 7.60 62.41
N THR C 239 -40.18 8.86 62.56
CA THR C 239 -41.02 9.96 62.09
C THR C 239 -40.25 10.88 61.14
N LYS C 240 -40.99 11.73 60.44
CA LYS C 240 -40.42 12.69 59.51
C LYS C 240 -39.43 13.61 60.24
N GLU C 241 -39.82 14.05 61.43
CA GLU C 241 -39.00 14.94 62.25
C GLU C 241 -37.68 14.31 62.67
N ALA C 242 -37.71 13.03 63.01
CA ALA C 242 -36.51 12.31 63.42
C ALA C 242 -35.56 12.14 62.24
N VAL C 243 -36.13 11.86 61.07
CA VAL C 243 -35.33 11.69 59.86
C VAL C 243 -34.67 13.02 59.52
N GLN C 244 -35.40 14.11 59.66
CA GLN C 244 -34.86 15.43 59.37
C GLN C 244 -33.71 15.77 60.32
N ALA C 245 -33.87 15.36 61.59
CA ALA C 245 -32.87 15.59 62.60
C ALA C 245 -31.60 14.80 62.29
N ALA C 246 -31.77 13.58 61.79
CA ALA C 246 -30.63 12.74 61.44
C ALA C 246 -29.84 13.40 60.31
N ALA C 247 -30.55 13.92 59.31
CA ALA C 247 -29.93 14.59 58.18
C ALA C 247 -29.12 15.79 58.66
N ASP C 248 -29.72 16.60 59.53
CA ASP C 248 -29.04 17.79 60.05
C ASP C 248 -27.77 17.40 60.79
N ALA C 249 -27.86 16.32 61.57
CA ALA C 249 -26.70 15.83 62.33
C ALA C 249 -25.63 15.31 61.38
N ALA C 250 -26.05 14.72 60.27
CA ALA C 250 -25.12 14.22 59.28
C ALA C 250 -24.53 15.42 58.57
N ILE C 251 -25.38 16.37 58.18
CA ILE C 251 -24.96 17.57 57.50
C ILE C 251 -23.87 18.28 58.30
N ALA C 252 -24.09 18.37 59.61
CA ALA C 252 -23.15 19.02 60.52
C ALA C 252 -21.72 18.48 60.52
N ILE C 253 -21.53 17.22 60.17
CA ILE C 253 -20.18 16.65 60.15
C ILE C 253 -19.53 16.65 58.78
N CYS C 254 -20.23 17.17 57.77
CA CYS C 254 -19.66 17.21 56.42
C CYS C 254 -18.55 18.24 56.30
N GLU C 255 -17.56 17.90 55.47
CA GLU C 255 -16.42 18.78 55.20
C GLU C 255 -16.07 18.47 53.75
N PRO C 256 -17.03 18.71 52.83
CA PRO C 256 -16.81 18.43 51.41
C PRO C 256 -15.72 19.26 50.75
N ALA C 257 -15.08 18.65 49.76
CA ALA C 257 -14.04 19.30 48.98
C ALA C 257 -14.71 19.85 47.72
N GLU C 258 -14.28 21.03 47.30
CA GLU C 258 -14.84 21.65 46.12
C GLU C 258 -14.13 21.23 44.84
N ASP C 259 -14.89 20.68 43.91
CA ASP C 259 -14.38 20.27 42.60
C ASP C 259 -15.49 20.37 41.55
N LEU C 260 -15.33 19.68 40.43
CA LEU C 260 -16.33 19.75 39.37
C LEU C 260 -17.65 19.08 39.70
N ARG C 261 -17.69 18.32 40.78
CA ARG C 261 -18.91 17.65 41.21
C ARG C 261 -19.78 18.63 41.99
N GLY C 262 -19.20 19.78 42.34
CA GLY C 262 -19.94 20.79 43.08
C GLY C 262 -19.17 21.41 44.23
N ASP C 263 -19.77 22.41 44.86
CA ASP C 263 -19.14 23.06 46.00
C ASP C 263 -19.56 22.40 47.31
N ALA C 264 -19.07 22.93 48.42
CA ALA C 264 -19.39 22.39 49.74
C ALA C 264 -20.87 22.56 50.03
N ASP C 265 -21.42 23.68 49.57
CA ASP C 265 -22.83 24.01 49.76
C ASP C 265 -23.73 22.90 49.19
N TYR C 266 -23.48 22.54 47.92
CA TYR C 266 -24.25 21.51 47.22
C TYR C 266 -24.02 20.11 47.79
N LYS C 267 -22.76 19.72 47.94
CA LYS C 267 -22.44 18.39 48.46
C LYS C 267 -23.04 18.13 49.83
N THR C 268 -22.97 19.14 50.70
CA THR C 268 -23.51 19.04 52.06
C THR C 268 -25.01 18.83 52.03
N ALA C 269 -25.69 19.64 51.22
CA ALA C 269 -27.13 19.55 51.07
C ALA C 269 -27.53 18.21 50.45
N MET C 270 -26.69 17.70 49.57
CA MET C 270 -26.98 16.42 48.94
C MET C 270 -26.77 15.27 49.91
N ALA C 271 -25.82 15.44 50.83
CA ALA C 271 -25.56 14.42 51.82
C ALA C 271 -26.81 14.28 52.69
N GLY C 272 -27.39 15.42 53.07
CA GLY C 272 -28.60 15.43 53.87
C GLY C 272 -29.74 14.75 53.15
N GLN C 273 -29.89 15.08 51.87
CA GLN C 273 -30.94 14.52 51.03
C GLN C 273 -30.78 12.99 50.90
N MET C 274 -29.55 12.54 50.67
CA MET C 274 -29.27 11.11 50.55
C MET C 274 -29.52 10.38 51.88
N VAL C 275 -29.30 11.09 52.99
CA VAL C 275 -29.54 10.51 54.30
C VAL C 275 -31.03 10.31 54.46
N LYS C 276 -31.81 11.33 54.10
CA LYS C 276 -33.26 11.27 54.19
C LYS C 276 -33.80 10.14 53.31
N ARG C 277 -33.30 10.03 52.09
CA ARG C 277 -33.74 8.97 51.19
C ARG C 277 -33.30 7.58 51.64
N ALA C 278 -32.11 7.50 52.21
CA ALA C 278 -31.55 6.23 52.67
C ALA C 278 -32.33 5.67 53.85
N LEU C 279 -32.58 6.52 54.84
CA LEU C 279 -33.33 6.12 56.03
C LEU C 279 -34.73 5.65 55.66
N ASN C 280 -35.40 6.38 54.76
CA ASN C 280 -36.74 6.02 54.33
C ASN C 280 -36.76 4.70 53.57
N ALA C 281 -35.78 4.49 52.70
CA ALA C 281 -35.71 3.27 51.93
C ALA C 281 -35.35 2.10 52.83
N ALA C 282 -34.58 2.38 53.88
CA ALA C 282 -34.17 1.35 54.84
C ALA C 282 -35.35 0.91 55.68
N TRP C 283 -36.13 1.88 56.14
CA TRP C 283 -37.30 1.60 56.97
C TRP C 283 -38.28 0.76 56.18
N ALA C 284 -38.47 1.09 54.91
CA ALA C 284 -39.38 0.36 54.04
C ALA C 284 -38.98 -1.12 53.91
N ARG C 285 -37.68 -1.39 54.02
CA ARG C 285 -37.19 -2.75 53.89
C ARG C 285 -37.16 -3.54 55.20
N CYS C 286 -37.47 -2.87 56.31
CA CYS C 286 -37.50 -3.51 57.63
C CYS C 286 -38.75 -4.37 57.82
N ALA C 287 -38.63 -5.38 58.68
CA ALA C 287 -39.74 -6.29 58.97
C ALA C 287 -39.58 -6.94 60.32
N ALA D 2 17.77 -28.61 11.51
CA ALA D 2 17.77 -27.66 12.62
C ALA D 2 18.35 -26.31 12.23
N LYS D 3 17.64 -25.24 12.58
CA LYS D 3 18.09 -23.88 12.26
C LYS D 3 19.39 -23.54 12.98
N LYS D 4 20.29 -22.83 12.30
CA LYS D 4 21.52 -22.42 12.96
C LYS D 4 21.55 -20.93 13.22
N ILE D 5 21.88 -20.57 14.46
CA ILE D 5 21.98 -19.18 14.84
C ILE D 5 23.27 -18.58 14.28
N ILE D 6 23.15 -17.48 13.54
CA ILE D 6 24.31 -16.81 12.96
C ILE D 6 24.15 -15.30 13.01
N THR D 7 25.26 -14.59 12.90
CA THR D 7 25.23 -13.13 12.90
C THR D 7 26.03 -12.69 11.70
N VAL D 8 25.34 -12.05 10.76
CA VAL D 8 25.98 -11.59 9.54
C VAL D 8 26.05 -10.06 9.56
N ASN D 9 27.19 -9.52 9.15
CA ASN D 9 27.35 -8.07 9.11
C ASN D 9 26.99 -7.64 7.71
N VAL D 10 25.80 -7.04 7.55
CA VAL D 10 25.36 -6.58 6.24
C VAL D 10 25.34 -5.07 6.23
N ASN D 11 26.15 -4.48 5.34
CA ASN D 11 26.22 -3.03 5.23
C ASN D 11 26.60 -2.36 6.55
N GLY D 12 27.51 -3.01 7.28
CA GLY D 12 27.98 -2.51 8.56
C GLY D 12 27.07 -2.74 9.75
N LYS D 13 25.96 -3.45 9.53
CA LYS D 13 25.02 -3.71 10.60
C LYS D 13 24.88 -5.20 10.91
N ALA D 14 24.95 -5.53 12.20
CA ALA D 14 24.85 -6.90 12.65
C ALA D 14 23.43 -7.47 12.50
N GLN D 15 23.33 -8.62 11.84
CA GLN D 15 22.05 -9.28 11.62
C GLN D 15 22.03 -10.65 12.28
N GLU D 16 21.37 -10.72 13.43
CA GLU D 16 21.27 -11.96 14.20
C GLU D 16 20.04 -12.77 13.82
N LYS D 17 20.25 -13.88 13.14
CA LYS D 17 19.17 -14.76 12.69
C LYS D 17 19.49 -16.24 12.89
N ALA D 18 18.47 -17.07 12.72
CA ALA D 18 18.59 -18.51 12.84
C ALA D 18 17.99 -19.09 11.56
N VAL D 19 18.82 -19.68 10.71
CA VAL D 19 18.33 -20.24 9.46
C VAL D 19 18.83 -21.64 9.19
N GLU D 20 18.06 -22.42 8.41
CA GLU D 20 18.43 -23.76 8.02
C GLU D 20 19.71 -23.65 7.20
N PRO D 21 20.61 -24.63 7.32
CA PRO D 21 21.89 -24.63 6.57
C PRO D 21 21.77 -24.52 5.05
N ARG D 22 20.68 -25.03 4.49
CA ARG D 22 20.46 -24.98 3.03
C ARG D 22 20.02 -23.63 2.53
N THR D 23 19.90 -22.66 3.43
CA THR D 23 19.47 -21.31 3.05
C THR D 23 20.53 -20.58 2.25
N LEU D 24 20.25 -20.33 0.98
CA LEU D 24 21.18 -19.60 0.11
C LEU D 24 21.27 -18.16 0.60
N LEU D 25 22.45 -17.56 0.49
CA LEU D 25 22.64 -16.18 0.94
C LEU D 25 21.64 -15.22 0.30
N ILE D 26 21.35 -15.42 -0.99
CA ILE D 26 20.41 -14.57 -1.70
C ILE D 26 19.03 -14.54 -1.03
N HIS D 27 18.53 -15.69 -0.59
CA HIS D 27 17.22 -15.74 0.07
C HIS D 27 17.30 -15.15 1.47
N PHE D 28 18.44 -15.34 2.12
CA PHE D 28 18.63 -14.79 3.44
C PHE D 28 18.52 -13.26 3.36
N LEU D 29 19.21 -12.67 2.38
CA LEU D 29 19.20 -11.22 2.20
C LEU D 29 17.82 -10.71 1.81
N ARG D 30 17.17 -11.41 0.90
CA ARG D 30 15.85 -11.02 0.41
C ARG D 30 14.69 -11.36 1.35
N GLU D 31 14.66 -12.59 1.85
CA GLU D 31 13.59 -13.06 2.73
C GLU D 31 13.69 -12.74 4.21
N GLU D 32 14.88 -12.87 4.77
CA GLU D 32 15.05 -12.62 6.18
C GLU D 32 15.32 -11.16 6.53
N LEU D 33 15.97 -10.42 5.62
CA LEU D 33 16.31 -9.02 5.88
C LEU D 33 15.60 -7.99 5.04
N ASN D 34 14.80 -8.43 4.08
CA ASN D 34 14.08 -7.54 3.19
C ASN D 34 15.00 -6.63 2.40
N LEU D 35 16.22 -7.07 2.16
CA LEU D 35 17.17 -6.31 1.36
C LEU D 35 17.00 -6.88 -0.06
N THR D 36 15.81 -6.61 -0.60
CA THR D 36 15.40 -7.09 -1.92
C THR D 36 16.03 -6.44 -3.15
N GLY D 37 17.17 -5.80 -2.96
CA GLY D 37 17.88 -5.18 -4.07
C GLY D 37 18.50 -6.27 -4.92
N ALA D 38 19.21 -7.17 -4.26
CA ALA D 38 19.84 -8.30 -4.93
C ALA D 38 18.72 -9.13 -5.54
N HIS D 39 18.92 -9.59 -6.77
CA HIS D 39 17.90 -10.36 -7.47
C HIS D 39 18.30 -11.75 -7.93
N ILE D 40 17.29 -12.53 -8.31
CA ILE D 40 17.47 -13.88 -8.80
C ILE D 40 17.07 -13.92 -10.27
N GLY D 41 18.02 -14.29 -11.12
CA GLY D 41 17.74 -14.36 -12.54
C GLY D 41 17.99 -15.73 -13.16
N CYS D 42 18.48 -16.68 -12.36
CA CYS D 42 18.74 -18.03 -12.87
C CYS D 42 18.99 -19.00 -11.74
N GLU D 43 19.15 -20.27 -12.08
CA GLU D 43 19.41 -21.30 -11.06
C GLU D 43 20.73 -22.04 -11.34
N THR D 44 21.52 -21.51 -12.28
CA THR D 44 22.79 -22.12 -12.67
C THR D 44 24.03 -21.28 -12.41
N SER D 45 23.89 -20.19 -11.66
CA SER D 45 25.00 -19.30 -11.31
C SER D 45 25.62 -18.50 -12.48
N HIS D 46 24.81 -18.20 -13.49
CA HIS D 46 25.30 -17.46 -14.66
C HIS D 46 25.02 -15.94 -14.68
N CYS D 47 23.80 -15.55 -14.34
CA CYS D 47 23.40 -14.15 -14.43
C CYS D 47 24.10 -13.12 -13.58
N GLY D 48 24.33 -13.42 -12.31
CA GLY D 48 25.02 -12.46 -11.44
C GLY D 48 24.13 -11.37 -10.85
N ALA D 49 22.82 -11.49 -11.05
CA ALA D 49 21.87 -10.52 -10.53
C ALA D 49 21.87 -10.49 -8.99
N CYS D 50 22.44 -11.55 -8.42
CA CYS D 50 22.53 -11.76 -6.98
C CYS D 50 23.90 -11.37 -6.40
N THR D 51 24.78 -10.82 -7.23
CA THR D 51 26.12 -10.43 -6.79
C THR D 51 26.17 -9.43 -5.63
N VAL D 52 26.82 -9.83 -4.54
CA VAL D 52 27.01 -8.98 -3.37
C VAL D 52 28.49 -9.10 -3.01
N ASP D 53 29.00 -8.16 -2.23
CA ASP D 53 30.41 -8.18 -1.86
C ASP D 53 30.62 -8.86 -0.50
N ILE D 54 31.31 -10.00 -0.51
CA ILE D 54 31.57 -10.76 0.71
C ILE D 54 33.05 -10.82 1.07
N ASP D 55 33.37 -10.32 2.25
CA ASP D 55 34.74 -10.31 2.75
C ASP D 55 35.75 -9.82 1.70
N GLY D 56 35.39 -8.72 1.05
CA GLY D 56 36.25 -8.12 0.04
C GLY D 56 36.24 -8.72 -1.36
N ARG D 57 35.33 -9.64 -1.64
CA ARG D 57 35.26 -10.27 -2.97
C ARG D 57 33.85 -10.29 -3.54
N SER D 58 33.75 -10.26 -4.86
CA SER D 58 32.46 -10.31 -5.55
C SER D 58 32.00 -11.77 -5.55
N VAL D 59 30.79 -12.02 -5.05
CA VAL D 59 30.27 -13.39 -4.96
C VAL D 59 28.79 -13.48 -5.34
N LYS D 60 28.42 -14.54 -6.06
CA LYS D 60 27.02 -14.74 -6.44
C LYS D 60 26.33 -15.40 -5.26
N SER D 61 25.57 -14.59 -4.52
CA SER D 61 24.87 -15.05 -3.32
C SER D 61 23.91 -16.22 -3.48
N CYS D 62 23.56 -16.57 -4.71
CA CYS D 62 22.67 -17.70 -4.95
C CYS D 62 23.44 -19.02 -4.92
N THR D 63 24.77 -18.90 -4.82
CA THR D 63 25.65 -20.07 -4.81
C THR D 63 26.60 -19.98 -3.61
N HIS D 64 26.04 -19.55 -2.49
CA HIS D 64 26.79 -19.40 -1.25
C HIS D 64 25.76 -19.56 -0.13
N LEU D 65 26.15 -20.20 0.96
CA LEU D 65 25.22 -20.39 2.07
C LEU D 65 25.29 -19.29 3.12
N ALA D 66 24.13 -18.91 3.65
CA ALA D 66 24.08 -17.88 4.66
C ALA D 66 24.89 -18.36 5.86
N VAL D 67 24.77 -19.66 6.13
CA VAL D 67 25.42 -20.30 7.26
C VAL D 67 26.97 -20.25 7.18
N GLN D 68 27.49 -19.87 6.02
CA GLN D 68 28.92 -19.74 5.80
C GLN D 68 29.35 -18.29 6.02
N CYS D 69 28.40 -17.43 6.39
CA CYS D 69 28.68 -16.01 6.58
C CYS D 69 28.63 -15.54 8.03
N ASP D 70 28.71 -16.49 8.96
CA ASP D 70 28.68 -16.14 10.37
C ASP D 70 29.91 -15.31 10.70
N GLY D 71 29.71 -14.00 10.83
CA GLY D 71 30.80 -13.10 11.13
C GLY D 71 31.36 -12.42 9.89
N SER D 72 30.83 -12.72 8.72
CA SER D 72 31.28 -12.12 7.48
C SER D 72 30.84 -10.66 7.29
N GLU D 73 31.50 -9.99 6.37
CA GLU D 73 31.20 -8.60 6.02
C GLU D 73 30.53 -8.62 4.63
N VAL D 74 29.21 -8.47 4.60
CA VAL D 74 28.45 -8.47 3.36
C VAL D 74 28.03 -7.05 2.96
N LEU D 75 28.21 -6.74 1.69
CA LEU D 75 27.85 -5.43 1.14
C LEU D 75 26.79 -5.63 0.05
N THR D 76 25.67 -4.93 0.19
CA THR D 76 24.59 -5.01 -0.79
C THR D 76 24.38 -3.63 -1.40
N VAL D 77 23.59 -3.58 -2.48
CA VAL D 77 23.34 -2.31 -3.16
C VAL D 77 22.75 -1.25 -2.23
N GLU D 78 21.95 -1.69 -1.28
CA GLU D 78 21.33 -0.78 -0.33
C GLU D 78 22.35 -0.07 0.53
N GLY D 79 23.60 -0.50 0.45
CA GLY D 79 24.65 0.11 1.26
C GLY D 79 25.73 0.89 0.52
N LEU D 80 25.58 1.10 -0.78
CA LEU D 80 26.58 1.83 -1.54
C LEU D 80 26.58 3.33 -1.24
N ALA D 81 25.40 3.92 -1.16
CA ALA D 81 25.28 5.35 -0.86
C ALA D 81 25.74 5.65 0.56
N ASN D 82 26.22 6.87 0.77
CA ASN D 82 26.69 7.30 2.08
C ASN D 82 26.07 8.65 2.43
N LYS D 83 25.27 8.66 3.49
CA LYS D 83 24.60 9.88 3.96
C LYS D 83 23.70 10.42 2.83
N GLY D 84 23.20 9.51 1.99
CA GLY D 84 22.36 9.92 0.88
C GLY D 84 23.11 10.18 -0.42
N VAL D 85 24.39 10.53 -0.31
CA VAL D 85 25.22 10.80 -1.49
C VAL D 85 25.56 9.50 -2.22
N LEU D 86 25.19 9.44 -3.49
CA LEU D 86 25.44 8.26 -4.32
C LEU D 86 26.91 7.94 -4.52
N HIS D 87 27.23 6.65 -4.47
CA HIS D 87 28.57 6.17 -4.69
C HIS D 87 28.87 6.41 -6.17
N ALA D 88 30.14 6.65 -6.50
CA ALA D 88 30.55 6.91 -7.88
C ALA D 88 29.97 5.94 -8.90
N VAL D 89 29.76 4.71 -8.47
CA VAL D 89 29.24 3.65 -9.33
C VAL D 89 27.74 3.82 -9.61
N GLN D 90 26.99 4.30 -8.63
CA GLN D 90 25.55 4.53 -8.78
C GLN D 90 25.35 5.75 -9.66
N GLU D 91 26.19 6.76 -9.45
CA GLU D 91 26.15 7.99 -10.21
C GLU D 91 26.51 7.68 -11.65
N GLY D 92 27.47 6.76 -11.83
CA GLY D 92 27.89 6.38 -13.16
C GLY D 92 26.79 5.75 -13.99
N PHE D 93 26.04 4.83 -13.39
CA PHE D 93 24.96 4.16 -14.10
C PHE D 93 23.79 5.10 -14.39
N TYR D 94 23.61 6.10 -13.53
CA TYR D 94 22.54 7.08 -13.69
C TYR D 94 22.89 8.07 -14.80
N LYS D 95 24.06 8.70 -14.69
CA LYS D 95 24.51 9.67 -15.67
C LYS D 95 24.68 9.07 -17.07
N GLU D 96 25.12 7.81 -17.16
CA GLU D 96 25.34 7.19 -18.47
C GLU D 96 24.20 6.32 -19.01
N HIS D 97 23.07 6.34 -18.31
CA HIS D 97 21.91 5.53 -18.72
C HIS D 97 22.30 4.05 -18.83
N GLY D 98 22.94 3.55 -17.78
CA GLY D 98 23.37 2.16 -17.77
C GLY D 98 22.31 1.17 -17.28
N LEU D 99 21.04 1.60 -17.26
CA LEU D 99 19.97 0.72 -16.80
C LEU D 99 18.59 1.08 -17.37
N GLN D 100 17.79 0.05 -17.61
CA GLN D 100 16.45 0.22 -18.13
C GLN D 100 15.43 -0.40 -17.16
N CYS D 101 15.27 -1.73 -17.18
CA CYS D 101 14.34 -2.38 -16.27
C CYS D 101 14.93 -2.36 -14.85
N GLY D 102 16.25 -2.34 -14.76
CA GLY D 102 16.94 -2.30 -13.49
C GLY D 102 17.06 -3.59 -12.71
N PHE D 103 16.81 -4.73 -13.35
CA PHE D 103 16.89 -6.00 -12.66
C PHE D 103 18.32 -6.50 -12.44
N CYS D 104 19.19 -6.24 -13.40
CA CYS D 104 20.60 -6.64 -13.27
C CYS D 104 21.41 -5.55 -12.57
N THR D 105 20.82 -4.35 -12.46
CA THR D 105 21.51 -3.21 -11.87
C THR D 105 22.14 -3.39 -10.49
N PRO D 106 21.40 -3.87 -9.48
CA PRO D 106 22.01 -4.06 -8.16
C PRO D 106 23.28 -4.93 -8.26
N GLY D 107 23.19 -6.00 -9.05
CA GLY D 107 24.33 -6.89 -9.22
C GLY D 107 25.47 -6.24 -9.96
N MET D 108 25.13 -5.47 -10.98
CA MET D 108 26.12 -4.76 -11.79
C MET D 108 26.85 -3.75 -10.93
N LEU D 109 26.10 -3.04 -10.09
CA LEU D 109 26.66 -2.04 -9.21
C LEU D 109 27.63 -2.64 -8.20
N MET D 110 27.21 -3.72 -7.53
CA MET D 110 28.07 -4.36 -6.53
C MET D 110 29.35 -4.87 -7.19
N ARG D 111 29.22 -5.41 -8.40
CA ARG D 111 30.37 -5.91 -9.13
C ARG D 111 31.27 -4.75 -9.54
N ALA D 112 30.68 -3.70 -10.11
CA ALA D 112 31.44 -2.53 -10.54
C ALA D 112 32.20 -1.92 -9.37
N TYR D 113 31.54 -1.90 -8.21
CA TYR D 113 32.12 -1.37 -6.98
C TYR D 113 33.44 -2.07 -6.63
N ARG D 114 33.45 -3.39 -6.74
CA ARG D 114 34.63 -4.18 -6.44
C ARG D 114 35.64 -4.16 -7.60
N PHE D 115 35.15 -4.30 -8.83
CA PHE D 115 36.01 -4.28 -10.01
C PHE D 115 36.89 -3.03 -10.03
N LEU D 116 36.29 -1.88 -9.73
CA LEU D 116 37.00 -0.61 -9.72
C LEU D 116 38.11 -0.51 -8.67
N GLN D 117 38.10 -1.41 -7.69
CA GLN D 117 39.15 -1.43 -6.68
C GLN D 117 40.25 -2.38 -7.16
N GLU D 118 39.83 -3.44 -7.87
CA GLU D 118 40.76 -4.43 -8.42
C GLU D 118 41.54 -3.80 -9.57
N ASN D 119 40.86 -2.93 -10.32
CA ASN D 119 41.44 -2.26 -11.47
C ASN D 119 40.88 -0.84 -11.58
N PRO D 120 41.59 0.14 -11.01
CA PRO D 120 41.23 1.56 -11.01
C PRO D 120 41.14 2.24 -12.38
N ASN D 121 42.04 1.87 -13.30
CA ASN D 121 42.08 2.45 -14.65
C ASN D 121 41.90 1.39 -15.73
N PRO D 122 40.68 0.81 -15.84
CA PRO D 122 40.38 -0.23 -16.83
C PRO D 122 40.15 0.23 -18.25
N THR D 123 40.66 -0.54 -19.21
CA THR D 123 40.46 -0.27 -20.63
C THR D 123 39.06 -0.82 -20.93
N GLU D 124 38.52 -0.56 -22.12
CA GLU D 124 37.19 -1.08 -22.44
C GLU D 124 37.16 -2.60 -22.37
N ALA D 125 38.13 -3.23 -23.01
CA ALA D 125 38.21 -4.68 -23.01
C ALA D 125 38.22 -5.23 -21.60
N GLU D 126 39.02 -4.61 -20.74
CA GLU D 126 39.12 -5.04 -19.35
C GLU D 126 37.80 -4.89 -18.61
N ILE D 127 37.04 -3.84 -18.92
CA ILE D 127 35.74 -3.59 -18.30
C ILE D 127 34.77 -4.69 -18.69
N ARG D 128 34.64 -4.91 -20.00
CA ARG D 128 33.75 -5.92 -20.52
C ARG D 128 34.07 -7.28 -19.94
N MET D 129 35.37 -7.58 -19.84
CA MET D 129 35.83 -8.85 -19.28
C MET D 129 35.61 -8.88 -17.77
N GLY D 130 35.97 -7.79 -17.09
CA GLY D 130 35.79 -7.71 -15.65
C GLY D 130 34.33 -7.75 -15.20
N MET D 131 33.40 -7.52 -16.13
CA MET D 131 31.97 -7.52 -15.84
C MET D 131 31.23 -8.73 -16.46
N THR D 132 31.99 -9.72 -16.95
CA THR D 132 31.43 -10.90 -17.59
C THR D 132 30.48 -11.78 -16.78
N GLY D 133 30.54 -11.70 -15.47
CA GLY D 133 29.67 -12.52 -14.63
C GLY D 133 28.27 -11.97 -14.48
N ASN D 134 28.00 -10.81 -15.08
CA ASN D 134 26.69 -10.19 -14.98
C ASN D 134 26.02 -10.11 -16.34
N LEU D 135 24.83 -10.69 -16.42
CA LEU D 135 24.05 -10.69 -17.65
C LEU D 135 23.06 -9.52 -17.60
N CYS D 136 22.78 -8.92 -18.76
CA CYS D 136 21.80 -7.84 -18.86
C CYS D 136 21.00 -8.06 -20.13
N ARG D 137 19.68 -7.99 -20.01
CA ARG D 137 18.77 -8.18 -21.15
C ARG D 137 18.35 -6.88 -21.83
N CYS D 138 18.48 -5.75 -21.14
CA CYS D 138 18.04 -4.47 -21.68
C CYS D 138 19.05 -3.54 -22.35
N THR D 139 20.18 -3.30 -21.70
CA THR D 139 21.19 -2.36 -22.17
C THR D 139 22.08 -2.63 -23.36
N GLY D 140 22.43 -3.89 -23.60
CA GLY D 140 23.35 -4.17 -24.69
C GLY D 140 24.78 -3.93 -24.24
N TYR D 141 24.95 -3.66 -22.95
CA TYR D 141 26.24 -3.43 -22.31
C TYR D 141 27.00 -2.15 -22.64
N GLN D 142 26.72 -1.54 -23.78
CA GLN D 142 27.41 -0.34 -24.20
C GLN D 142 27.43 0.81 -23.18
N ASN D 143 26.26 1.21 -22.71
CA ASN D 143 26.18 2.28 -21.72
C ASN D 143 26.72 1.87 -20.35
N ILE D 144 26.77 0.55 -20.12
CA ILE D 144 27.30 0.04 -18.88
C ILE D 144 28.80 0.27 -18.84
N VAL D 145 29.51 0.01 -19.94
CA VAL D 145 30.95 0.24 -19.92
C VAL D 145 31.20 1.73 -19.81
N LYS D 146 30.29 2.55 -20.32
CA LYS D 146 30.42 4.00 -20.23
C LYS D 146 30.23 4.43 -18.77
N ALA D 147 29.31 3.73 -18.10
CA ALA D 147 28.99 3.99 -16.71
C ALA D 147 30.18 3.70 -15.81
N VAL D 148 30.84 2.57 -16.07
CA VAL D 148 32.01 2.15 -15.32
C VAL D 148 33.17 3.12 -15.58
N GLN D 149 33.28 3.59 -16.82
CA GLN D 149 34.34 4.55 -17.17
C GLN D 149 34.09 5.86 -16.44
N TYR D 150 32.82 6.19 -16.26
CA TYR D 150 32.43 7.40 -15.55
C TYR D 150 32.78 7.28 -14.07
N ALA D 151 32.45 6.12 -13.49
CA ALA D 151 32.72 5.86 -12.07
C ALA D 151 34.21 5.83 -11.82
N ALA D 152 34.95 5.27 -12.78
CA ALA D 152 36.40 5.17 -12.70
C ALA D 152 37.00 6.56 -12.61
N ARG D 153 36.57 7.45 -13.50
CA ARG D 153 37.04 8.82 -13.52
C ARG D 153 36.71 9.59 -12.23
N LYS D 154 35.48 9.43 -11.73
CA LYS D 154 35.06 10.13 -10.53
C LYS D 154 35.85 9.68 -9.30
N LEU D 155 36.23 8.41 -9.25
CA LEU D 155 36.99 7.87 -8.13
C LEU D 155 38.43 8.40 -8.12
N GLN D 156 38.93 8.80 -9.28
CA GLN D 156 40.30 9.34 -9.39
C GLN D 156 40.36 10.86 -9.25
N GLU D 157 39.22 11.49 -8.97
CA GLU D 157 39.17 12.95 -8.81
C GLU D 157 38.37 13.36 -7.57
N ASP E 7 15.14 34.71 -22.80
CA ASP E 7 14.58 34.03 -21.64
C ASP E 7 13.63 32.92 -22.10
N ALA E 8 13.25 32.97 -23.38
CA ALA E 8 12.34 31.98 -23.96
C ALA E 8 13.09 30.71 -24.34
N GLU E 9 14.34 30.85 -24.74
CA GLU E 9 15.14 29.70 -25.11
C GLU E 9 15.51 28.91 -23.85
N ALA E 10 15.78 29.65 -22.78
CA ALA E 10 16.15 29.06 -21.50
C ALA E 10 14.96 28.37 -20.84
N ARG E 11 13.81 29.02 -20.86
CA ARG E 11 12.59 28.46 -20.27
C ARG E 11 12.21 27.11 -20.88
N GLU E 12 12.30 27.00 -22.20
CA GLU E 12 11.98 25.75 -22.90
C GLU E 12 12.98 24.66 -22.50
N LEU E 13 14.24 25.03 -22.44
CA LEU E 13 15.30 24.11 -22.06
C LEU E 13 15.08 23.63 -20.62
N ALA E 14 14.65 24.53 -19.76
CA ALA E 14 14.39 24.21 -18.36
C ALA E 14 13.23 23.22 -18.16
N LEU E 15 12.41 23.06 -19.20
CA LEU E 15 11.28 22.14 -19.15
C LEU E 15 11.75 20.70 -19.27
N ALA E 16 12.83 20.50 -20.03
CA ALA E 16 13.38 19.16 -20.28
C ALA E 16 12.28 18.26 -20.88
N GLY E 17 11.58 18.82 -21.87
CA GLY E 17 10.51 18.11 -22.54
C GLY E 17 10.93 17.43 -23.83
N MET E 18 10.09 17.54 -24.85
CA MET E 18 10.33 16.91 -26.15
C MET E 18 11.69 17.18 -26.78
N GLY E 19 12.38 16.10 -27.14
CA GLY E 19 13.68 16.20 -27.76
C GLY E 19 14.88 16.21 -26.84
N ALA E 20 14.64 16.41 -25.54
CA ALA E 20 15.72 16.44 -24.56
C ALA E 20 16.23 15.07 -24.13
N SER E 21 17.54 14.97 -23.93
CA SER E 21 18.18 13.74 -23.47
C SER E 21 18.30 13.79 -21.94
N ARG E 22 17.21 14.20 -21.27
CA ARG E 22 17.20 14.27 -19.82
C ARG E 22 17.36 12.87 -19.22
N LEU E 23 18.02 12.78 -18.08
CA LEU E 23 18.25 11.51 -17.42
C LEU E 23 16.94 10.94 -16.88
N ARG E 24 16.93 9.63 -16.59
CA ARG E 24 15.72 8.97 -16.12
C ARG E 24 15.25 9.25 -14.72
N LYS E 25 13.95 9.32 -14.56
CA LYS E 25 13.32 9.56 -13.26
C LYS E 25 13.25 8.24 -12.48
N GLU E 26 13.24 7.13 -13.22
CA GLU E 26 13.17 5.76 -12.67
C GLU E 26 14.41 5.31 -11.90
N ASP E 27 15.59 5.74 -12.37
CA ASP E 27 16.89 5.36 -11.82
C ASP E 27 17.10 5.43 -10.31
N ALA E 28 16.69 6.53 -9.70
CA ALA E 28 16.88 6.73 -8.27
C ALA E 28 16.57 5.49 -7.43
N ARG E 29 15.40 4.88 -7.64
CA ARG E 29 15.02 3.70 -6.86
C ARG E 29 15.77 2.43 -7.27
N PHE E 30 15.95 2.24 -8.57
CA PHE E 30 16.63 1.06 -9.07
C PHE E 30 18.11 0.98 -8.70
N ILE E 31 18.80 2.11 -8.65
CA ILE E 31 20.23 2.09 -8.32
C ILE E 31 20.52 1.96 -6.84
N GLN E 32 19.49 2.03 -6.02
CA GLN E 32 19.65 1.91 -4.58
C GLN E 32 18.91 0.69 -4.06
N GLY E 33 18.46 -0.15 -4.99
CA GLY E 33 17.75 -1.37 -4.62
C GLY E 33 16.35 -1.17 -4.06
N LYS E 34 15.75 -0.03 -4.31
CA LYS E 34 14.41 0.26 -3.81
C LYS E 34 13.33 0.10 -4.86
N GLY E 35 13.59 -0.74 -5.85
CA GLY E 35 12.59 -0.98 -6.87
C GLY E 35 11.59 -1.94 -6.24
N ASN E 36 10.40 -2.07 -6.82
CA ASN E 36 9.42 -2.98 -6.26
C ASN E 36 8.89 -3.99 -7.29
N TYR E 37 9.54 -5.15 -7.35
CA TYR E 37 9.15 -6.22 -8.25
C TYR E 37 8.35 -7.26 -7.48
N VAL E 38 7.59 -8.08 -8.20
CA VAL E 38 6.74 -9.09 -7.60
C VAL E 38 7.37 -9.91 -6.47
N ASP E 39 8.57 -10.43 -6.67
CA ASP E 39 9.17 -11.22 -5.61
C ASP E 39 9.66 -10.42 -4.40
N ASP E 40 9.59 -9.09 -4.48
CA ASP E 40 10.01 -8.29 -3.34
C ASP E 40 8.80 -8.12 -2.42
N ILE E 41 7.62 -8.46 -2.92
CA ILE E 41 6.38 -8.33 -2.15
C ILE E 41 6.15 -9.38 -1.07
N LYS E 42 5.86 -8.89 0.14
CA LYS E 42 5.57 -9.73 1.31
C LYS E 42 4.29 -9.20 1.94
N MET E 43 3.32 -10.08 2.17
CA MET E 43 2.06 -9.67 2.77
C MET E 43 1.75 -10.50 4.02
N PRO E 44 0.92 -9.96 4.94
CA PRO E 44 0.59 -10.73 6.15
C PRO E 44 -0.04 -12.07 5.77
N GLY E 45 0.49 -13.15 6.34
CA GLY E 45 -0.04 -14.48 6.07
C GLY E 45 0.22 -15.05 4.68
N MET E 46 1.15 -14.46 3.92
CA MET E 46 1.46 -14.93 2.58
C MET E 46 2.09 -16.32 2.57
N LEU E 47 1.50 -17.22 1.77
CA LEU E 47 2.00 -18.57 1.62
C LEU E 47 2.69 -18.66 0.25
N HIS E 48 3.44 -19.73 0.01
CA HIS E 48 4.14 -19.89 -1.25
C HIS E 48 3.67 -21.09 -2.07
N MET E 49 3.52 -20.90 -3.37
CA MET E 49 3.07 -21.95 -4.26
C MET E 49 4.13 -22.41 -5.25
N ASP E 50 4.23 -23.72 -5.44
CA ASP E 50 5.16 -24.29 -6.40
C ASP E 50 4.36 -25.31 -7.24
N ILE E 51 4.79 -25.52 -8.48
CA ILE E 51 4.10 -26.41 -9.39
C ILE E 51 4.77 -27.76 -9.69
N VAL E 52 3.98 -28.83 -9.66
CA VAL E 52 4.44 -30.17 -10.00
C VAL E 52 4.29 -30.21 -11.53
N ARG E 53 5.40 -30.37 -12.24
CA ARG E 53 5.38 -30.38 -13.71
C ARG E 53 5.63 -31.74 -14.38
N ALA E 54 5.12 -31.88 -15.60
CA ALA E 54 5.24 -33.11 -16.39
C ALA E 54 6.67 -33.46 -16.86
N PRO E 55 7.13 -34.68 -16.53
CA PRO E 55 8.47 -35.15 -16.91
C PRO E 55 8.51 -35.67 -18.36
N ILE E 56 7.33 -35.95 -18.91
CA ILE E 56 7.20 -36.45 -20.28
C ILE E 56 6.50 -35.42 -21.16
N ALA E 57 6.55 -35.62 -22.47
CA ALA E 57 5.96 -34.71 -23.43
C ALA E 57 4.50 -34.96 -23.80
N HIS E 58 4.09 -36.23 -23.79
CA HIS E 58 2.73 -36.59 -24.16
C HIS E 58 2.33 -37.90 -23.47
N GLY E 59 1.20 -37.90 -22.77
CA GLY E 59 0.74 -39.09 -22.09
C GLY E 59 -0.46 -38.89 -21.19
N ARG E 60 -1.13 -40.00 -20.86
CA ARG E 60 -2.30 -39.94 -19.99
C ARG E 60 -1.90 -39.94 -18.52
N ILE E 61 -2.67 -39.23 -17.70
CA ILE E 61 -2.39 -39.18 -16.27
C ILE E 61 -3.19 -40.27 -15.56
N LYS E 62 -2.49 -41.31 -15.14
CA LYS E 62 -3.11 -42.43 -14.45
C LYS E 62 -3.54 -42.07 -13.03
N LYS E 63 -2.61 -41.51 -12.25
CA LYS E 63 -2.91 -41.14 -10.87
C LYS E 63 -1.89 -40.15 -10.30
N ILE E 64 -2.37 -39.28 -9.40
CA ILE E 64 -1.52 -38.29 -8.73
C ILE E 64 -1.58 -38.58 -7.22
N HIS E 65 -0.42 -38.69 -6.57
CA HIS E 65 -0.35 -38.96 -5.13
C HIS E 65 -0.07 -37.69 -4.33
N LYS E 66 -1.03 -37.30 -3.49
CA LYS E 66 -0.97 -36.10 -2.67
C LYS E 66 -0.67 -36.32 -1.19
N ASP E 67 -0.91 -37.53 -0.70
CA ASP E 67 -0.72 -37.84 0.73
C ASP E 67 0.61 -37.50 1.37
N ALA E 68 1.70 -37.90 0.75
CA ALA E 68 3.04 -37.63 1.29
C ALA E 68 3.29 -36.12 1.40
N ALA E 69 2.94 -35.39 0.35
CA ALA E 69 3.12 -33.95 0.33
C ALA E 69 2.24 -33.28 1.38
N LEU E 70 0.97 -33.69 1.45
CA LEU E 70 0.04 -33.13 2.42
C LEU E 70 0.44 -33.33 3.88
N ALA E 71 1.07 -34.47 4.19
CA ALA E 71 1.50 -34.79 5.55
C ALA E 71 2.76 -34.03 5.99
N MET E 72 3.49 -33.50 5.02
CA MET E 72 4.70 -32.74 5.26
C MET E 72 4.37 -31.48 6.06
N PRO E 73 5.11 -31.24 7.16
CA PRO E 73 4.82 -30.05 7.96
C PRO E 73 5.13 -28.77 7.19
N GLY E 74 4.17 -27.85 7.19
CA GLY E 74 4.33 -26.59 6.48
C GLY E 74 3.56 -26.55 5.17
N VAL E 75 3.08 -27.71 4.71
CA VAL E 75 2.31 -27.75 3.48
C VAL E 75 0.85 -27.58 3.87
N HIS E 76 0.17 -26.66 3.20
CA HIS E 76 -1.22 -26.36 3.50
C HIS E 76 -2.25 -27.01 2.58
N ALA E 77 -1.85 -27.22 1.33
CA ALA E 77 -2.76 -27.83 0.36
C ALA E 77 -2.04 -28.25 -0.90
N VAL E 78 -2.62 -29.24 -1.59
CA VAL E 78 -2.10 -29.75 -2.84
C VAL E 78 -3.31 -29.79 -3.75
N LEU E 79 -3.28 -29.04 -4.85
CA LEU E 79 -4.41 -29.02 -5.77
C LEU E 79 -4.07 -29.60 -7.14
N THR E 80 -5.10 -30.10 -7.81
CA THR E 80 -4.98 -30.70 -9.13
C THR E 80 -6.09 -30.15 -10.02
N ALA E 81 -6.24 -30.70 -11.23
CA ALA E 81 -7.30 -30.26 -12.12
C ALA E 81 -8.67 -30.59 -11.53
N GLU E 82 -8.71 -31.57 -10.63
CA GLU E 82 -9.96 -31.98 -9.97
C GLU E 82 -10.52 -30.86 -9.09
N ASP E 83 -9.63 -30.09 -8.49
CA ASP E 83 -10.07 -28.98 -7.62
C ASP E 83 -10.42 -27.76 -8.46
N LEU E 84 -10.08 -27.81 -9.74
CA LEU E 84 -10.36 -26.71 -10.66
C LEU E 84 -11.63 -26.90 -11.49
N LYS E 85 -12.08 -28.15 -11.65
CA LYS E 85 -13.27 -28.44 -12.44
C LYS E 85 -14.55 -27.75 -11.93
N PRO E 86 -14.83 -27.82 -10.61
CA PRO E 86 -16.03 -27.18 -10.03
C PRO E 86 -16.11 -25.68 -10.30
N LEU E 87 -14.98 -25.07 -10.63
CA LEU E 87 -14.93 -23.64 -10.89
C LEU E 87 -14.77 -23.38 -12.38
N LYS E 88 -14.78 -24.46 -13.18
CA LYS E 88 -14.60 -24.39 -14.64
C LYS E 88 -13.28 -23.70 -14.98
N LEU E 89 -12.23 -24.00 -14.22
CA LEU E 89 -10.93 -23.40 -14.42
C LEU E 89 -9.77 -24.31 -14.78
N HIS E 90 -10.00 -25.60 -14.99
CA HIS E 90 -8.91 -26.49 -15.38
C HIS E 90 -8.44 -26.14 -16.80
N TRP E 91 -9.26 -25.35 -17.49
CA TRP E 91 -8.98 -24.85 -18.84
C TRP E 91 -9.28 -23.34 -18.80
N MET E 92 -8.59 -22.58 -19.65
CA MET E 92 -8.78 -21.12 -19.71
C MET E 92 -8.69 -20.62 -21.15
N PRO E 93 -9.38 -19.51 -21.46
CA PRO E 93 -9.37 -18.91 -22.81
C PRO E 93 -8.03 -18.24 -23.07
N THR E 94 -7.58 -18.29 -24.32
CA THR E 94 -6.32 -17.68 -24.70
C THR E 94 -6.60 -16.51 -25.62
N LEU E 95 -5.62 -15.64 -25.81
CA LEU E 95 -5.79 -14.48 -26.69
C LEU E 95 -6.01 -14.94 -28.12
N ALA E 96 -5.54 -16.14 -28.44
CA ALA E 96 -5.65 -16.71 -29.77
C ALA E 96 -7.04 -17.30 -30.10
N GLY E 97 -7.92 -17.36 -29.09
CA GLY E 97 -9.25 -17.90 -29.31
C GLY E 97 -9.41 -19.37 -29.02
N ASP E 98 -8.31 -20.02 -28.66
CA ASP E 98 -8.29 -21.45 -28.32
C ASP E 98 -8.32 -21.54 -26.78
N VAL E 99 -8.23 -22.75 -26.24
CA VAL E 99 -8.22 -22.93 -24.78
C VAL E 99 -6.92 -23.59 -24.36
N ALA E 100 -6.46 -23.28 -23.14
CA ALA E 100 -5.22 -23.85 -22.63
C ALA E 100 -5.43 -24.50 -21.28
N ALA E 101 -4.72 -25.60 -21.04
CA ALA E 101 -4.84 -26.30 -19.76
C ALA E 101 -4.16 -25.51 -18.63
N VAL E 102 -4.89 -25.30 -17.54
CA VAL E 102 -4.36 -24.59 -16.37
C VAL E 102 -3.58 -25.64 -15.59
N LEU E 103 -4.19 -26.82 -15.44
CA LEU E 103 -3.57 -27.96 -14.78
C LEU E 103 -3.96 -29.16 -15.63
N ALA E 104 -2.98 -30.00 -15.96
CA ALA E 104 -3.23 -31.18 -16.79
C ALA E 104 -4.30 -32.09 -16.16
N ASP E 105 -5.37 -32.33 -16.93
CA ASP E 105 -6.48 -33.16 -16.45
C ASP E 105 -6.32 -34.62 -16.83
N GLU E 106 -6.80 -34.98 -18.02
CA GLU E 106 -6.72 -36.34 -18.48
C GLU E 106 -5.38 -36.72 -19.11
N LYS E 107 -4.63 -35.72 -19.57
CA LYS E 107 -3.33 -35.96 -20.21
C LYS E 107 -2.43 -34.74 -20.20
N VAL E 108 -1.17 -34.95 -20.56
CA VAL E 108 -0.20 -33.86 -20.65
C VAL E 108 0.15 -33.68 -22.12
N HIS E 109 0.20 -32.42 -22.54
CA HIS E 109 0.47 -32.08 -23.92
C HIS E 109 1.91 -31.63 -24.20
N PHE E 110 2.65 -31.29 -23.16
CA PHE E 110 4.04 -30.89 -23.36
C PHE E 110 4.86 -31.07 -22.09
N GLN E 111 6.16 -31.30 -22.28
CA GLN E 111 7.05 -31.51 -21.14
C GLN E 111 7.11 -30.24 -20.28
N MET E 112 7.10 -30.45 -18.97
CA MET E 112 7.12 -29.37 -17.98
C MET E 112 5.77 -28.67 -17.83
N GLN E 113 4.71 -29.31 -18.29
CA GLN E 113 3.37 -28.71 -18.17
C GLN E 113 2.90 -28.76 -16.72
N GLU E 114 2.07 -27.79 -16.35
CA GLU E 114 1.53 -27.70 -15.00
C GLU E 114 0.55 -28.85 -14.70
N VAL E 115 0.96 -29.75 -13.82
CA VAL E 115 0.14 -30.90 -13.45
C VAL E 115 -0.56 -30.76 -12.10
N ALA E 116 0.13 -30.20 -11.11
CA ALA E 116 -0.46 -29.98 -9.79
C ALA E 116 0.30 -28.86 -9.08
N ILE E 117 -0.32 -28.29 -8.06
CA ILE E 117 0.31 -27.22 -7.29
C ILE E 117 0.31 -27.54 -5.81
N VAL E 118 1.28 -26.96 -5.10
CA VAL E 118 1.38 -27.13 -3.66
C VAL E 118 1.53 -25.76 -3.06
N ILE E 119 0.97 -25.58 -1.86
CA ILE E 119 1.07 -24.33 -1.13
C ILE E 119 1.74 -24.64 0.20
N ALA E 120 2.77 -23.87 0.53
CA ALA E 120 3.53 -24.08 1.75
C ALA E 120 3.97 -22.77 2.39
N ASP E 121 4.53 -22.87 3.60
CA ASP E 121 4.98 -21.70 4.34
C ASP E 121 6.04 -20.85 3.63
N ASP E 122 6.86 -21.49 2.78
CA ASP E 122 7.89 -20.79 2.03
C ASP E 122 8.29 -21.62 0.82
N ARG E 123 9.10 -21.02 -0.05
CA ARG E 123 9.56 -21.67 -1.27
C ARG E 123 10.46 -22.89 -1.05
N TYR E 124 11.05 -23.00 0.13
CA TYR E 124 11.91 -24.14 0.42
C TYR E 124 11.08 -25.39 0.69
N ILE E 125 10.08 -25.25 1.55
CA ILE E 125 9.19 -26.36 1.87
C ILE E 125 8.36 -26.68 0.63
N ALA E 126 8.02 -25.63 -0.13
CA ALA E 126 7.24 -25.80 -1.35
C ALA E 126 7.98 -26.67 -2.35
N ALA E 127 9.25 -26.35 -2.60
CA ALA E 127 10.04 -27.12 -3.54
C ALA E 127 10.09 -28.58 -3.10
N ASP E 128 10.22 -28.80 -1.79
CA ASP E 128 10.25 -30.14 -1.22
C ASP E 128 8.93 -30.86 -1.52
N ALA E 129 7.84 -30.16 -1.24
CA ALA E 129 6.49 -30.69 -1.47
C ALA E 129 6.28 -31.12 -2.93
N VAL E 130 6.92 -30.42 -3.87
CA VAL E 130 6.80 -30.77 -5.28
C VAL E 130 7.47 -32.12 -5.53
N GLU E 131 8.65 -32.34 -4.96
CA GLU E 131 9.37 -33.61 -5.14
C GLU E 131 8.63 -34.77 -4.48
N ALA E 132 7.93 -34.49 -3.40
CA ALA E 132 7.18 -35.51 -2.66
C ALA E 132 5.91 -35.94 -3.38
N VAL E 133 5.47 -35.18 -4.37
CA VAL E 133 4.28 -35.53 -5.13
C VAL E 133 4.66 -36.46 -6.28
N LYS E 134 4.22 -37.71 -6.19
CA LYS E 134 4.49 -38.71 -7.22
C LYS E 134 3.35 -38.77 -8.23
N VAL E 135 3.68 -38.87 -9.52
CA VAL E 135 2.67 -38.94 -10.56
C VAL E 135 2.95 -40.07 -11.54
N GLU E 136 1.92 -40.85 -11.85
CA GLU E 136 2.01 -41.95 -12.80
C GLU E 136 1.40 -41.54 -14.16
N TYR E 137 2.12 -41.85 -15.23
CA TYR E 137 1.66 -41.51 -16.59
C TYR E 137 1.78 -42.71 -17.54
N ASP E 138 0.99 -42.68 -18.61
CA ASP E 138 1.02 -43.68 -19.68
C ASP E 138 1.52 -42.90 -20.88
N GLU E 139 2.77 -43.14 -21.29
CA GLU E 139 3.33 -42.41 -22.43
C GLU E 139 2.60 -42.61 -23.76
N LEU E 140 2.53 -41.53 -24.53
CA LEU E 140 1.88 -41.53 -25.84
C LEU E 140 2.86 -41.05 -26.89
N PRO E 141 2.68 -41.46 -28.15
CA PRO E 141 3.61 -41.02 -29.21
C PRO E 141 3.67 -39.49 -29.34
N VAL E 142 4.89 -39.00 -29.28
CA VAL E 142 5.17 -37.57 -29.36
C VAL E 142 5.12 -37.01 -30.77
N VAL E 143 4.82 -35.71 -30.86
CA VAL E 143 4.75 -34.98 -32.12
C VAL E 143 5.61 -33.73 -31.93
N ILE E 144 6.73 -33.67 -32.66
CA ILE E 144 7.63 -32.53 -32.55
C ILE E 144 7.81 -31.73 -33.85
N ASP E 145 7.53 -32.36 -34.98
CA ASP E 145 7.67 -31.68 -36.27
C ASP E 145 6.29 -31.36 -36.86
N PRO E 146 6.07 -30.09 -37.27
CA PRO E 146 4.81 -29.64 -37.86
C PRO E 146 4.36 -30.48 -39.05
N ILE E 147 5.30 -30.82 -39.92
CA ILE E 147 4.98 -31.62 -41.10
C ILE E 147 4.50 -33.01 -40.70
N ASP E 148 5.21 -33.64 -39.78
CA ASP E 148 4.85 -34.97 -39.30
C ASP E 148 3.52 -34.94 -38.54
N ALA E 149 3.18 -33.77 -38.00
CA ALA E 149 1.96 -33.57 -37.24
C ALA E 149 0.68 -33.66 -38.07
N LEU E 150 0.77 -33.32 -39.35
CA LEU E 150 -0.39 -33.33 -40.22
C LEU E 150 -0.64 -34.62 -41.00
N LYS E 151 0.20 -35.62 -40.78
CA LYS E 151 0.06 -36.91 -41.46
C LYS E 151 -1.20 -37.61 -40.96
N PRO E 152 -1.87 -38.38 -41.83
CA PRO E 152 -3.10 -39.09 -41.48
C PRO E 152 -3.00 -39.89 -40.19
N ASP E 153 -1.92 -40.67 -40.06
CA ASP E 153 -1.71 -41.49 -38.87
C ASP E 153 -1.12 -40.77 -37.67
N ALA E 154 -0.95 -39.45 -37.78
CA ALA E 154 -0.39 -38.66 -36.68
C ALA E 154 -1.32 -38.77 -35.47
N PRO E 155 -0.74 -38.94 -34.28
CA PRO E 155 -1.54 -39.05 -33.05
C PRO E 155 -2.38 -37.81 -32.77
N VAL E 156 -3.50 -38.02 -32.10
CA VAL E 156 -4.40 -36.94 -31.75
C VAL E 156 -3.89 -36.28 -30.48
N LEU E 157 -3.56 -34.99 -30.57
CA LEU E 157 -3.06 -34.26 -29.42
C LEU E 157 -4.22 -33.68 -28.65
N ARG E 158 -5.00 -32.85 -29.33
CA ARG E 158 -6.15 -32.19 -28.72
C ARG E 158 -7.43 -33.01 -28.84
N GLU E 159 -7.57 -33.99 -27.96
CA GLU E 159 -8.74 -34.86 -27.92
C GLU E 159 -9.96 -34.13 -27.41
N ASP E 160 -9.72 -32.97 -26.78
CA ASP E 160 -10.79 -32.14 -26.23
C ASP E 160 -11.62 -31.49 -27.33
N LEU E 161 -11.00 -31.14 -28.45
CA LEU E 161 -11.77 -30.56 -29.53
C LEU E 161 -12.01 -31.55 -30.66
N ALA E 162 -12.19 -32.81 -30.29
CA ALA E 162 -12.46 -33.87 -31.26
C ALA E 162 -13.91 -33.73 -31.74
N GLY E 163 -14.09 -33.68 -33.05
CA GLY E 163 -15.42 -33.54 -33.61
C GLY E 163 -15.73 -32.13 -34.10
N LYS E 164 -14.76 -31.23 -33.98
CA LYS E 164 -14.93 -29.85 -34.42
C LYS E 164 -14.29 -29.64 -35.79
N THR E 165 -15.12 -29.27 -36.75
CA THR E 165 -14.69 -29.05 -38.13
C THR E 165 -14.24 -27.61 -38.39
N SER E 166 -14.36 -26.77 -37.37
CA SER E 166 -13.96 -25.37 -37.46
C SER E 166 -13.36 -24.92 -36.12
N GLY E 167 -12.63 -23.81 -36.16
CA GLY E 167 -12.02 -23.27 -34.96
C GLY E 167 -12.30 -21.79 -34.85
N ALA E 168 -11.46 -21.10 -34.07
CA ALA E 168 -11.61 -19.65 -33.89
C ALA E 168 -11.18 -18.83 -35.10
N HIS E 169 -10.42 -19.43 -36.00
CA HIS E 169 -9.92 -18.74 -37.19
C HIS E 169 -10.28 -19.41 -38.51
N GLY E 170 -11.43 -20.07 -38.55
CA GLY E 170 -11.86 -20.74 -39.76
C GLY E 170 -11.88 -22.25 -39.68
N PRO E 171 -12.12 -22.94 -40.82
CA PRO E 171 -12.17 -24.39 -40.92
C PRO E 171 -10.84 -25.10 -40.64
N ARG E 172 -10.93 -26.27 -40.04
CA ARG E 172 -9.75 -27.07 -39.72
C ARG E 172 -9.78 -28.37 -40.52
N GLU E 173 -8.75 -28.59 -41.33
CA GLU E 173 -8.63 -29.77 -42.20
C GLU E 173 -8.06 -31.04 -41.58
N HIS E 174 -7.38 -30.90 -40.44
CA HIS E 174 -6.76 -32.04 -39.75
C HIS E 174 -6.89 -31.79 -38.24
N HIS E 175 -6.88 -32.86 -37.45
CA HIS E 175 -7.00 -32.72 -36.00
C HIS E 175 -5.85 -31.95 -35.34
N ASN E 176 -4.72 -31.82 -36.02
CA ASN E 176 -3.57 -31.07 -35.49
C ASN E 176 -3.45 -29.73 -36.21
N HIS E 177 -4.36 -29.49 -37.14
CA HIS E 177 -4.37 -28.24 -37.90
C HIS E 177 -5.11 -27.18 -37.10
N ILE E 178 -4.48 -26.04 -36.86
CA ILE E 178 -5.12 -24.98 -36.09
C ILE E 178 -5.88 -24.03 -37.00
N PHE E 179 -5.22 -23.56 -38.05
CA PHE E 179 -5.85 -22.61 -38.98
C PHE E 179 -5.02 -22.35 -40.25
N THR E 180 -5.64 -21.67 -41.19
CA THR E 180 -4.99 -21.28 -42.43
C THR E 180 -5.48 -19.87 -42.67
N TRP E 181 -4.54 -18.95 -42.78
CA TRP E 181 -4.85 -17.55 -42.98
C TRP E 181 -4.05 -17.04 -44.17
N GLY E 182 -4.64 -16.13 -44.93
CA GLY E 182 -3.96 -15.56 -46.08
C GLY E 182 -4.34 -14.12 -46.33
N ALA E 183 -3.50 -13.41 -47.08
CA ALA E 183 -3.74 -12.00 -47.41
C ALA E 183 -3.06 -11.67 -48.74
N GLY E 184 -3.58 -10.65 -49.43
CA GLY E 184 -3.05 -10.25 -50.71
C GLY E 184 -3.86 -10.87 -51.83
N ASP E 185 -3.54 -10.53 -53.08
CA ASP E 185 -4.26 -11.07 -54.23
C ASP E 185 -3.60 -12.37 -54.71
N LYS E 186 -4.25 -13.49 -54.45
CA LYS E 186 -3.74 -14.81 -54.84
C LYS E 186 -3.72 -15.05 -56.35
N ALA E 187 -4.85 -14.88 -57.01
CA ALA E 187 -4.96 -15.10 -58.46
C ALA E 187 -4.00 -14.20 -59.23
N ALA E 188 -3.93 -12.94 -58.84
CA ALA E 188 -3.06 -11.99 -59.51
C ALA E 188 -1.58 -12.33 -59.30
N THR E 189 -1.23 -12.73 -58.08
CA THR E 189 0.14 -13.09 -57.76
C THR E 189 0.59 -14.31 -58.55
N ASP E 190 -0.26 -15.35 -58.58
CA ASP E 190 0.03 -16.57 -59.33
C ASP E 190 0.27 -16.26 -60.80
N ALA E 191 -0.49 -15.30 -61.33
CA ALA E 191 -0.36 -14.89 -62.72
C ALA E 191 1.03 -14.30 -63.04
N VAL E 192 1.57 -13.47 -62.14
CA VAL E 192 2.89 -12.87 -62.35
C VAL E 192 3.95 -13.96 -62.34
N PHE E 193 3.86 -14.83 -61.34
CA PHE E 193 4.83 -15.92 -61.20
C PHE E 193 4.77 -16.95 -62.32
N ALA E 194 3.59 -17.10 -62.93
CA ALA E 194 3.41 -18.05 -64.00
C ALA E 194 4.19 -17.69 -65.27
N ASN E 195 4.34 -16.40 -65.54
CA ASN E 195 5.04 -15.93 -66.74
C ASN E 195 6.27 -15.04 -66.53
N ALA E 196 6.61 -14.73 -65.29
CA ALA E 196 7.75 -13.85 -65.02
C ALA E 196 9.09 -14.39 -65.54
N PRO E 197 9.95 -13.48 -66.06
CA PRO E 197 11.25 -13.88 -66.59
C PRO E 197 12.27 -14.35 -65.54
N VAL E 198 12.29 -13.70 -64.39
CA VAL E 198 13.21 -14.07 -63.32
C VAL E 198 12.42 -14.59 -62.14
N THR E 199 12.83 -15.73 -61.60
CA THR E 199 12.12 -16.32 -60.48
C THR E 199 13.05 -16.99 -59.48
N VAL E 200 12.91 -16.60 -58.21
CA VAL E 200 13.70 -17.17 -57.12
C VAL E 200 12.80 -17.73 -56.03
N SER E 201 13.25 -18.83 -55.45
CA SER E 201 12.52 -19.52 -54.39
C SER E 201 13.52 -19.90 -53.29
N GLN E 202 13.11 -19.75 -52.02
CA GLN E 202 13.99 -20.07 -50.90
C GLN E 202 13.25 -20.57 -49.68
N HIS E 203 13.66 -21.72 -49.17
CA HIS E 203 13.05 -22.25 -47.97
C HIS E 203 13.94 -21.80 -46.82
N MET E 204 13.33 -21.32 -45.74
CA MET E 204 14.08 -20.86 -44.57
C MET E 204 13.32 -21.15 -43.29
N TYR E 205 14.06 -21.43 -42.23
CA TYR E 205 13.45 -21.73 -40.94
C TYR E 205 13.84 -20.64 -39.94
N TYR E 206 12.85 -20.00 -39.33
CA TYR E 206 13.07 -18.98 -38.31
C TYR E 206 12.89 -19.78 -37.01
N PRO E 207 14.01 -20.20 -36.40
CA PRO E 207 14.02 -20.99 -35.17
C PRO E 207 13.27 -20.47 -33.94
N ARG E 208 12.72 -21.43 -33.20
CA ARG E 208 12.00 -21.17 -31.97
C ARG E 208 13.01 -20.64 -30.95
N VAL E 209 12.75 -19.44 -30.43
CA VAL E 209 13.64 -18.84 -29.44
C VAL E 209 12.80 -18.35 -28.28
N HIS E 210 13.45 -17.92 -27.21
CA HIS E 210 12.72 -17.45 -26.04
C HIS E 210 13.16 -16.07 -25.58
N PRO E 211 12.20 -15.19 -25.29
CA PRO E 211 12.44 -13.81 -24.84
C PRO E 211 13.34 -13.70 -23.62
N CYS E 212 13.29 -14.74 -22.76
CA CYS E 212 14.09 -14.85 -21.54
C CYS E 212 14.41 -13.56 -20.78
N PRO E 213 13.38 -12.88 -20.25
CA PRO E 213 13.63 -11.64 -19.51
C PRO E 213 14.38 -12.02 -18.22
N LEU E 214 15.26 -11.15 -17.75
CA LEU E 214 16.03 -11.47 -16.54
C LEU E 214 15.13 -11.83 -15.35
N GLU E 215 14.04 -11.10 -15.18
CA GLU E 215 13.09 -11.41 -14.12
C GLU E 215 12.05 -12.34 -14.73
N THR E 216 11.85 -13.51 -14.13
CA THR E 216 10.87 -14.47 -14.63
C THR E 216 9.46 -14.02 -14.25
N CYS E 217 8.46 -14.79 -14.67
CA CYS E 217 7.08 -14.47 -14.35
C CYS E 217 6.75 -14.81 -12.90
N GLY E 218 5.76 -14.11 -12.36
CA GLY E 218 5.35 -14.36 -10.99
C GLY E 218 4.19 -13.47 -10.58
N CYS E 219 3.56 -13.79 -9.45
CA CYS E 219 2.45 -13.01 -8.94
C CYS E 219 2.25 -13.24 -7.44
N VAL E 220 1.54 -12.32 -6.81
CA VAL E 220 1.19 -12.44 -5.40
C VAL E 220 -0.30 -12.16 -5.44
N ALA E 221 -1.08 -13.24 -5.40
CA ALA E 221 -2.53 -13.16 -5.45
C ALA E 221 -3.07 -13.02 -4.04
N SER E 222 -4.09 -12.19 -3.86
CA SER E 222 -4.66 -11.99 -2.53
C SER E 222 -6.15 -11.71 -2.49
N PHE E 223 -6.93 -12.72 -2.11
CA PHE E 223 -8.37 -12.55 -2.00
C PHE E 223 -8.71 -12.29 -0.53
N ASP E 224 -9.35 -11.17 -0.27
CA ASP E 224 -9.73 -10.79 1.10
C ASP E 224 -11.20 -11.19 1.32
N PRO E 225 -11.44 -12.30 2.04
CA PRO E 225 -12.79 -12.81 2.32
C PRO E 225 -13.70 -11.86 3.10
N ILE E 226 -13.09 -10.96 3.86
CA ILE E 226 -13.82 -9.98 4.65
C ILE E 226 -14.39 -8.90 3.74
N LYS E 227 -13.51 -8.24 2.98
CA LYS E 227 -13.94 -7.20 2.04
C LYS E 227 -14.52 -7.80 0.77
N GLY E 228 -14.28 -9.10 0.56
CA GLY E 228 -14.77 -9.80 -0.60
C GLY E 228 -14.17 -9.41 -1.93
N ASP E 229 -12.93 -8.91 -1.91
CA ASP E 229 -12.30 -8.52 -3.17
C ASP E 229 -10.88 -9.00 -3.38
N LEU E 230 -10.53 -9.22 -4.65
CA LEU E 230 -9.22 -9.73 -5.04
C LEU E 230 -8.24 -8.66 -5.48
N THR E 231 -7.02 -8.81 -5.00
CA THR E 231 -5.92 -7.91 -5.34
C THR E 231 -4.74 -8.80 -5.67
N THR E 232 -4.23 -8.71 -6.89
CA THR E 232 -3.09 -9.52 -7.28
C THR E 232 -2.01 -8.71 -8.01
N TYR E 233 -0.81 -8.73 -7.43
CA TYR E 233 0.36 -8.04 -7.99
C TYR E 233 0.92 -9.01 -9.01
N ILE E 234 1.32 -8.51 -10.18
CA ILE E 234 1.76 -9.43 -11.22
C ILE E 234 2.67 -8.93 -12.34
N THR E 235 3.47 -9.84 -12.87
CA THR E 235 4.37 -9.54 -13.99
C THR E 235 3.53 -9.59 -15.28
N SER E 236 2.70 -8.56 -15.48
CA SER E 236 1.83 -8.48 -16.66
C SER E 236 2.04 -7.23 -17.49
N GLN E 237 2.01 -7.40 -18.81
CA GLN E 237 2.16 -6.29 -19.74
C GLN E 237 0.81 -5.69 -20.14
N ALA E 238 -0.27 -6.21 -19.55
CA ALA E 238 -1.61 -5.73 -19.84
C ALA E 238 -2.50 -6.04 -18.64
N PRO E 239 -2.25 -5.38 -17.50
CA PRO E 239 -3.00 -5.56 -16.25
C PRO E 239 -4.48 -5.28 -16.35
N HIS E 240 -4.88 -4.30 -17.16
CA HIS E 240 -6.30 -3.99 -17.32
C HIS E 240 -7.03 -5.14 -17.99
N VAL E 241 -6.44 -5.67 -19.06
CA VAL E 241 -7.02 -6.79 -19.77
C VAL E 241 -7.10 -8.00 -18.82
N VAL E 242 -6.07 -8.19 -18.01
CA VAL E 242 -6.08 -9.29 -17.05
C VAL E 242 -7.23 -9.11 -16.06
N ARG E 243 -7.43 -7.88 -15.59
CA ARG E 243 -8.48 -7.59 -14.64
C ARG E 243 -9.85 -7.98 -15.20
N THR E 244 -10.12 -7.57 -16.44
CA THR E 244 -11.39 -7.91 -17.08
C THR E 244 -11.53 -9.42 -17.18
N VAL E 245 -10.48 -10.08 -17.66
CA VAL E 245 -10.50 -11.53 -17.80
C VAL E 245 -10.67 -12.27 -16.48
N VAL E 246 -9.88 -11.88 -15.47
CA VAL E 246 -9.97 -12.53 -14.17
C VAL E 246 -11.37 -12.38 -13.58
N SER E 247 -11.96 -11.19 -13.75
CA SER E 247 -13.31 -10.93 -13.25
C SER E 247 -14.34 -11.91 -13.81
N MET E 248 -14.32 -12.10 -15.12
CA MET E 248 -15.27 -13.01 -15.76
C MET E 248 -15.09 -14.49 -15.44
N LEU E 249 -13.84 -14.91 -15.34
CA LEU E 249 -13.55 -16.30 -15.03
C LEU E 249 -13.86 -16.65 -13.58
N SER E 250 -13.77 -15.66 -12.70
CA SER E 250 -14.02 -15.87 -11.27
C SER E 250 -15.42 -15.49 -10.75
N GLY E 251 -16.14 -14.68 -11.51
CA GLY E 251 -17.47 -14.28 -11.07
C GLY E 251 -17.42 -13.12 -10.09
N ILE E 252 -16.21 -12.70 -9.72
CA ILE E 252 -16.05 -11.57 -8.80
C ILE E 252 -16.26 -10.30 -9.63
N PRO E 253 -17.18 -9.42 -9.21
CA PRO E 253 -17.42 -8.18 -9.96
C PRO E 253 -16.13 -7.41 -10.21
N GLU E 254 -15.94 -7.00 -11.47
CA GLU E 254 -14.73 -6.30 -11.90
C GLU E 254 -14.26 -5.16 -11.00
N SER E 255 -15.19 -4.40 -10.43
CA SER E 255 -14.83 -3.29 -9.57
C SER E 255 -14.17 -3.77 -8.28
N LYS E 256 -14.34 -5.06 -7.98
CA LYS E 256 -13.78 -5.67 -6.79
C LYS E 256 -12.51 -6.44 -7.13
N VAL E 257 -12.02 -6.25 -8.36
CA VAL E 257 -10.79 -6.91 -8.78
C VAL E 257 -9.76 -5.83 -9.06
N ARG E 258 -8.61 -5.93 -8.41
CA ARG E 258 -7.53 -4.97 -8.57
C ARG E 258 -6.25 -5.69 -9.00
N ILE E 259 -5.79 -5.40 -10.22
CA ILE E 259 -4.58 -6.01 -10.75
C ILE E 259 -3.50 -4.95 -10.81
N VAL E 260 -2.32 -5.24 -10.28
CA VAL E 260 -1.26 -4.23 -10.31
C VAL E 260 0.11 -4.71 -10.74
N SER E 261 0.56 -4.14 -11.86
CA SER E 261 1.86 -4.47 -12.40
C SER E 261 2.80 -3.45 -11.79
N PRO E 262 3.68 -3.90 -10.89
CA PRO E 262 4.65 -3.04 -10.20
C PRO E 262 5.83 -2.84 -11.15
N ASP E 263 7.04 -2.74 -10.60
CA ASP E 263 8.22 -2.61 -11.46
C ASP E 263 8.43 -4.00 -12.07
N ILE E 264 8.64 -4.06 -13.37
CA ILE E 264 8.85 -5.34 -14.03
C ILE E 264 10.26 -5.40 -14.63
N GLY E 265 10.96 -6.50 -14.38
CA GLY E 265 12.32 -6.66 -14.89
C GLY E 265 12.33 -7.11 -16.33
N GLY E 266 11.75 -6.29 -17.21
CA GLY E 266 11.71 -6.62 -18.62
C GLY E 266 10.53 -7.50 -18.97
N GLY E 267 9.93 -7.25 -20.13
CA GLY E 267 8.79 -8.03 -20.57
C GLY E 267 9.12 -8.66 -21.89
N PHE E 268 9.37 -7.80 -22.88
CA PHE E 268 9.73 -8.21 -24.24
C PHE E 268 8.64 -9.02 -24.94
N GLY E 269 7.44 -9.02 -24.38
CA GLY E 269 6.33 -9.76 -24.97
C GLY E 269 6.07 -11.03 -24.19
N ASN E 270 7.05 -11.45 -23.40
CA ASN E 270 6.93 -12.64 -22.59
C ASN E 270 5.89 -12.55 -21.48
N LYS E 271 5.59 -11.33 -21.03
CA LYS E 271 4.64 -11.15 -19.93
C LYS E 271 3.27 -10.57 -20.32
N VAL E 272 2.85 -10.85 -21.55
CA VAL E 272 1.58 -10.38 -22.06
C VAL E 272 0.46 -11.35 -21.67
N GLY E 273 0.72 -12.64 -21.80
CA GLY E 273 -0.29 -13.63 -21.50
C GLY E 273 -0.48 -14.02 -20.05
N ILE E 274 -1.60 -14.71 -19.83
CA ILE E 274 -1.96 -15.22 -18.51
C ILE E 274 -1.49 -16.66 -18.51
N TYR E 275 -0.62 -16.98 -17.57
CA TYR E 275 -0.08 -18.33 -17.45
C TYR E 275 -0.81 -19.08 -16.35
N PRO E 276 -0.89 -20.42 -16.47
CA PRO E 276 -1.57 -21.23 -15.46
C PRO E 276 -1.10 -20.95 -14.02
N GLY E 277 0.14 -20.50 -13.88
CA GLY E 277 0.67 -20.19 -12.56
C GLY E 277 -0.13 -19.11 -11.87
N TYR E 278 -0.56 -18.10 -12.64
CA TYR E 278 -1.37 -17.00 -12.10
C TYR E 278 -2.75 -17.51 -11.69
N VAL E 279 -3.40 -18.21 -12.60
CA VAL E 279 -4.73 -18.74 -12.35
C VAL E 279 -4.73 -19.60 -11.09
N CYS E 280 -3.69 -20.42 -10.94
CA CYS E 280 -3.58 -21.29 -9.78
C CYS E 280 -3.41 -20.53 -8.46
N ALA E 281 -2.57 -19.49 -8.48
CA ALA E 281 -2.34 -18.70 -7.28
C ALA E 281 -3.64 -18.02 -6.85
N ILE E 282 -4.35 -17.45 -7.84
CA ILE E 282 -5.61 -16.79 -7.55
C ILE E 282 -6.60 -17.76 -6.92
N VAL E 283 -6.75 -18.92 -7.54
CA VAL E 283 -7.67 -19.93 -7.02
C VAL E 283 -7.28 -20.33 -5.60
N ALA E 284 -5.99 -20.59 -5.40
CA ALA E 284 -5.45 -20.98 -4.11
C ALA E 284 -5.71 -19.90 -3.07
N SER E 285 -5.52 -18.64 -3.46
CA SER E 285 -5.73 -17.51 -2.56
C SER E 285 -7.20 -17.43 -2.12
N ILE E 286 -8.10 -17.61 -3.08
CA ILE E 286 -9.54 -17.56 -2.83
C ILE E 286 -9.96 -18.70 -1.89
N VAL E 287 -9.36 -19.86 -2.06
CA VAL E 287 -9.68 -21.02 -1.23
C VAL E 287 -9.12 -20.94 0.19
N LEU E 288 -7.89 -20.43 0.32
CA LEU E 288 -7.26 -20.33 1.64
C LEU E 288 -7.51 -19.01 2.36
N GLY E 289 -8.14 -18.07 1.67
CA GLY E 289 -8.44 -16.78 2.28
C GLY E 289 -7.21 -15.98 2.67
N ARG E 290 -6.13 -16.14 1.92
CA ARG E 290 -4.90 -15.41 2.20
C ARG E 290 -3.96 -15.32 0.99
N PRO E 291 -2.96 -14.42 1.06
CA PRO E 291 -1.99 -14.23 -0.01
C PRO E 291 -1.17 -15.45 -0.41
N VAL E 292 -1.03 -15.67 -1.71
CA VAL E 292 -0.25 -16.78 -2.24
C VAL E 292 0.74 -16.21 -3.26
N LYS E 293 2.03 -16.45 -3.05
CA LYS E 293 3.05 -15.98 -3.97
C LYS E 293 3.55 -17.09 -4.88
N TRP E 294 3.72 -16.75 -6.16
CA TRP E 294 4.24 -17.69 -7.15
C TRP E 294 5.29 -16.97 -7.98
N VAL E 295 6.51 -17.51 -8.00
CA VAL E 295 7.60 -16.91 -8.77
C VAL E 295 8.35 -18.07 -9.40
N GLU E 296 8.30 -18.16 -10.73
CA GLU E 296 8.94 -19.26 -11.43
C GLU E 296 10.47 -19.12 -11.53
N ASP E 297 11.14 -20.25 -11.72
CA ASP E 297 12.59 -20.30 -11.88
C ASP E 297 12.89 -20.18 -13.38
N ARG E 298 14.14 -19.85 -13.70
CA ARG E 298 14.60 -19.68 -15.08
C ARG E 298 14.23 -20.82 -16.02
N VAL E 299 14.44 -22.06 -15.56
CA VAL E 299 14.12 -23.23 -16.38
C VAL E 299 12.63 -23.25 -16.73
N GLU E 300 11.80 -22.86 -15.77
CA GLU E 300 10.35 -22.82 -15.96
C GLU E 300 9.94 -21.75 -16.96
N ASN E 301 10.58 -20.57 -16.88
CA ASN E 301 10.27 -19.47 -17.78
C ASN E 301 10.63 -19.84 -19.23
N ILE E 302 11.85 -20.34 -19.43
CA ILE E 302 12.28 -20.71 -20.78
C ILE E 302 11.46 -21.87 -21.31
N SER E 303 11.14 -22.82 -20.45
CA SER E 303 10.39 -24.00 -20.85
C SER E 303 8.90 -23.88 -21.07
N THR E 304 8.22 -23.14 -20.20
CA THR E 304 6.76 -23.04 -20.30
C THR E 304 6.09 -21.76 -20.72
N THR E 305 6.76 -20.61 -20.61
CA THR E 305 6.13 -19.37 -21.03
C THR E 305 6.27 -19.14 -22.53
N ALA E 306 5.58 -18.12 -23.03
CA ALA E 306 5.56 -17.80 -24.45
C ALA E 306 6.91 -17.66 -25.16
N PHE E 307 7.09 -18.52 -26.17
CA PHE E 307 8.28 -18.54 -27.00
C PHE E 307 8.06 -17.59 -28.18
N ALA E 308 9.02 -17.54 -29.09
CA ALA E 308 8.92 -16.68 -30.25
C ALA E 308 9.40 -17.38 -31.51
N ARG E 309 8.83 -16.96 -32.64
CA ARG E 309 9.14 -17.46 -33.97
C ARG E 309 8.62 -18.88 -34.25
N ASP E 310 9.51 -19.73 -34.76
CA ASP E 310 9.18 -21.12 -35.12
C ASP E 310 8.32 -21.18 -36.38
N TYR E 311 8.73 -20.40 -37.38
CA TYR E 311 8.06 -20.31 -38.67
C TYR E 311 8.90 -21.03 -39.74
N HIS E 312 8.28 -21.94 -40.48
CA HIS E 312 8.95 -22.65 -41.58
C HIS E 312 8.44 -21.94 -42.83
N MET E 313 9.27 -21.07 -43.39
CA MET E 313 8.87 -20.27 -44.53
C MET E 313 9.40 -20.64 -45.90
N ASP E 314 8.56 -20.39 -46.91
CA ASP E 314 8.91 -20.64 -48.31
C ASP E 314 8.68 -19.34 -49.08
N GLY E 315 9.75 -18.57 -49.26
CA GLY E 315 9.68 -17.30 -49.96
C GLY E 315 9.95 -17.38 -51.45
N GLU E 316 9.25 -16.54 -52.21
CA GLU E 316 9.39 -16.50 -53.67
C GLU E 316 9.35 -15.07 -54.14
N LEU E 317 10.10 -14.78 -55.19
CA LEU E 317 10.14 -13.44 -55.75
C LEU E 317 10.15 -13.54 -57.27
N ALA E 318 9.35 -12.70 -57.90
CA ALA E 318 9.25 -12.65 -59.36
C ALA E 318 9.74 -11.28 -59.78
N ALA E 319 10.56 -11.22 -60.82
CA ALA E 319 11.10 -9.94 -61.28
C ALA E 319 11.60 -9.92 -62.72
N THR E 320 11.88 -8.72 -63.20
CA THR E 320 12.43 -8.51 -64.53
C THR E 320 13.95 -8.50 -64.30
N PRO E 321 14.74 -8.94 -65.30
CA PRO E 321 16.21 -9.00 -65.23
C PRO E 321 16.99 -7.80 -64.68
N ASP E 322 16.35 -6.64 -64.58
CA ASP E 322 17.05 -5.48 -64.04
C ASP E 322 16.89 -5.38 -62.52
N GLY E 323 16.17 -6.35 -61.94
CA GLY E 323 15.99 -6.37 -60.49
C GLY E 323 14.64 -5.88 -59.98
N LYS E 324 13.84 -5.27 -60.86
CA LYS E 324 12.52 -4.74 -60.50
C LYS E 324 11.57 -5.90 -60.14
N ILE E 325 11.14 -5.93 -58.88
CA ILE E 325 10.24 -6.98 -58.39
C ILE E 325 8.82 -6.84 -58.91
N LEU E 326 8.25 -7.94 -59.40
CA LEU E 326 6.90 -7.95 -59.93
C LEU E 326 5.89 -8.63 -59.02
N GLY E 327 6.40 -9.52 -58.16
CA GLY E 327 5.50 -10.23 -57.27
C GLY E 327 6.20 -10.96 -56.14
N LEU E 328 5.42 -11.27 -55.10
CA LEU E 328 5.90 -11.97 -53.92
C LEU E 328 4.89 -13.04 -53.50
N ARG E 329 5.36 -14.26 -53.28
CA ARG E 329 4.49 -15.35 -52.87
C ARG E 329 5.16 -16.06 -51.70
N VAL E 330 4.43 -16.16 -50.58
CA VAL E 330 4.97 -16.79 -49.38
C VAL E 330 4.03 -17.85 -48.80
N ASN E 331 4.61 -18.95 -48.33
CA ASN E 331 3.86 -20.03 -47.70
C ASN E 331 4.56 -20.44 -46.43
N VAL E 332 3.83 -20.37 -45.32
CA VAL E 332 4.40 -20.68 -44.01
C VAL E 332 3.66 -21.76 -43.24
N VAL E 333 4.43 -22.52 -42.45
CA VAL E 333 3.90 -23.53 -41.55
C VAL E 333 4.36 -23.06 -40.16
N ALA E 334 3.40 -22.69 -39.33
CA ALA E 334 3.68 -22.20 -37.99
C ALA E 334 3.47 -23.26 -36.92
N ASP E 335 4.49 -23.43 -36.08
CA ASP E 335 4.43 -24.41 -35.00
C ASP E 335 3.98 -23.65 -33.77
N HIS E 336 2.72 -23.84 -33.36
CA HIS E 336 2.19 -23.13 -32.20
C HIS E 336 2.20 -23.91 -30.88
N GLY E 337 2.58 -25.18 -30.93
CA GLY E 337 2.61 -25.98 -29.73
C GLY E 337 1.26 -26.62 -29.44
N ALA E 338 1.13 -27.15 -28.22
CA ALA E 338 -0.08 -27.83 -27.76
C ALA E 338 -1.38 -27.04 -27.82
N PHE E 339 -1.38 -25.86 -27.21
CA PHE E 339 -2.54 -25.00 -27.20
C PHE E 339 -2.14 -23.71 -27.89
N ASP E 340 -3.05 -23.12 -28.66
CA ASP E 340 -2.75 -21.89 -29.34
C ASP E 340 -3.02 -20.71 -28.41
N ALA E 341 -1.98 -20.24 -27.74
CA ALA E 341 -2.11 -19.10 -26.82
C ALA E 341 -1.26 -17.94 -27.34
N CYS E 342 -1.13 -17.88 -28.67
CA CYS E 342 -0.34 -16.87 -29.35
C CYS E 342 -0.99 -15.48 -29.31
N ALA E 343 -0.35 -14.56 -28.58
CA ALA E 343 -0.83 -13.18 -28.45
C ALA E 343 -0.95 -12.50 -29.82
N ASP E 344 -2.14 -11.97 -30.12
CA ASP E 344 -2.43 -11.30 -31.39
C ASP E 344 -3.83 -10.73 -31.33
N PRO E 345 -4.14 -9.78 -32.23
CA PRO E 345 -5.49 -9.20 -32.24
C PRO E 345 -6.34 -10.38 -32.72
N THR E 346 -7.59 -10.48 -32.29
CA THR E 346 -8.42 -11.63 -32.67
C THR E 346 -8.61 -11.93 -34.16
N LYS E 347 -8.52 -10.91 -35.00
CA LYS E 347 -8.69 -11.09 -36.43
C LYS E 347 -7.40 -11.46 -37.18
N PHE E 348 -6.30 -11.58 -36.44
CA PHE E 348 -5.01 -11.89 -37.06
C PHE E 348 -4.27 -13.04 -36.40
N PRO E 349 -4.62 -14.28 -36.76
CA PRO E 349 -3.99 -15.49 -36.21
C PRO E 349 -2.51 -15.61 -36.57
N ALA E 350 -2.05 -14.80 -37.51
CA ALA E 350 -0.66 -14.80 -37.93
C ALA E 350 -0.10 -13.38 -37.74
N GLY E 351 -0.73 -12.62 -36.85
CA GLY E 351 -0.30 -11.26 -36.58
C GLY E 351 -0.34 -10.36 -37.80
N LEU E 352 0.66 -9.52 -37.95
CA LEU E 352 0.75 -8.60 -39.08
C LEU E 352 1.79 -9.08 -40.07
N PHE E 353 1.86 -10.40 -40.27
CA PHE E 353 2.83 -10.98 -41.19
C PHE E 353 2.68 -10.46 -42.61
N HIS E 354 1.50 -9.98 -42.97
CA HIS E 354 1.30 -9.47 -44.32
C HIS E 354 1.98 -8.14 -44.58
N ILE E 355 2.92 -7.80 -43.71
CA ILE E 355 3.67 -6.57 -43.88
C ILE E 355 5.01 -6.97 -44.54
N CYS E 356 5.09 -8.24 -44.94
CA CYS E 356 6.26 -8.80 -45.58
C CYS E 356 6.54 -8.23 -46.97
N SER E 357 5.74 -7.26 -47.41
CA SER E 357 5.99 -6.62 -48.71
C SER E 357 7.22 -5.77 -48.48
N GLY E 358 7.47 -5.47 -47.20
CA GLY E 358 8.61 -4.69 -46.80
C GLY E 358 8.63 -3.24 -47.23
N SER E 359 9.84 -2.76 -47.50
CA SER E 359 10.07 -1.40 -47.91
C SER E 359 9.98 -1.24 -49.43
N TYR E 360 9.43 -2.24 -50.10
CA TYR E 360 9.37 -2.22 -51.56
C TYR E 360 7.98 -2.12 -52.19
N ASP E 361 7.92 -1.39 -53.29
CA ASP E 361 6.68 -1.22 -54.03
C ASP E 361 6.45 -2.48 -54.85
N ILE E 362 5.88 -3.50 -54.23
CA ILE E 362 5.62 -4.72 -54.95
C ILE E 362 4.14 -4.69 -55.34
N PRO E 363 3.86 -4.67 -56.65
CA PRO E 363 2.49 -4.63 -57.19
C PRO E 363 1.56 -5.81 -56.90
N ARG E 364 2.10 -7.02 -56.77
CA ARG E 364 1.26 -8.18 -56.48
C ARG E 364 1.89 -9.12 -55.49
N ALA E 365 1.14 -9.51 -54.46
CA ALA E 365 1.65 -10.44 -53.46
C ALA E 365 0.58 -11.23 -52.76
N HIS E 366 1.01 -12.31 -52.13
CA HIS E 366 0.12 -13.17 -51.39
C HIS E 366 0.91 -14.03 -50.43
N CYS E 367 0.46 -14.08 -49.19
CA CYS E 367 1.09 -14.88 -48.17
C CYS E 367 0.04 -15.83 -47.62
N SER E 368 0.48 -16.93 -47.03
CA SER E 368 -0.43 -17.92 -46.47
C SER E 368 0.22 -18.64 -45.31
N VAL E 369 -0.38 -18.54 -44.13
CA VAL E 369 0.15 -19.18 -42.95
C VAL E 369 -0.78 -20.26 -42.39
N LYS E 370 -0.20 -21.41 -42.08
CA LYS E 370 -0.93 -22.55 -41.56
C LYS E 370 -0.34 -22.95 -40.20
N GLY E 371 -1.11 -22.75 -39.13
CA GLY E 371 -0.65 -23.11 -37.80
C GLY E 371 -0.99 -24.54 -37.43
N VAL E 372 -0.05 -25.25 -36.78
CA VAL E 372 -0.27 -26.63 -36.37
C VAL E 372 0.14 -26.93 -34.90
N TYR E 373 -0.54 -27.90 -34.30
CA TYR E 373 -0.31 -28.34 -32.92
C TYR E 373 0.85 -29.31 -32.83
N THR E 374 1.59 -29.25 -31.72
CA THR E 374 2.72 -30.14 -31.47
C THR E 374 2.85 -30.24 -29.96
N ASN E 375 3.57 -31.25 -29.47
CA ASN E 375 3.74 -31.42 -28.03
C ASN E 375 4.80 -30.46 -27.48
N LYS E 376 4.48 -29.17 -27.51
CA LYS E 376 5.38 -28.12 -27.02
C LYS E 376 4.55 -27.04 -26.31
N ALA E 377 5.23 -26.16 -25.58
CA ALA E 377 4.58 -25.08 -24.85
C ALA E 377 4.00 -24.02 -25.81
N PRO E 378 2.89 -23.38 -25.42
CA PRO E 378 2.23 -22.35 -26.23
C PRO E 378 3.11 -21.10 -26.43
N GLY E 379 2.70 -20.26 -27.37
CA GLY E 379 3.45 -19.05 -27.65
C GLY E 379 3.47 -18.67 -29.12
N GLY E 380 4.56 -18.02 -29.53
CA GLY E 380 4.69 -17.60 -30.91
C GLY E 380 5.01 -16.10 -30.98
N VAL E 381 4.18 -15.30 -30.33
CA VAL E 381 4.37 -13.86 -30.30
C VAL E 381 4.93 -13.41 -28.95
N ALA E 382 6.19 -13.00 -28.99
CA ALA E 382 6.95 -12.53 -27.83
C ALA E 382 8.31 -12.15 -28.40
N TYR E 383 9.16 -11.54 -27.58
CA TYR E 383 10.50 -11.16 -28.01
C TYR E 383 10.58 -10.01 -29.04
N SER E 386 6.34 -7.33 -32.63
CA SER E 386 5.26 -6.51 -33.20
C SER E 386 4.19 -7.34 -33.91
N PHE E 387 4.00 -8.58 -33.46
CA PHE E 387 3.02 -9.49 -34.04
C PHE E 387 3.49 -10.05 -35.38
N ARG E 388 4.54 -10.88 -35.32
CA ARG E 388 5.14 -11.54 -36.48
C ARG E 388 5.83 -10.67 -37.53
N VAL E 389 6.15 -9.42 -37.19
CA VAL E 389 6.83 -8.54 -38.13
C VAL E 389 8.27 -9.01 -38.30
N THR E 390 8.82 -9.64 -37.26
CA THR E 390 10.18 -10.18 -37.30
C THR E 390 10.30 -11.18 -38.44
N GLU E 391 9.36 -12.11 -38.51
CA GLU E 391 9.35 -13.14 -39.55
C GLU E 391 9.12 -12.53 -40.94
N ALA E 392 8.32 -11.47 -40.99
CA ALA E 392 8.00 -10.78 -42.22
C ALA E 392 9.23 -10.10 -42.81
N VAL E 393 9.92 -9.34 -41.97
CA VAL E 393 11.12 -8.63 -42.38
C VAL E 393 12.21 -9.61 -42.80
N TYR E 394 12.40 -10.65 -42.00
CA TYR E 394 13.41 -11.68 -42.28
C TYR E 394 13.12 -12.35 -43.62
N LEU E 395 11.84 -12.61 -43.89
CA LEU E 395 11.43 -13.25 -45.13
C LEU E 395 11.78 -12.39 -46.34
N ILE E 396 11.26 -11.17 -46.37
CA ILE E 396 11.50 -10.28 -47.51
C ILE E 396 12.98 -9.96 -47.79
N GLU E 397 13.72 -9.60 -46.74
CA GLU E 397 15.13 -9.26 -46.90
C GLU E 397 15.99 -10.42 -47.36
N ARG E 398 15.71 -11.62 -46.86
CA ARG E 398 16.47 -12.80 -47.26
C ARG E 398 16.17 -13.06 -48.75
N MET E 399 14.91 -12.94 -49.13
CA MET E 399 14.49 -13.15 -50.52
C MET E 399 15.10 -12.14 -51.48
N VAL E 400 15.17 -10.89 -51.07
CA VAL E 400 15.76 -9.86 -51.92
C VAL E 400 17.24 -10.16 -52.15
N ASP E 401 17.89 -10.76 -51.15
CA ASP E 401 19.29 -11.14 -51.24
C ASP E 401 19.44 -12.30 -52.20
N VAL E 402 18.47 -13.21 -52.16
CA VAL E 402 18.47 -14.38 -53.04
C VAL E 402 18.30 -13.87 -54.47
N LEU E 403 17.36 -12.96 -54.67
CA LEU E 403 17.11 -12.38 -55.98
C LEU E 403 18.36 -11.69 -56.50
N ALA E 404 18.96 -10.85 -55.66
CA ALA E 404 20.16 -10.11 -56.03
C ALA E 404 21.32 -11.02 -56.44
N GLN E 405 21.48 -12.14 -55.73
CA GLN E 405 22.55 -13.07 -56.03
C GLN E 405 22.35 -13.84 -57.32
N LYS E 406 21.09 -14.10 -57.68
CA LYS E 406 20.79 -14.82 -58.91
C LYS E 406 21.06 -13.93 -60.12
N LEU E 407 20.73 -12.65 -59.98
CA LEU E 407 20.94 -11.67 -61.05
C LEU E 407 22.36 -11.12 -61.00
N ASN E 408 23.11 -11.50 -59.98
CA ASN E 408 24.48 -11.02 -59.81
C ASN E 408 24.46 -9.50 -59.67
N MET E 409 23.45 -9.01 -58.97
CA MET E 409 23.27 -7.59 -58.75
C MET E 409 23.64 -7.22 -57.30
N ASP E 410 24.15 -6.01 -57.12
CA ASP E 410 24.54 -5.53 -55.80
C ASP E 410 23.32 -5.46 -54.89
N LYS E 411 23.49 -5.97 -53.67
CA LYS E 411 22.41 -6.01 -52.68
C LYS E 411 21.87 -4.66 -52.21
N ALA E 412 22.63 -3.60 -52.41
CA ALA E 412 22.17 -2.27 -52.02
C ALA E 412 21.45 -1.65 -53.23
N GLU E 413 22.00 -1.92 -54.40
CA GLU E 413 21.47 -1.42 -55.66
C GLU E 413 20.05 -1.94 -55.95
N ILE E 414 19.84 -3.23 -55.70
CA ILE E 414 18.53 -3.84 -55.94
C ILE E 414 17.48 -3.31 -54.99
N ARG E 415 17.91 -2.85 -53.82
CA ARG E 415 16.98 -2.29 -52.84
C ARG E 415 16.61 -0.88 -53.24
N ALA E 416 17.59 -0.09 -53.64
CA ALA E 416 17.37 1.29 -54.08
C ALA E 416 16.43 1.31 -55.28
N LYS E 417 16.42 0.20 -56.02
CA LYS E 417 15.59 0.05 -57.20
C LYS E 417 14.13 -0.27 -56.87
N ASN E 418 13.91 -0.90 -55.72
CA ASN E 418 12.56 -1.29 -55.32
C ASN E 418 11.91 -0.50 -54.18
N PHE E 419 12.69 0.36 -53.52
CA PHE E 419 12.17 1.16 -52.41
C PHE E 419 10.94 1.94 -52.80
N ILE E 420 9.99 2.05 -51.86
CA ILE E 420 8.81 2.85 -52.07
C ILE E 420 9.40 4.25 -52.02
N ARG E 421 9.17 5.05 -53.05
CA ARG E 421 9.71 6.42 -53.10
C ARG E 421 9.03 7.32 -52.08
N LYS E 422 9.77 8.30 -51.60
CA LYS E 422 9.28 9.27 -50.62
C LYS E 422 7.96 9.91 -51.01
N GLU E 423 7.84 10.22 -52.30
CA GLU E 423 6.65 10.86 -52.87
C GLU E 423 5.44 9.94 -52.93
N GLN E 424 5.65 8.65 -52.71
CA GLN E 424 4.57 7.67 -52.76
C GLN E 424 3.79 7.52 -51.45
N PHE E 425 4.30 8.12 -50.38
CA PHE E 425 3.66 8.05 -49.07
C PHE E 425 2.57 9.13 -48.95
N PRO E 426 1.42 8.80 -48.33
CA PRO E 426 1.03 7.51 -47.72
C PRO E 426 0.83 6.42 -48.77
N TYR E 427 1.61 5.36 -48.62
CA TYR E 427 1.59 4.23 -49.55
C TYR E 427 0.74 3.02 -49.13
N THR E 428 -0.10 2.53 -50.03
CA THR E 428 -0.92 1.37 -49.76
C THR E 428 -0.27 0.17 -50.44
N THR E 429 0.10 -0.84 -49.67
CA THR E 429 0.76 -2.00 -50.23
C THR E 429 -0.18 -3.01 -50.81
N GLN E 430 0.40 -3.99 -51.49
CA GLN E 430 -0.33 -5.09 -52.12
C GLN E 430 -1.13 -5.83 -51.06
N PHE E 431 -0.77 -5.60 -49.79
CA PHE E 431 -1.43 -6.26 -48.67
C PHE E 431 -2.48 -5.42 -47.95
N GLY E 432 -2.60 -4.15 -48.32
CA GLY E 432 -3.60 -3.30 -47.68
C GLY E 432 -3.14 -2.37 -46.57
N PHE E 433 -1.86 -2.44 -46.22
CA PHE E 433 -1.32 -1.56 -45.21
C PHE E 433 -1.09 -0.18 -45.80
N GLU E 434 -1.32 0.86 -45.01
CA GLU E 434 -1.08 2.21 -45.50
C GLU E 434 0.10 2.79 -44.74
N TYR E 435 1.30 2.66 -45.32
CA TYR E 435 2.53 3.18 -44.74
C TYR E 435 2.34 4.69 -44.60
N ASP E 436 2.50 5.20 -43.38
CA ASP E 436 2.31 6.63 -43.13
C ASP E 436 3.31 7.56 -43.79
N SER E 437 4.58 7.25 -43.69
CA SER E 437 5.63 8.08 -44.28
C SER E 437 6.95 7.32 -44.31
N GLY E 438 7.90 7.83 -45.10
CA GLY E 438 9.20 7.21 -45.21
C GLY E 438 10.10 7.94 -46.20
N ASP E 439 11.38 7.64 -46.13
CA ASP E 439 12.40 8.22 -47.01
C ASP E 439 13.59 7.29 -46.92
N TYR E 440 13.47 6.14 -47.59
CA TYR E 440 14.49 5.08 -47.59
C TYR E 440 15.79 5.36 -48.37
N HIS E 441 15.69 6.07 -49.49
CA HIS E 441 16.86 6.36 -50.29
C HIS E 441 17.89 7.23 -49.56
N THR E 442 17.41 8.29 -48.92
CA THR E 442 18.31 9.19 -48.21
C THR E 442 19.01 8.45 -47.09
N ALA E 443 18.24 7.68 -46.32
CA ALA E 443 18.76 6.90 -45.22
C ALA E 443 19.80 5.88 -45.67
N LEU E 444 19.52 5.21 -46.80
CA LEU E 444 20.44 4.22 -47.35
C LEU E 444 21.75 4.86 -47.76
N LYS E 445 21.67 5.94 -48.54
CA LYS E 445 22.88 6.60 -48.98
C LYS E 445 23.75 6.98 -47.78
N LYS E 446 23.11 7.52 -46.75
CA LYS E 446 23.81 7.93 -45.54
C LYS E 446 24.63 6.78 -44.93
N VAL E 447 23.99 5.62 -44.76
CA VAL E 447 24.66 4.46 -44.19
C VAL E 447 25.79 3.95 -45.07
N LEU E 448 25.55 3.86 -46.37
CA LEU E 448 26.57 3.39 -47.29
C LEU E 448 27.81 4.28 -47.25
N ASP E 449 27.61 5.59 -47.22
CA ASP E 449 28.74 6.53 -47.16
C ASP E 449 29.46 6.40 -45.83
N ALA E 450 28.68 6.34 -44.75
CA ALA E 450 29.23 6.24 -43.41
C ALA E 450 30.20 5.08 -43.20
N VAL E 451 29.92 3.94 -43.83
CA VAL E 451 30.78 2.77 -43.67
C VAL E 451 31.71 2.51 -44.86
N ASP E 452 31.64 3.39 -45.86
CA ASP E 452 32.44 3.27 -47.08
C ASP E 452 32.13 1.92 -47.72
N TYR E 453 30.85 1.71 -48.01
CA TYR E 453 30.35 0.47 -48.61
C TYR E 453 31.16 -0.01 -49.80
N PRO E 454 31.49 0.89 -50.76
CA PRO E 454 32.27 0.42 -51.92
C PRO E 454 33.63 -0.13 -51.50
N ALA E 455 34.25 0.49 -50.49
CA ALA E 455 35.55 0.06 -50.00
C ALA E 455 35.47 -1.34 -49.36
N LEU E 456 34.34 -1.62 -48.71
CA LEU E 456 34.12 -2.91 -48.08
C LEU E 456 34.01 -3.97 -49.16
N ARG E 457 33.33 -3.62 -50.24
CA ARG E 457 33.18 -4.54 -51.36
C ARG E 457 34.53 -4.81 -52.00
N ALA E 458 35.34 -3.76 -52.12
CA ALA E 458 36.66 -3.87 -52.71
C ALA E 458 37.54 -4.77 -51.84
N GLU E 459 37.37 -4.66 -50.52
CA GLU E 459 38.13 -5.47 -49.57
C GLU E 459 37.70 -6.93 -49.66
N GLN E 460 36.39 -7.15 -49.70
CA GLN E 460 35.83 -8.50 -49.78
C GLN E 460 36.32 -9.19 -51.06
N ALA E 461 36.48 -8.40 -52.12
CA ALA E 461 36.96 -8.91 -53.40
C ALA E 461 38.41 -9.39 -53.30
N ALA E 462 39.23 -8.64 -52.56
CA ALA E 462 40.64 -8.98 -52.37
C ALA E 462 40.83 -10.31 -51.65
N ARG E 463 40.17 -10.49 -50.51
CA ARG E 463 40.27 -11.73 -49.73
C ARG E 463 39.79 -12.95 -50.50
N ARG E 464 38.76 -12.75 -51.31
CA ARG E 464 38.22 -13.84 -52.11
C ARG E 464 39.21 -14.28 -53.19
N ALA E 465 40.05 -13.34 -53.62
CA ALA E 465 41.06 -13.59 -54.64
C ALA E 465 42.15 -14.55 -54.14
N ASP E 466 42.50 -14.42 -52.87
CA ASP E 466 43.51 -15.28 -52.26
C ASP E 466 42.85 -16.55 -51.73
N PRO E 467 43.17 -17.70 -52.33
CA PRO E 467 42.59 -18.99 -51.89
C PRO E 467 43.04 -19.36 -50.48
N ASN E 468 44.04 -18.64 -49.98
CA ASN E 468 44.61 -18.88 -48.66
C ASN E 468 44.25 -17.88 -47.57
N SER E 469 43.29 -16.99 -47.83
CA SER E 469 42.89 -16.02 -46.83
C SER E 469 42.31 -16.83 -45.67
N PRO E 470 42.90 -16.70 -44.47
CA PRO E 470 42.45 -17.42 -43.26
C PRO E 470 41.02 -17.14 -42.81
N THR E 471 40.41 -16.07 -43.32
CA THR E 471 39.05 -15.73 -42.94
C THR E 471 38.17 -15.31 -44.12
N LEU E 472 36.87 -15.53 -43.97
CA LEU E 472 35.89 -15.13 -44.99
C LEU E 472 35.30 -13.81 -44.56
N MET E 473 35.03 -12.93 -45.52
CA MET E 473 34.44 -11.63 -45.22
C MET E 473 33.00 -11.58 -45.72
N GLY E 474 32.10 -11.19 -44.82
CA GLY E 474 30.70 -11.09 -45.18
C GLY E 474 30.13 -9.73 -44.83
N ILE E 475 29.30 -9.20 -45.72
CA ILE E 475 28.67 -7.91 -45.53
C ILE E 475 27.17 -8.13 -45.61
N GLY E 476 26.46 -7.68 -44.60
CA GLY E 476 25.01 -7.82 -44.56
C GLY E 476 24.34 -6.47 -44.55
N LEU E 477 23.25 -6.36 -45.32
CA LEU E 477 22.50 -5.11 -45.41
C LEU E 477 21.00 -5.36 -45.36
N VAL E 478 20.34 -4.68 -44.43
CA VAL E 478 18.89 -4.79 -44.30
C VAL E 478 18.24 -3.41 -44.32
N THR E 479 17.19 -3.29 -45.14
CA THR E 479 16.43 -2.06 -45.27
C THR E 479 15.00 -2.49 -44.99
N PHE E 480 14.54 -2.23 -43.77
CA PHE E 480 13.21 -2.66 -43.34
C PHE E 480 12.23 -1.57 -42.92
N THR E 481 10.97 -1.97 -42.88
CA THR E 481 9.85 -1.11 -42.50
C THR E 481 9.05 -1.82 -41.42
N GLU E 482 8.92 -1.20 -40.25
CA GLU E 482 8.16 -1.78 -39.14
C GLU E 482 6.72 -1.30 -39.15
N VAL E 483 5.85 -2.00 -38.41
CA VAL E 483 4.44 -1.64 -38.28
C VAL E 483 4.14 -1.66 -36.80
N VAL E 484 4.23 -0.52 -36.12
CA VAL E 484 3.96 -0.50 -34.69
C VAL E 484 2.84 0.43 -34.27
N GLY E 485 2.11 0.03 -33.23
CA GLY E 485 1.01 0.82 -32.72
C GLY E 485 -0.33 0.16 -32.94
N ALA E 486 -0.42 -1.12 -32.57
CA ALA E 486 -1.65 -1.89 -32.72
C ALA E 486 -2.78 -1.10 -32.09
N GLY E 487 -3.65 -0.60 -32.96
CA GLY E 487 -4.75 0.18 -32.47
C GLY E 487 -6.11 0.17 -33.14
N PRO E 488 -6.25 0.62 -34.40
CA PRO E 488 -7.52 0.66 -35.15
C PRO E 488 -8.54 -0.36 -34.63
N SER E 489 -9.44 0.09 -33.75
CA SER E 489 -10.43 -0.79 -33.15
C SER E 489 -11.30 -1.60 -34.11
N LYS E 490 -11.59 -1.03 -35.29
CA LYS E 490 -12.39 -1.78 -36.25
C LYS E 490 -11.60 -3.01 -36.72
N MET E 491 -10.28 -2.87 -36.74
CA MET E 491 -9.36 -3.92 -37.16
C MET E 491 -8.74 -4.73 -36.02
N CYS E 492 -8.24 -4.04 -34.99
CA CYS E 492 -7.57 -4.69 -33.87
C CYS E 492 -8.27 -4.66 -32.53
N ASP E 493 -8.32 -5.81 -31.88
CA ASP E 493 -8.92 -5.96 -30.57
C ASP E 493 -8.30 -7.15 -29.85
N ILE E 494 -8.19 -7.05 -28.53
CA ILE E 494 -7.66 -8.12 -27.70
C ILE E 494 -8.87 -8.67 -26.95
N LEU E 495 -9.27 -9.89 -27.30
CA LEU E 495 -10.43 -10.52 -26.67
C LEU E 495 -11.68 -9.64 -26.70
N GLY E 496 -11.84 -8.87 -27.76
CA GLY E 496 -13.00 -8.00 -27.89
C GLY E 496 -12.76 -6.54 -27.52
N VAL E 497 -11.67 -6.24 -26.82
CA VAL E 497 -11.41 -4.86 -26.43
C VAL E 497 -10.61 -4.14 -27.52
N GLY E 498 -11.19 -3.07 -28.08
CA GLY E 498 -10.50 -2.31 -29.11
C GLY E 498 -9.12 -1.92 -28.64
N MET E 499 -8.14 -1.97 -29.52
CA MET E 499 -6.77 -1.66 -29.11
C MET E 499 -6.37 -0.18 -29.04
N PHE E 500 -7.16 0.58 -28.29
CA PHE E 500 -6.91 1.99 -28.06
C PHE E 500 -6.05 2.06 -26.82
N ASP E 501 -5.77 3.27 -26.38
CA ASP E 501 -5.08 3.46 -25.11
C ASP E 501 -5.49 4.79 -24.53
N SER E 502 -5.08 5.07 -23.31
CA SER E 502 -5.53 6.30 -22.68
C SER E 502 -4.52 7.01 -21.80
N CYS E 503 -4.90 8.21 -21.39
CA CYS E 503 -4.09 9.03 -20.51
C CYS E 503 -4.97 10.01 -19.75
N GLU E 504 -4.66 10.18 -18.48
CA GLU E 504 -5.37 11.12 -17.63
C GLU E 504 -4.35 11.99 -16.91
N ILE E 505 -4.49 13.30 -17.10
CA ILE E 505 -3.60 14.27 -16.48
C ILE E 505 -4.38 15.19 -15.54
N ARG E 506 -3.88 15.36 -14.32
CA ARG E 506 -4.52 16.24 -13.36
C ARG E 506 -3.50 17.28 -12.90
N ILE E 507 -3.81 18.55 -13.14
CA ILE E 507 -2.95 19.65 -12.75
C ILE E 507 -3.36 20.08 -11.34
N HIS E 508 -2.39 20.15 -10.44
CA HIS E 508 -2.65 20.54 -9.06
C HIS E 508 -2.68 22.06 -8.92
N PRO E 509 -3.24 22.56 -7.80
CA PRO E 509 -3.33 23.99 -7.54
C PRO E 509 -2.01 24.75 -7.69
N THR E 510 -0.90 24.12 -7.32
CA THR E 510 0.40 24.78 -7.41
C THR E 510 1.15 24.64 -8.73
N GLY E 511 0.59 23.91 -9.70
CA GLY E 511 1.25 23.77 -10.98
C GLY E 511 1.85 22.43 -11.36
N SER E 512 2.18 21.60 -10.38
CA SER E 512 2.72 20.27 -10.69
C SER E 512 1.58 19.38 -11.16
N ALA E 513 1.88 18.16 -11.58
CA ALA E 513 0.82 17.28 -12.07
C ALA E 513 1.08 15.80 -11.94
N ILE E 514 -0.02 15.04 -11.94
CA ILE E 514 0.03 13.59 -11.88
C ILE E 514 -0.59 13.03 -13.17
N ALA E 515 0.10 12.07 -13.78
CA ALA E 515 -0.38 11.47 -15.02
C ALA E 515 -0.36 9.95 -14.98
N ARG E 516 -1.42 9.34 -15.50
CA ARG E 516 -1.53 7.90 -15.54
C ARG E 516 -2.00 7.48 -16.93
N MET E 517 -1.44 6.39 -17.43
CA MET E 517 -1.80 5.90 -18.77
C MET E 517 -2.22 4.44 -18.68
N GLY E 518 -2.79 3.93 -19.78
CA GLY E 518 -3.23 2.54 -19.82
C GLY E 518 -2.15 1.56 -20.24
N THR E 519 -0.94 2.08 -20.41
CA THR E 519 0.23 1.29 -20.80
C THR E 519 0.98 0.89 -19.52
N ILE E 520 2.06 0.13 -19.68
CA ILE E 520 2.86 -0.30 -18.53
C ILE E 520 4.30 -0.58 -18.94
N THR E 521 5.21 0.30 -18.53
CA THR E 521 6.61 0.13 -18.85
C THR E 521 7.21 -1.06 -18.12
N GLN E 522 8.24 -1.64 -18.72
CA GLN E 522 8.98 -2.76 -18.15
C GLN E 522 10.45 -2.36 -18.21
N GLY E 523 10.71 -1.06 -18.24
CA GLY E 523 12.07 -0.57 -18.29
C GLY E 523 12.39 0.34 -19.45
N GLN E 524 11.43 0.59 -20.33
CA GLN E 524 11.69 1.45 -21.48
C GLN E 524 11.66 2.95 -21.21
N GLY E 525 11.53 3.33 -19.94
CA GLY E 525 11.56 4.74 -19.57
C GLY E 525 10.31 5.59 -19.65
N HIS E 526 9.12 5.00 -19.58
CA HIS E 526 7.86 5.76 -19.64
C HIS E 526 7.74 6.89 -18.62
N GLN E 527 8.15 6.64 -17.39
CA GLN E 527 8.06 7.66 -16.34
C GLN E 527 8.85 8.92 -16.67
N THR E 528 9.77 8.79 -17.63
CA THR E 528 10.57 9.92 -18.06
C THR E 528 10.03 10.49 -19.38
N THR E 529 9.94 9.65 -20.41
CA THR E 529 9.45 10.09 -21.71
C THR E 529 8.04 10.69 -21.68
N TYR E 530 7.10 10.01 -21.04
CA TYR E 530 5.72 10.48 -20.95
C TYR E 530 5.68 11.86 -20.36
N ALA E 531 6.51 12.07 -19.36
CA ALA E 531 6.62 13.35 -18.67
C ALA E 531 7.12 14.43 -19.63
N GLN E 532 8.02 14.04 -20.54
CA GLN E 532 8.57 14.97 -21.51
C GLN E 532 7.53 15.44 -22.51
N ILE E 533 6.65 14.54 -22.91
CA ILE E 533 5.59 14.87 -23.86
C ILE E 533 4.67 15.91 -23.23
N ILE E 534 4.30 15.66 -21.98
CA ILE E 534 3.41 16.54 -21.24
C ILE E 534 4.07 17.88 -20.93
N ALA E 535 5.37 17.86 -20.68
CA ALA E 535 6.11 19.08 -20.39
C ALA E 535 6.01 20.10 -21.52
N THR E 536 6.26 19.65 -22.75
CA THR E 536 6.19 20.51 -23.92
C THR E 536 4.77 20.98 -24.23
N GLU E 537 3.79 20.13 -23.99
CA GLU E 537 2.39 20.50 -24.23
C GLU E 537 1.84 21.51 -23.22
N LEU E 538 2.31 21.48 -21.97
CA LEU E 538 1.76 22.36 -20.95
C LEU E 538 2.67 23.38 -20.29
N GLY E 539 3.96 23.39 -20.63
CA GLY E 539 4.85 24.35 -20.02
C GLY E 539 5.16 24.06 -18.55
N ILE E 540 5.06 22.79 -18.18
CA ILE E 540 5.35 22.34 -16.81
C ILE E 540 6.59 21.46 -16.91
N PRO E 541 7.63 21.72 -16.11
CA PRO E 541 8.84 20.89 -16.19
C PRO E 541 8.56 19.39 -15.98
N SER E 542 9.24 18.56 -16.76
CA SER E 542 9.03 17.12 -16.69
C SER E 542 9.34 16.49 -15.33
N GLU E 543 10.22 17.14 -14.57
CA GLU E 543 10.62 16.64 -13.26
C GLU E 543 9.45 16.56 -12.29
N VAL E 544 8.53 17.50 -12.39
CA VAL E 544 7.37 17.54 -11.50
C VAL E 544 6.06 16.96 -12.07
N ILE E 545 6.16 16.27 -13.20
CA ILE E 545 4.99 15.62 -13.80
C ILE E 545 5.17 14.15 -13.44
N GLN E 546 4.54 13.72 -12.36
CA GLN E 546 4.65 12.35 -11.90
C GLN E 546 3.75 11.38 -12.66
N VAL E 547 4.34 10.52 -13.46
CA VAL E 547 3.56 9.54 -14.21
C VAL E 547 3.58 8.19 -13.51
N GLU E 548 2.47 7.47 -13.64
CA GLU E 548 2.31 6.17 -13.01
C GLU E 548 1.50 5.26 -13.94
N GLU E 549 1.76 3.95 -13.87
CA GLU E 549 1.07 2.96 -14.69
C GLU E 549 0.92 1.65 -13.93
N GLY E 550 0.13 0.74 -14.47
CA GLY E 550 -0.03 -0.58 -13.90
C GLY E 550 -1.03 -0.90 -12.80
N ASP E 551 -1.71 0.09 -12.25
CA ASP E 551 -2.67 -0.16 -11.19
C ASP E 551 -4.09 0.02 -11.75
N THR E 552 -4.80 -1.09 -11.96
CA THR E 552 -6.14 -1.02 -12.53
C THR E 552 -7.15 -0.22 -11.73
N SER E 553 -6.84 0.08 -10.46
CA SER E 553 -7.77 0.86 -9.65
C SER E 553 -7.48 2.35 -9.69
N THR E 554 -6.49 2.77 -10.47
CA THR E 554 -6.14 4.19 -10.54
C THR E 554 -5.85 4.68 -11.94
N ALA E 555 -5.21 3.84 -12.75
CA ALA E 555 -4.87 4.21 -14.13
C ALA E 555 -6.06 4.01 -15.04
N PRO E 556 -6.19 4.85 -16.08
CA PRO E 556 -7.32 4.71 -17.00
C PRO E 556 -7.15 3.39 -17.75
N TYR E 557 -8.24 2.85 -18.28
CA TYR E 557 -8.16 1.57 -19.01
C TYR E 557 -7.35 1.68 -20.30
N GLY E 558 -6.41 0.74 -20.46
CA GLY E 558 -5.56 0.69 -21.63
C GLY E 558 -5.28 -0.74 -22.01
N LEU E 559 -4.61 -0.93 -23.14
CA LEU E 559 -4.30 -2.28 -23.61
C LEU E 559 -2.89 -2.76 -23.26
N GLY E 560 -2.15 -1.93 -22.53
CA GLY E 560 -0.81 -2.32 -22.11
C GLY E 560 0.30 -2.00 -23.06
N THR E 561 1.51 -2.41 -22.68
CA THR E 561 2.72 -2.18 -23.47
C THR E 561 3.32 -3.46 -24.06
N TYR E 562 3.45 -3.46 -25.39
CA TYR E 562 4.03 -4.55 -26.18
C TYR E 562 3.90 -4.13 -27.63
N GLY E 563 4.68 -4.76 -28.51
CA GLY E 563 4.63 -4.42 -29.93
C GLY E 563 4.94 -2.97 -30.23
N SER E 564 5.67 -2.30 -29.33
CA SER E 564 6.02 -0.88 -29.49
C SER E 564 4.78 -0.02 -29.75
N ARG E 565 3.70 -0.29 -29.01
CA ARG E 565 2.46 0.47 -29.18
C ARG E 565 2.32 1.69 -28.27
N SER E 566 3.15 1.78 -27.23
CA SER E 566 3.10 2.90 -26.28
C SER E 566 3.25 4.28 -26.90
N THR E 567 4.37 4.52 -27.58
CA THR E 567 4.59 5.82 -28.20
C THR E 567 3.51 6.12 -29.23
N PRO E 568 3.22 5.16 -30.13
CA PRO E 568 2.19 5.41 -31.13
C PRO E 568 0.80 5.71 -30.57
N VAL E 569 0.29 4.81 -29.74
CA VAL E 569 -1.05 4.97 -29.18
C VAL E 569 -1.17 5.81 -27.90
N ALA E 570 -0.53 5.37 -26.83
CA ALA E 570 -0.57 6.12 -25.57
C ALA E 570 0.08 7.48 -25.75
N GLY E 571 1.18 7.52 -26.50
CA GLY E 571 1.87 8.77 -26.75
C GLY E 571 0.93 9.81 -27.36
N ALA E 572 -0.05 9.32 -28.12
CA ALA E 572 -1.04 10.18 -28.76
C ALA E 572 -2.10 10.62 -27.75
N ALA E 573 -2.54 9.68 -26.92
CA ALA E 573 -3.55 9.97 -25.90
C ALA E 573 -3.04 11.03 -24.93
N ILE E 574 -1.75 10.94 -24.62
CA ILE E 574 -1.09 11.88 -23.72
C ILE E 574 -1.09 13.29 -24.28
N ALA E 575 -0.72 13.43 -25.55
CA ALA E 575 -0.68 14.74 -26.18
C ALA E 575 -2.08 15.33 -26.27
N LEU E 576 -3.05 14.55 -26.73
CA LEU E 576 -4.42 15.05 -26.84
C LEU E 576 -5.04 15.43 -25.50
N ALA E 577 -4.81 14.61 -24.47
CA ALA E 577 -5.33 14.92 -23.14
C ALA E 577 -4.68 16.20 -22.64
N ALA E 578 -3.39 16.34 -22.90
CA ALA E 578 -2.64 17.52 -22.50
C ALA E 578 -3.24 18.73 -23.20
N ARG E 579 -3.55 18.56 -24.48
CA ARG E 579 -4.12 19.63 -25.27
C ARG E 579 -5.52 20.02 -24.82
N LYS E 580 -6.29 19.08 -24.28
CA LYS E 580 -7.62 19.43 -23.79
C LYS E 580 -7.43 20.42 -22.64
N ILE E 581 -6.41 20.16 -21.82
CA ILE E 581 -6.08 21.02 -20.69
C ILE E 581 -5.59 22.37 -21.21
N HIS E 582 -4.75 22.34 -22.24
CA HIS E 582 -4.21 23.56 -22.83
C HIS E 582 -5.32 24.48 -23.34
N ALA E 583 -6.34 23.88 -23.94
CA ALA E 583 -7.47 24.66 -24.45
C ALA E 583 -8.18 25.40 -23.31
N LYS E 584 -8.43 24.68 -22.21
CA LYS E 584 -9.07 25.29 -21.05
C LYS E 584 -8.16 26.32 -20.39
N ALA E 585 -6.86 26.07 -20.42
CA ALA E 585 -5.88 26.98 -19.86
C ALA E 585 -5.95 28.32 -20.60
N ARG E 586 -6.15 28.27 -21.91
CA ARG E 586 -6.25 29.47 -22.74
C ARG E 586 -7.50 30.26 -22.38
N LYS E 587 -8.60 29.55 -22.24
CA LYS E 587 -9.89 30.15 -21.89
C LYS E 587 -9.78 30.85 -20.54
N ILE E 588 -9.03 30.24 -19.62
CA ILE E 588 -8.84 30.80 -18.30
C ILE E 588 -7.87 31.97 -18.35
N ALA E 589 -6.81 31.84 -19.14
CA ALA E 589 -5.80 32.90 -19.28
C ALA E 589 -6.42 34.15 -19.88
N ALA E 590 -7.37 33.95 -20.80
CA ALA E 590 -8.06 35.05 -21.45
C ALA E 590 -8.90 35.83 -20.44
N HIS E 591 -9.59 35.11 -19.56
CA HIS E 591 -10.42 35.73 -18.54
C HIS E 591 -9.59 36.57 -17.58
N MET E 592 -8.44 36.04 -17.18
CA MET E 592 -7.55 36.74 -16.26
C MET E 592 -6.93 37.98 -16.88
N LEU E 593 -6.55 37.87 -18.15
CA LEU E 593 -5.93 38.99 -18.88
C LEU E 593 -6.95 39.94 -19.50
N GLU E 594 -8.22 39.56 -19.42
CA GLU E 594 -9.31 40.36 -19.96
C GLU E 594 -9.13 40.68 -21.46
N VAL E 595 -8.95 39.62 -22.23
CA VAL E 595 -8.76 39.72 -23.67
C VAL E 595 -9.43 38.52 -24.33
N ASN E 596 -9.46 38.51 -25.66
CA ASN E 596 -10.06 37.41 -26.37
C ASN E 596 -9.04 36.26 -26.48
N GLU E 597 -9.49 35.06 -26.81
CA GLU E 597 -8.60 33.91 -26.96
C GLU E 597 -7.59 34.03 -28.10
N ASN E 598 -8.05 34.20 -29.36
CA ASN E 598 -7.11 34.32 -30.49
C ASN E 598 -6.26 35.58 -30.36
N ASP E 599 -6.33 36.21 -29.20
CA ASP E 599 -5.56 37.41 -28.89
C ASP E 599 -4.33 37.03 -28.07
N LEU E 600 -4.27 35.77 -27.68
CA LEU E 600 -3.17 35.24 -26.87
C LEU E 600 -2.19 34.39 -27.68
N ASP E 601 -0.93 34.47 -27.28
CA ASP E 601 0.16 33.71 -27.90
C ASP E 601 0.78 32.78 -26.88
N TRP E 602 0.96 31.51 -27.25
CA TRP E 602 1.59 30.56 -26.34
C TRP E 602 3.09 30.58 -26.61
N GLU E 603 3.87 30.88 -25.59
CA GLU E 603 5.32 30.91 -25.72
C GLU E 603 5.96 30.10 -24.60
N VAL E 604 6.20 28.82 -24.91
CA VAL E 604 6.84 27.88 -24.00
C VAL E 604 6.10 27.49 -22.71
N ASP E 605 5.81 28.47 -21.86
CA ASP E 605 5.15 28.17 -20.59
C ASP E 605 4.21 29.26 -20.08
N ARG E 606 3.66 30.04 -21.01
CA ARG E 606 2.77 31.13 -20.63
C ARG E 606 1.92 31.56 -21.82
N PHE E 607 0.83 32.26 -21.52
CA PHE E 607 -0.06 32.80 -22.53
C PHE E 607 0.16 34.30 -22.42
N LYS E 608 0.66 34.90 -23.50
CA LYS E 608 0.90 36.34 -23.50
C LYS E 608 0.02 37.07 -24.49
N VAL E 609 -0.25 38.34 -24.19
CA VAL E 609 -1.08 39.17 -25.07
C VAL E 609 -0.26 39.61 -26.29
N LYS E 610 -0.82 39.37 -27.47
CA LYS E 610 -0.18 39.72 -28.74
C LYS E 610 0.20 41.20 -28.76
N GLY E 611 1.47 41.48 -29.04
CA GLY E 611 1.96 42.85 -29.09
C GLY E 611 2.20 43.48 -27.73
N ASP E 612 2.19 42.68 -26.66
CA ASP E 612 2.43 43.20 -25.31
C ASP E 612 2.95 42.08 -24.39
N ASP E 613 4.26 41.86 -24.44
CA ASP E 613 4.93 40.84 -23.64
C ASP E 613 4.70 41.00 -22.13
N SER E 614 4.61 42.24 -21.66
CA SER E 614 4.43 42.47 -20.23
C SER E 614 3.17 41.86 -19.64
N LYS E 615 2.20 41.55 -20.49
CA LYS E 615 0.93 40.96 -20.05
C LYS E 615 0.82 39.48 -20.39
N PHE E 616 1.09 38.62 -19.40
CA PHE E 616 1.05 37.18 -19.58
C PHE E 616 0.63 36.44 -18.33
N LYS E 617 0.26 35.17 -18.50
CA LYS E 617 -0.12 34.31 -17.39
C LYS E 617 0.49 32.93 -17.61
N THR E 618 1.31 32.49 -16.66
CA THR E 618 1.95 31.19 -16.74
C THR E 618 0.98 30.09 -16.37
N MET E 619 1.36 28.85 -16.67
CA MET E 619 0.52 27.69 -16.35
C MET E 619 0.29 27.61 -14.84
N ALA E 620 1.26 28.10 -14.06
CA ALA E 620 1.15 28.13 -12.61
C ALA E 620 0.04 29.09 -12.19
N ASP E 621 0.03 30.28 -12.81
CA ASP E 621 -0.99 31.29 -12.52
C ASP E 621 -2.37 30.73 -12.87
N ILE E 622 -2.44 30.09 -14.03
CA ILE E 622 -3.69 29.52 -14.52
C ILE E 622 -4.21 28.40 -13.62
N ALA E 623 -3.30 27.53 -13.20
CA ALA E 623 -3.64 26.41 -12.33
C ALA E 623 -4.28 26.90 -11.03
N TRP E 624 -3.63 27.85 -10.37
CA TRP E 624 -4.17 28.39 -9.13
C TRP E 624 -5.56 28.96 -9.37
N GLN E 625 -5.67 29.75 -10.44
CA GLN E 625 -6.92 30.38 -10.83
C GLN E 625 -8.03 29.35 -11.02
N ALA E 626 -7.66 28.18 -11.56
CA ALA E 626 -8.58 27.09 -11.82
C ALA E 626 -9.24 26.54 -10.56
N TYR E 627 -8.52 26.57 -9.45
CA TYR E 627 -9.03 26.08 -8.18
C TYR E 627 -9.60 27.18 -7.30
N HIS E 628 -9.13 28.40 -7.55
CA HIS E 628 -9.54 29.58 -6.82
C HIS E 628 -10.89 30.16 -7.24
N GLN E 629 -11.05 30.43 -8.52
CA GLN E 629 -12.27 31.04 -9.03
C GLN E 629 -12.40 30.72 -10.50
N PRO E 630 -13.17 29.67 -10.85
CA PRO E 630 -13.34 29.31 -12.25
C PRO E 630 -14.16 30.35 -13.00
N PRO E 631 -13.71 30.73 -14.20
CA PRO E 631 -14.44 31.72 -15.00
C PRO E 631 -15.86 31.19 -15.25
N ALA E 632 -16.82 32.10 -15.42
CA ALA E 632 -18.21 31.73 -15.65
C ALA E 632 -18.37 30.68 -16.75
N GLY E 633 -19.17 29.65 -16.47
CA GLY E 633 -19.40 28.60 -17.45
C GLY E 633 -18.32 27.53 -17.51
N LEU E 634 -17.43 27.53 -16.52
CA LEU E 634 -16.37 26.55 -16.45
C LEU E 634 -16.38 25.91 -15.09
N GLU E 635 -16.18 24.59 -15.07
CA GLU E 635 -16.12 23.85 -13.82
C GLU E 635 -14.74 24.16 -13.23
N PRO E 636 -14.62 24.10 -11.89
CA PRO E 636 -13.31 24.36 -11.27
C PRO E 636 -12.37 23.22 -11.65
N GLY E 637 -11.08 23.39 -11.36
CA GLY E 637 -10.12 22.35 -11.66
C GLY E 637 -9.45 22.52 -13.01
N LEU E 638 -8.50 21.64 -13.32
CA LEU E 638 -7.75 21.72 -14.57
C LEU E 638 -7.19 20.33 -14.86
N GLU E 639 -8.02 19.49 -15.48
CA GLU E 639 -7.62 18.13 -15.78
C GLU E 639 -8.37 17.59 -16.99
N ALA E 640 -7.87 16.49 -17.53
CA ALA E 640 -8.49 15.89 -18.69
C ALA E 640 -8.10 14.43 -18.84
N VAL E 641 -8.89 13.71 -19.64
CA VAL E 641 -8.64 12.30 -19.92
C VAL E 641 -8.88 12.13 -21.41
N HIS E 642 -8.19 11.17 -22.02
CA HIS E 642 -8.37 10.94 -23.44
C HIS E 642 -8.12 9.49 -23.81
N TYR E 643 -9.11 8.90 -24.47
CA TYR E 643 -9.02 7.53 -24.94
C TYR E 643 -8.79 7.61 -26.45
N TYR E 644 -7.57 7.27 -26.88
CA TYR E 644 -7.20 7.34 -28.29
C TYR E 644 -7.32 6.06 -29.11
N ASP E 645 -8.22 6.09 -30.09
CA ASP E 645 -8.40 4.97 -30.98
C ASP E 645 -7.69 5.43 -32.24
N PRO E 646 -6.45 4.96 -32.46
CA PRO E 646 -5.64 5.33 -33.61
C PRO E 646 -6.26 5.06 -34.98
N PRO E 647 -6.08 6.00 -35.91
CA PRO E 647 -6.62 5.89 -37.27
C PRO E 647 -5.79 4.94 -38.13
N ASN E 648 -4.51 4.82 -37.78
CA ASN E 648 -3.58 3.98 -38.53
C ASN E 648 -2.42 3.58 -37.62
N PHE E 649 -1.62 2.61 -38.06
CA PHE E 649 -0.43 2.19 -37.33
C PHE E 649 0.66 3.22 -37.62
N THR E 650 1.83 3.00 -37.06
CA THR E 650 2.98 3.87 -37.27
C THR E 650 3.97 3.00 -38.04
N TYR E 651 4.69 3.57 -38.99
CA TYR E 651 5.62 2.76 -39.79
C TYR E 651 7.06 3.25 -39.76
N PRO E 652 7.81 2.95 -38.69
CA PRO E 652 9.21 3.38 -38.62
C PRO E 652 10.05 2.51 -39.54
N PHE E 653 11.26 2.95 -39.82
CA PHE E 653 12.15 2.19 -40.70
C PHE E 653 13.62 2.28 -40.32
N GLY E 654 14.45 1.51 -41.04
CA GLY E 654 15.86 1.51 -40.74
C GLY E 654 16.74 0.83 -41.76
N ILE E 655 17.99 1.27 -41.82
CA ILE E 655 18.99 0.71 -42.71
C ILE E 655 20.09 0.18 -41.81
N TYR E 656 20.21 -1.15 -41.74
CA TYR E 656 21.20 -1.82 -40.92
C TYR E 656 22.25 -2.52 -41.77
N LEU E 657 23.52 -2.29 -41.43
CA LEU E 657 24.63 -2.90 -42.15
C LEU E 657 25.58 -3.55 -41.14
N CYS E 658 26.03 -4.76 -41.48
CA CYS E 658 26.94 -5.51 -40.63
C CYS E 658 28.05 -6.18 -41.44
N VAL E 659 29.25 -6.19 -40.88
CA VAL E 659 30.40 -6.83 -41.51
C VAL E 659 30.90 -7.91 -40.56
N VAL E 660 31.05 -9.12 -41.07
CA VAL E 660 31.54 -10.22 -40.24
C VAL E 660 32.78 -10.86 -40.85
N ASP E 661 33.63 -11.40 -39.99
CA ASP E 661 34.84 -12.10 -40.41
C ASP E 661 34.72 -13.49 -39.81
N ILE E 662 34.70 -14.50 -40.67
CA ILE E 662 34.58 -15.88 -40.21
C ILE E 662 35.92 -16.60 -40.23
N ASP E 663 36.25 -17.24 -39.12
CA ASP E 663 37.49 -17.99 -39.01
C ASP E 663 37.26 -19.33 -39.68
N ARG E 664 37.94 -19.55 -40.81
CA ARG E 664 37.79 -20.77 -41.57
C ARG E 664 38.21 -22.05 -40.85
N ALA E 665 39.09 -21.92 -39.87
CA ALA E 665 39.57 -23.08 -39.11
C ALA E 665 38.63 -23.55 -38.01
N THR E 666 37.93 -22.61 -37.36
CA THR E 666 37.03 -22.94 -36.26
C THR E 666 35.55 -22.70 -36.52
N GLY E 667 35.25 -21.82 -37.48
CA GLY E 667 33.87 -21.50 -37.79
C GLY E 667 33.36 -20.34 -36.97
N GLU E 668 34.24 -19.75 -36.16
CA GLU E 668 33.90 -18.63 -35.31
C GLU E 668 33.63 -17.36 -36.10
N THR E 669 32.47 -16.75 -35.86
CA THR E 669 32.09 -15.53 -36.57
C THR E 669 32.27 -14.33 -35.66
N LYS E 670 32.98 -13.33 -36.14
CA LYS E 670 33.22 -12.12 -35.36
C LYS E 670 32.65 -10.88 -36.05
N VAL E 671 31.73 -10.20 -35.38
CA VAL E 671 31.14 -8.99 -35.94
C VAL E 671 32.19 -7.88 -35.87
N ARG E 672 32.66 -7.47 -37.04
CA ARG E 672 33.67 -6.42 -37.14
C ARG E 672 33.03 -5.06 -36.96
N ARG E 673 31.85 -4.90 -37.54
CA ARG E 673 31.15 -3.64 -37.47
C ARG E 673 29.64 -3.79 -37.66
N PHE E 674 28.89 -2.93 -37.01
CA PHE E 674 27.43 -2.96 -37.13
C PHE E 674 26.92 -1.52 -37.03
N TYR E 675 26.34 -1.06 -38.13
CA TYR E 675 25.80 0.30 -38.24
C TYR E 675 24.27 0.23 -38.30
N ALA E 676 23.62 0.91 -37.36
CA ALA E 676 22.17 0.91 -37.31
C ALA E 676 21.58 2.31 -37.39
N LEU E 677 20.79 2.56 -38.44
CA LEU E 677 20.13 3.84 -38.62
C LEU E 677 18.64 3.59 -38.47
N ASP E 678 18.03 4.24 -37.49
CA ASP E 678 16.61 4.10 -37.25
C ASP E 678 15.90 5.43 -37.40
N ASP E 679 14.72 5.40 -38.00
CA ASP E 679 13.92 6.61 -38.18
C ASP E 679 12.56 6.30 -37.59
N CYS E 680 12.29 6.84 -36.41
CA CYS E 680 11.03 6.64 -35.72
C CYS E 680 10.30 7.97 -35.60
N GLY E 681 10.45 8.82 -36.60
CA GLY E 681 9.80 10.12 -36.58
C GLY E 681 10.30 11.04 -35.48
N THR E 682 9.38 11.82 -34.91
CA THR E 682 9.72 12.75 -33.86
C THR E 682 10.25 11.99 -32.64
N ARG E 683 11.48 12.32 -32.25
CA ARG E 683 12.14 11.69 -31.10
C ARG E 683 11.85 12.38 -29.77
N ILE E 684 11.37 11.64 -28.79
CA ILE E 684 11.05 12.22 -27.48
C ILE E 684 12.31 12.39 -26.63
N ASN E 685 13.04 11.31 -26.45
CA ASN E 685 14.28 11.34 -25.67
C ASN E 685 15.30 10.48 -26.39
N PRO E 686 16.25 11.12 -27.10
CA PRO E 686 17.28 10.38 -27.83
C PRO E 686 18.17 9.47 -26.98
N MET E 687 18.39 9.84 -25.73
CA MET E 687 19.23 9.02 -24.86
C MET E 687 18.52 7.69 -24.66
N ILE E 688 17.23 7.76 -24.35
CA ILE E 688 16.42 6.56 -24.16
C ILE E 688 16.31 5.75 -25.44
N ILE E 689 16.16 6.44 -26.57
CA ILE E 689 16.05 5.77 -27.87
C ILE E 689 17.31 4.95 -28.15
N GLU E 690 18.47 5.51 -27.84
CA GLU E 690 19.75 4.84 -28.06
C GLU E 690 19.84 3.54 -27.25
N GLY E 691 19.42 3.61 -25.99
CA GLY E 691 19.45 2.44 -25.12
C GLY E 691 18.62 1.31 -25.70
N GLN E 692 17.43 1.66 -26.19
CA GLN E 692 16.51 0.70 -26.79
C GLN E 692 17.15 0.06 -28.01
N ILE E 693 17.94 0.83 -28.75
CA ILE E 693 18.62 0.33 -29.93
C ILE E 693 19.68 -0.69 -29.52
N HIS E 694 20.50 -0.32 -28.53
CA HIS E 694 21.54 -1.21 -28.03
C HIS E 694 20.98 -2.54 -27.54
N GLY E 695 19.85 -2.47 -26.83
CA GLY E 695 19.23 -3.66 -26.31
C GLY E 695 18.65 -4.54 -27.40
N GLY E 696 18.03 -3.91 -28.39
CA GLY E 696 17.43 -4.63 -29.48
C GLY E 696 18.43 -5.32 -30.39
N LEU E 697 19.52 -4.62 -30.71
CA LEU E 697 20.55 -5.19 -31.57
C LEU E 697 21.22 -6.35 -30.87
N THR E 698 21.38 -6.23 -29.55
CA THR E 698 22.01 -7.27 -28.74
C THR E 698 21.13 -8.53 -28.70
N GLU E 699 19.81 -8.33 -28.73
CA GLU E 699 18.88 -9.46 -28.73
C GLU E 699 18.99 -10.15 -30.08
N GLY E 700 19.20 -9.35 -31.13
CA GLY E 700 19.33 -9.88 -32.46
C GLY E 700 20.57 -10.76 -32.56
N TYR E 701 21.68 -10.27 -32.03
CA TYR E 701 22.92 -11.03 -32.04
C TYR E 701 22.66 -12.34 -31.30
N ALA E 702 21.88 -12.25 -30.23
CA ALA E 702 21.53 -13.42 -29.45
C ALA E 702 20.75 -14.44 -30.28
N VAL E 703 19.71 -13.98 -30.97
CA VAL E 703 18.88 -14.85 -31.80
C VAL E 703 19.60 -15.46 -32.98
N ALA E 704 20.21 -14.62 -33.80
CA ALA E 704 20.92 -15.07 -34.99
C ALA E 704 22.20 -15.88 -34.75
N MET E 705 22.99 -15.48 -33.76
CA MET E 705 24.26 -16.16 -33.50
C MET E 705 24.29 -17.32 -32.50
N GLY E 706 23.27 -17.47 -31.66
CA GLY E 706 23.34 -18.57 -30.71
C GLY E 706 22.08 -19.19 -30.13
N GLN E 707 20.99 -18.45 -30.06
CA GLN E 707 19.75 -18.96 -29.48
C GLN E 707 18.95 -19.98 -30.29
N GLN E 708 18.40 -20.96 -29.57
CA GLN E 708 17.58 -22.02 -30.16
C GLN E 708 16.95 -22.85 -29.04
N MET E 709 15.91 -23.60 -29.38
CA MET E 709 15.22 -24.43 -28.40
C MET E 709 14.95 -25.81 -28.98
N PRO E 710 16.00 -26.64 -29.09
CA PRO E 710 15.92 -28.00 -29.63
C PRO E 710 15.20 -29.05 -28.79
N PHE E 711 14.47 -29.92 -29.48
CA PHE E 711 13.73 -31.01 -28.84
C PHE E 711 14.27 -32.31 -29.42
N ASP E 712 14.42 -33.34 -28.57
CA ASP E 712 14.90 -34.63 -29.08
C ASP E 712 13.71 -35.43 -29.61
N ALA E 713 13.96 -36.68 -30.02
CA ALA E 713 12.92 -37.54 -30.57
C ALA E 713 11.79 -37.83 -29.60
N GLN E 714 12.11 -37.88 -28.31
CA GLN E 714 11.13 -38.16 -27.26
C GLN E 714 10.40 -36.91 -26.77
N GLY E 715 10.73 -35.76 -27.34
CA GLY E 715 10.08 -34.51 -26.97
C GLY E 715 10.65 -33.71 -25.80
N ASN E 716 11.81 -34.13 -25.30
CA ASN E 716 12.43 -33.42 -24.17
C ASN E 716 13.05 -32.12 -24.68
N LEU E 717 12.80 -31.03 -23.97
CA LEU E 717 13.36 -29.74 -24.35
C LEU E 717 14.81 -29.73 -23.89
N LEU E 718 15.73 -29.55 -24.84
CA LEU E 718 17.15 -29.52 -24.51
C LEU E 718 17.60 -28.06 -24.39
N GLY E 719 18.61 -27.81 -23.57
CA GLY E 719 19.13 -26.47 -23.39
C GLY E 719 18.14 -25.44 -22.89
N ASN E 720 17.39 -25.80 -21.84
CA ASN E 720 16.39 -24.90 -21.27
C ASN E 720 16.85 -24.11 -20.04
N THR E 721 18.16 -24.06 -19.80
CA THR E 721 18.73 -23.30 -18.70
C THR E 721 19.86 -22.46 -19.29
N LEU E 722 20.44 -21.56 -18.49
CA LEU E 722 21.53 -20.72 -18.97
C LEU E 722 22.83 -21.49 -19.20
N MET E 723 22.81 -22.79 -18.91
CA MET E 723 23.96 -23.66 -19.13
C MET E 723 24.16 -23.75 -20.64
N ASP E 724 23.04 -23.72 -21.37
CA ASP E 724 23.07 -23.82 -22.82
C ASP E 724 22.33 -22.69 -23.55
N TYR E 725 21.23 -22.18 -23.00
CA TYR E 725 20.50 -21.09 -23.65
C TYR E 725 21.37 -19.84 -23.73
N PHE E 726 21.77 -19.51 -24.96
CA PHE E 726 22.66 -18.37 -25.23
C PHE E 726 22.17 -16.96 -24.90
N LEU E 727 23.03 -16.23 -24.17
CA LEU E 727 22.80 -14.85 -23.80
C LEU E 727 24.19 -14.23 -23.78
N PRO E 728 24.45 -13.29 -24.68
CA PRO E 728 25.76 -12.63 -24.75
C PRO E 728 26.12 -11.81 -23.51
N THR E 729 27.41 -11.77 -23.20
CA THR E 729 27.91 -10.98 -22.08
C THR E 729 28.57 -9.77 -22.71
N ALA E 730 29.08 -8.87 -21.88
CA ALA E 730 29.75 -7.67 -22.37
C ALA E 730 30.89 -8.00 -23.34
N VAL E 731 31.43 -9.22 -23.22
CA VAL E 731 32.53 -9.64 -24.09
C VAL E 731 32.06 -10.07 -25.48
N GLU E 732 30.90 -10.70 -25.58
CA GLU E 732 30.38 -11.13 -26.87
C GLU E 732 29.64 -10.03 -27.64
N THR E 733 29.13 -9.03 -26.92
CA THR E 733 28.36 -7.95 -27.53
C THR E 733 29.20 -6.90 -28.23
N PRO E 734 29.03 -6.74 -29.55
CA PRO E 734 29.80 -5.75 -30.29
C PRO E 734 29.42 -4.31 -29.98
N HIS E 735 30.31 -3.39 -30.32
CA HIS E 735 30.08 -1.97 -30.13
C HIS E 735 29.12 -1.59 -31.25
N TRP E 736 28.01 -0.96 -30.88
CA TRP E 736 27.01 -0.57 -31.86
C TRP E 736 27.23 0.85 -32.33
N GLU E 737 27.01 1.07 -33.61
CA GLU E 737 27.10 2.40 -34.19
C GLU E 737 25.67 2.72 -34.61
N THR E 738 25.15 3.84 -34.11
CA THR E 738 23.79 4.23 -34.40
C THR E 738 23.70 5.55 -35.15
N ASP E 739 22.63 5.70 -35.93
CA ASP E 739 22.39 6.91 -36.71
C ASP E 739 20.88 7.04 -36.86
N HIS E 740 20.42 8.14 -37.43
CA HIS E 740 18.99 8.33 -37.60
C HIS E 740 18.64 9.45 -38.56
N THR E 741 17.37 9.46 -38.97
CA THR E 741 16.80 10.48 -39.82
C THR E 741 15.42 10.73 -39.19
N VAL E 742 14.78 11.85 -39.50
CA VAL E 742 13.48 12.17 -38.90
C VAL E 742 12.35 12.34 -39.91
N THR E 743 11.56 11.30 -40.09
CA THR E 743 10.41 11.31 -41.00
C THR E 743 9.19 11.02 -40.12
N PRO E 744 8.55 12.08 -39.59
CA PRO E 744 7.37 12.02 -38.72
C PRO E 744 6.13 11.37 -39.30
N SER E 745 5.30 10.79 -38.42
CA SER E 745 4.04 10.17 -38.81
C SER E 745 3.04 11.31 -38.91
N PRO E 746 2.51 11.58 -40.11
CA PRO E 746 1.54 12.66 -40.32
C PRO E 746 0.29 12.60 -39.44
N HIS E 747 -0.26 11.40 -39.26
CA HIS E 747 -1.48 11.24 -38.46
C HIS E 747 -1.30 11.33 -36.93
N HIS E 748 -0.05 11.23 -36.46
CA HIS E 748 0.24 11.25 -35.03
C HIS E 748 0.27 12.68 -34.44
N PRO E 749 -0.38 12.88 -33.28
CA PRO E 749 -0.44 14.18 -32.60
C PRO E 749 0.90 14.89 -32.41
N ILE E 750 1.98 14.12 -32.32
CA ILE E 750 3.32 14.69 -32.18
C ILE E 750 4.29 14.10 -33.22
N GLY E 751 3.73 13.42 -34.22
CA GLY E 751 4.54 12.82 -35.28
C GLY E 751 5.51 11.76 -34.82
N ALA E 752 5.31 11.22 -33.63
CA ALA E 752 6.21 10.20 -33.09
C ALA E 752 5.85 8.78 -33.49
N LYS E 753 6.88 8.01 -33.85
CA LYS E 753 6.70 6.62 -34.24
C LYS E 753 7.39 5.73 -33.20
N GLY E 754 6.91 4.49 -33.02
CA GLY E 754 7.53 3.58 -32.07
C GLY E 754 8.94 3.23 -32.53
N VAL E 755 9.76 2.61 -31.68
CA VAL E 755 11.13 2.29 -32.08
C VAL E 755 11.75 1.09 -31.41
N ALA E 756 11.34 0.82 -30.17
CA ALA E 756 11.88 -0.29 -29.38
C ALA E 756 12.05 -1.64 -30.08
N GLU E 757 11.08 -2.03 -30.89
CA GLU E 757 11.17 -3.33 -31.55
C GLU E 757 11.90 -3.37 -32.88
N SER E 758 12.19 -2.18 -33.41
CA SER E 758 12.92 -2.06 -34.68
C SER E 758 14.29 -2.72 -34.65
N PRO E 759 15.14 -2.39 -33.64
CA PRO E 759 16.47 -2.99 -33.58
C PRO E 759 16.44 -4.52 -33.57
N HIS E 760 15.42 -5.07 -32.93
CA HIS E 760 15.26 -6.53 -32.85
C HIS E 760 14.83 -7.11 -34.19
N VAL E 761 13.80 -6.51 -34.77
CA VAL E 761 13.27 -6.98 -36.04
C VAL E 761 14.28 -6.87 -37.17
N GLY E 762 14.95 -5.74 -37.26
CA GLY E 762 15.91 -5.51 -38.32
C GLY E 762 17.28 -6.16 -38.20
N SER E 763 17.85 -6.15 -37.00
CA SER E 763 19.17 -6.73 -36.78
C SER E 763 19.32 -8.22 -37.07
N ILE E 764 18.30 -9.01 -36.74
CA ILE E 764 18.39 -10.46 -36.96
C ILE E 764 18.71 -10.85 -38.41
N PRO E 765 17.91 -10.39 -39.39
CA PRO E 765 18.23 -10.76 -40.77
C PRO E 765 19.53 -10.13 -41.29
N THR E 766 20.02 -9.10 -40.60
CA THR E 766 21.26 -8.44 -40.99
C THR E 766 22.44 -9.37 -40.69
N PHE E 767 22.36 -10.08 -39.57
CA PHE E 767 23.41 -11.01 -39.19
C PHE E 767 23.42 -12.16 -40.17
N THR E 768 22.25 -12.73 -40.45
CA THR E 768 22.18 -13.82 -41.42
C THR E 768 22.67 -13.35 -42.78
N ALA E 769 22.31 -12.12 -43.15
CA ALA E 769 22.75 -11.56 -44.43
C ALA E 769 24.27 -11.46 -44.51
N ALA E 770 24.90 -11.17 -43.38
CA ALA E 770 26.36 -11.04 -43.30
C ALA E 770 27.04 -12.39 -43.35
N VAL E 771 26.45 -13.37 -42.65
CA VAL E 771 27.00 -14.72 -42.62
C VAL E 771 26.87 -15.35 -43.99
N VAL E 772 25.67 -15.27 -44.57
CA VAL E 772 25.42 -15.83 -45.89
C VAL E 772 26.26 -15.13 -46.96
N ASP E 773 26.41 -13.81 -46.85
CA ASP E 773 27.21 -13.09 -47.84
C ASP E 773 28.66 -13.58 -47.83
N ALA E 774 29.12 -14.08 -46.69
CA ALA E 774 30.48 -14.58 -46.58
C ALA E 774 30.64 -15.86 -47.41
N PHE E 775 29.53 -16.55 -47.64
CA PHE E 775 29.53 -17.79 -48.43
C PHE E 775 28.95 -17.57 -49.85
N ALA E 776 28.50 -16.35 -50.14
CA ALA E 776 27.90 -16.02 -51.43
C ALA E 776 28.74 -16.33 -52.68
N HIS E 777 30.06 -16.13 -52.57
CA HIS E 777 30.94 -16.38 -53.71
C HIS E 777 31.11 -17.87 -54.08
N VAL E 778 30.53 -18.76 -53.27
CA VAL E 778 30.59 -20.19 -53.58
C VAL E 778 29.19 -20.74 -53.83
N GLY E 779 28.23 -19.83 -54.01
CA GLY E 779 26.86 -20.22 -54.30
C GLY E 779 25.82 -20.31 -53.20
N VAL E 780 26.22 -20.09 -51.96
CA VAL E 780 25.27 -20.18 -50.84
C VAL E 780 24.24 -19.07 -50.91
N THR E 781 22.97 -19.46 -50.84
CA THR E 781 21.85 -18.51 -50.90
C THR E 781 21.27 -18.23 -49.52
N HIS E 782 21.37 -19.21 -48.63
CA HIS E 782 20.85 -19.07 -47.27
C HIS E 782 21.39 -20.14 -46.33
N LEU E 783 21.58 -19.76 -45.08
CA LEU E 783 22.06 -20.68 -44.03
C LEU E 783 21.14 -20.43 -42.83
N ASP E 784 20.51 -21.50 -42.32
CA ASP E 784 19.59 -21.38 -41.18
C ASP E 784 20.24 -21.00 -39.86
N MET E 785 19.51 -20.23 -39.04
CA MET E 785 19.99 -19.81 -37.73
C MET E 785 19.86 -20.98 -36.74
N PRO E 786 20.64 -20.96 -35.64
CA PRO E 786 21.63 -19.95 -35.27
C PRO E 786 22.97 -20.16 -35.97
N HIS E 787 23.73 -19.09 -36.11
CA HIS E 787 25.03 -19.14 -36.75
C HIS E 787 26.13 -19.29 -35.71
N THR E 788 26.17 -20.45 -35.05
CA THR E 788 27.18 -20.73 -34.05
C THR E 788 28.46 -21.20 -34.75
N SER E 789 29.55 -21.31 -34.00
CA SER E 789 30.81 -21.77 -34.56
C SER E 789 30.63 -23.17 -35.13
N TYR E 790 29.92 -24.00 -34.38
CA TYR E 790 29.63 -25.38 -34.75
C TYR E 790 28.89 -25.45 -36.08
N ARG E 791 27.73 -24.80 -36.14
CA ARG E 791 26.91 -24.81 -37.34
C ARG E 791 27.61 -24.16 -38.51
N VAL E 792 28.30 -23.04 -38.28
CA VAL E 792 29.02 -22.36 -39.35
C VAL E 792 30.20 -23.23 -39.85
N TRP E 793 30.80 -24.00 -38.95
CA TRP E 793 31.91 -24.88 -39.34
C TRP E 793 31.37 -25.98 -40.27
N LYS E 794 30.19 -26.50 -39.95
CA LYS E 794 29.56 -27.54 -40.76
C LYS E 794 29.36 -27.02 -42.19
N SER E 795 29.11 -25.71 -42.31
CA SER E 795 28.93 -25.11 -43.62
C SER E 795 30.28 -24.95 -44.34
N LEU E 796 31.32 -24.57 -43.59
CA LEU E 796 32.65 -24.42 -44.17
C LEU E 796 33.10 -25.79 -44.69
N LYS E 797 32.78 -26.83 -43.92
CA LYS E 797 33.12 -28.20 -44.25
C LYS E 797 32.39 -28.65 -45.52
N GLU E 798 31.10 -28.38 -45.58
CA GLU E 798 30.27 -28.76 -46.72
C GLU E 798 30.64 -28.05 -48.01
N HIS E 799 31.13 -26.81 -47.88
CA HIS E 799 31.51 -26.02 -49.05
C HIS E 799 33.02 -25.92 -49.27
N ASN E 800 33.74 -26.86 -48.67
CA ASN E 800 35.19 -26.96 -48.76
C ASN E 800 35.94 -25.65 -48.53
N LEU E 801 35.53 -24.96 -47.46
CA LEU E 801 36.14 -23.70 -47.07
C LEU E 801 36.81 -23.83 -45.71
N ALA E 802 36.71 -25.01 -45.11
CA ALA E 802 37.30 -25.30 -43.80
C ALA E 802 38.82 -25.17 -43.81
N LEU E 803 39.32 -24.35 -42.89
CA LEU E 803 40.74 -24.04 -42.71
C LEU E 803 41.58 -23.89 -43.96
N MET F 1 16.60 -24.63 -8.02
CA MET F 1 17.06 -23.51 -7.21
C MET F 1 17.18 -23.93 -5.76
N ILE F 2 16.17 -24.66 -5.28
CA ILE F 2 16.15 -25.10 -3.89
C ILE F 2 16.79 -26.46 -3.65
N PRO F 3 17.92 -26.48 -2.92
CA PRO F 3 18.63 -27.71 -2.60
C PRO F 3 17.93 -28.41 -1.45
N PRO F 4 18.07 -29.75 -1.35
CA PRO F 4 17.43 -30.53 -0.26
C PRO F 4 18.11 -30.29 1.08
N ARG F 5 17.39 -30.56 2.16
CA ARG F 5 17.90 -30.39 3.51
C ARG F 5 19.18 -31.19 3.74
N PHE F 6 20.09 -30.62 4.50
CA PHE F 6 21.36 -31.27 4.84
C PHE F 6 21.96 -30.66 6.09
N GLU F 7 22.87 -31.38 6.72
CA GLU F 7 23.56 -30.92 7.92
C GLU F 7 24.89 -30.32 7.49
N TYR F 8 25.28 -29.25 8.16
CA TYR F 8 26.50 -28.51 7.86
C TYR F 8 27.57 -28.69 8.94
N HIS F 9 28.78 -29.07 8.53
CA HIS F 9 29.90 -29.30 9.43
C HIS F 9 31.08 -28.49 8.89
N ALA F 10 31.79 -27.79 9.77
CA ALA F 10 32.91 -26.97 9.33
C ALA F 10 34.21 -27.13 10.13
N PRO F 11 34.79 -28.34 10.13
CA PRO F 11 36.03 -28.62 10.87
C PRO F 11 37.19 -27.67 10.51
N LYS F 12 38.08 -27.46 11.48
CA LYS F 12 39.23 -26.58 11.29
C LYS F 12 40.54 -27.28 10.96
N SER F 13 40.49 -28.60 10.81
CA SER F 13 41.66 -29.39 10.47
C SER F 13 41.35 -30.49 9.47
N VAL F 14 42.34 -30.86 8.66
CA VAL F 14 42.17 -31.92 7.68
C VAL F 14 41.87 -33.25 8.37
N GLY F 15 42.49 -33.48 9.52
CA GLY F 15 42.27 -34.70 10.26
C GLY F 15 40.84 -34.93 10.65
N GLU F 16 40.18 -33.88 11.16
CA GLU F 16 38.79 -33.98 11.57
C GLU F 16 37.82 -34.01 10.39
N ALA F 17 38.22 -33.41 9.26
CA ALA F 17 37.38 -33.44 8.06
C ALA F 17 37.35 -34.90 7.62
N VAL F 18 38.53 -35.52 7.63
CA VAL F 18 38.71 -36.93 7.27
C VAL F 18 37.90 -37.80 8.23
N ALA F 19 37.95 -37.46 9.52
CA ALA F 19 37.24 -38.21 10.54
C ALA F 19 35.74 -38.14 10.29
N LEU F 20 35.27 -36.96 9.90
CA LEU F 20 33.85 -36.75 9.60
C LEU F 20 33.41 -37.55 8.38
N LEU F 21 34.25 -37.61 7.35
CA LEU F 21 33.93 -38.39 6.16
C LEU F 21 33.72 -39.85 6.58
N GLY F 22 34.52 -40.28 7.56
CA GLY F 22 34.44 -41.64 8.05
C GLY F 22 33.15 -41.99 8.79
N GLN F 23 32.78 -41.20 9.80
CA GLN F 23 31.57 -41.51 10.55
C GLN F 23 30.25 -41.21 9.81
N LEU F 24 30.28 -40.26 8.89
CA LEU F 24 29.09 -39.88 8.14
C LEU F 24 28.87 -40.74 6.89
N GLY F 25 29.95 -41.27 6.34
CA GLY F 25 29.86 -42.12 5.16
C GLY F 25 29.62 -41.41 3.84
N SER F 26 29.15 -42.18 2.86
CA SER F 26 28.87 -41.68 1.51
C SER F 26 27.75 -40.63 1.49
N ASP F 27 27.09 -40.45 2.63
CA ASP F 27 26.02 -39.47 2.76
C ASP F 27 26.60 -38.06 2.95
N ALA F 28 27.92 -38.00 3.12
CA ALA F 28 28.61 -36.74 3.31
C ALA F 28 29.40 -36.35 2.08
N LYS F 29 29.57 -35.05 1.91
CA LYS F 29 30.30 -34.51 0.77
C LYS F 29 31.11 -33.30 1.21
N LEU F 30 32.35 -33.22 0.75
CA LEU F 30 33.24 -32.10 1.06
C LEU F 30 32.80 -30.85 0.31
N LEU F 31 32.58 -29.77 1.06
CA LEU F 31 32.15 -28.50 0.47
C LEU F 31 33.33 -27.52 0.38
N ALA F 32 33.83 -27.30 -0.84
CA ALA F 32 34.92 -26.36 -1.04
C ALA F 32 34.35 -25.02 -1.51
N GLY F 33 34.61 -24.63 -2.76
CA GLY F 33 34.08 -23.37 -3.28
C GLY F 33 32.58 -23.41 -3.52
N GLY F 34 32.03 -24.62 -3.64
CA GLY F 34 30.60 -24.80 -3.84
C GLY F 34 30.05 -24.50 -5.23
N HIS F 35 30.91 -24.07 -6.16
CA HIS F 35 30.40 -23.74 -7.50
C HIS F 35 30.24 -24.88 -8.49
N SER F 36 30.06 -26.08 -7.96
CA SER F 36 29.80 -27.27 -8.75
C SER F 36 28.84 -28.08 -7.89
N LEU F 37 29.19 -28.25 -6.61
CA LEU F 37 28.37 -29.01 -5.68
C LEU F 37 27.00 -28.37 -5.43
N LEU F 38 27.00 -27.07 -5.09
CA LEU F 38 25.74 -26.36 -4.85
C LEU F 38 24.82 -26.34 -6.07
N PRO F 39 25.37 -26.04 -7.26
CA PRO F 39 24.56 -26.02 -8.48
C PRO F 39 23.89 -27.37 -8.72
N MET F 40 24.63 -28.46 -8.49
CA MET F 40 24.10 -29.81 -8.65
C MET F 40 23.03 -30.08 -7.61
N MET F 41 23.26 -29.60 -6.40
CA MET F 41 22.32 -29.77 -5.31
C MET F 41 21.05 -28.94 -5.55
N LYS F 42 21.20 -27.74 -6.09
CA LYS F 42 20.06 -26.87 -6.38
C LYS F 42 19.15 -27.47 -7.45
N LEU F 43 19.75 -28.26 -8.35
CA LEU F 43 19.01 -28.94 -9.41
C LEU F 43 18.67 -30.37 -8.97
N ARG F 44 19.02 -30.68 -7.73
CA ARG F 44 18.78 -31.98 -7.11
C ARG F 44 19.36 -33.16 -7.87
N PHE F 45 20.51 -32.91 -8.51
CA PHE F 45 21.25 -33.92 -9.25
C PHE F 45 22.03 -34.72 -8.19
N ALA F 46 22.42 -34.05 -7.11
CA ALA F 46 23.15 -34.66 -6.00
C ALA F 46 22.41 -34.26 -4.72
N GLN F 47 22.26 -35.20 -3.80
CA GLN F 47 21.54 -34.93 -2.57
C GLN F 47 22.17 -35.47 -1.29
N PRO F 48 23.40 -35.02 -0.97
CA PRO F 48 24.07 -35.49 0.25
C PRO F 48 23.35 -34.99 1.50
N GLU F 49 23.27 -35.83 2.51
CA GLU F 49 22.60 -35.45 3.75
C GLU F 49 23.50 -34.62 4.65
N HIS F 50 24.80 -34.63 4.36
CA HIS F 50 25.78 -33.88 5.14
C HIS F 50 26.78 -33.17 4.25
N LEU F 51 27.11 -31.94 4.62
CA LEU F 51 28.11 -31.17 3.90
C LEU F 51 29.22 -30.85 4.89
N ILE F 52 30.44 -31.23 4.53
CA ILE F 52 31.60 -30.95 5.37
C ILE F 52 32.35 -29.81 4.72
N ASP F 53 32.06 -28.60 5.20
CA ASP F 53 32.71 -27.39 4.70
C ASP F 53 34.18 -27.41 5.10
N ILE F 54 35.07 -27.28 4.12
CA ILE F 54 36.50 -27.29 4.39
C ILE F 54 37.15 -25.92 4.14
N ASN F 55 36.38 -24.86 4.33
CA ASN F 55 36.87 -23.50 4.12
C ASN F 55 37.67 -22.91 5.29
N ARG F 56 37.55 -23.47 6.49
CA ARG F 56 38.27 -22.98 7.67
C ARG F 56 39.47 -23.86 8.03
N ILE F 57 40.11 -24.45 7.03
CA ILE F 57 41.28 -25.30 7.30
C ILE F 57 42.51 -24.61 6.72
N PRO F 58 43.26 -23.89 7.57
CA PRO F 58 44.46 -23.19 7.12
C PRO F 58 45.51 -23.94 6.31
N GLU F 59 45.72 -25.24 6.58
CA GLU F 59 46.74 -25.94 5.80
C GLU F 59 46.34 -26.28 4.37
N LEU F 60 45.08 -26.01 4.01
CA LEU F 60 44.61 -26.25 2.64
C LEU F 60 44.81 -25.00 1.81
N ARG F 61 45.45 -23.99 2.42
CA ARG F 61 45.69 -22.72 1.75
C ARG F 61 47.18 -22.35 1.72
N GLY F 62 47.51 -21.38 0.87
CA GLY F 62 48.87 -20.93 0.75
C GLY F 62 49.53 -21.32 -0.56
N ILE F 63 50.44 -20.48 -1.00
CA ILE F 63 51.21 -20.70 -2.22
C ILE F 63 52.64 -20.42 -1.78
N ARG F 64 53.45 -21.48 -1.73
CA ARG F 64 54.83 -21.39 -1.28
C ARG F 64 55.78 -22.02 -2.29
N GLU F 65 57.08 -21.93 -1.99
CA GLU F 65 58.11 -22.53 -2.83
C GLU F 65 59.03 -23.35 -1.93
N GLU F 66 59.18 -24.62 -2.28
CA GLU F 66 60.07 -25.52 -1.54
C GLU F 66 61.13 -25.88 -2.57
N GLY F 67 62.05 -24.95 -2.80
CA GLY F 67 63.10 -25.17 -3.77
C GLY F 67 62.57 -25.00 -5.18
N SER F 68 62.72 -26.04 -5.99
CA SER F 68 62.27 -26.03 -7.39
C SER F 68 60.80 -26.39 -7.55
N THR F 69 60.15 -26.78 -6.46
CA THR F 69 58.75 -27.17 -6.50
C THR F 69 57.80 -26.12 -5.92
N VAL F 70 56.73 -25.83 -6.67
CA VAL F 70 55.72 -24.87 -6.25
C VAL F 70 54.58 -25.65 -5.59
N VAL F 71 54.22 -25.26 -4.37
CA VAL F 71 53.16 -25.95 -3.65
C VAL F 71 51.95 -25.04 -3.43
N ILE F 72 50.84 -25.42 -4.08
CA ILE F 72 49.60 -24.65 -4.01
C ILE F 72 48.57 -25.41 -3.20
N GLY F 73 47.96 -24.71 -2.23
CA GLY F 73 46.93 -25.35 -1.43
C GLY F 73 45.66 -25.61 -2.25
N ALA F 74 45.03 -26.76 -2.02
CA ALA F 74 43.81 -27.15 -2.74
C ALA F 74 42.69 -26.11 -2.67
N MET F 75 42.59 -25.41 -1.54
CA MET F 75 41.56 -24.41 -1.38
C MET F 75 41.91 -23.07 -2.00
N THR F 76 43.04 -23.01 -2.72
CA THR F 76 43.43 -21.78 -3.38
C THR F 76 42.39 -21.43 -4.42
N VAL F 77 41.79 -20.26 -4.23
CA VAL F 77 40.76 -19.75 -5.12
C VAL F 77 41.31 -19.41 -6.50
N GLU F 78 40.49 -19.67 -7.51
CA GLU F 78 40.84 -19.42 -8.91
C GLU F 78 41.48 -18.03 -9.17
N ASN F 79 40.87 -16.96 -8.64
CA ASN F 79 41.41 -15.62 -8.83
C ASN F 79 42.78 -15.41 -8.19
N ASP F 80 43.02 -16.08 -7.06
CA ASP F 80 44.30 -15.96 -6.35
C ASP F 80 45.45 -16.58 -7.14
N LEU F 81 45.12 -17.54 -8.00
CA LEU F 81 46.09 -18.20 -8.84
C LEU F 81 46.65 -17.16 -9.81
N ILE F 82 45.71 -16.40 -10.38
CA ILE F 82 45.99 -15.34 -11.34
C ILE F 82 46.87 -14.23 -10.78
N SER F 83 46.55 -13.78 -9.57
CA SER F 83 47.29 -12.69 -8.93
C SER F 83 48.54 -13.12 -8.17
N SER F 84 48.83 -14.42 -8.17
CA SER F 84 50.00 -14.94 -7.45
C SER F 84 51.33 -14.64 -8.14
N PRO F 85 52.18 -13.82 -7.49
CA PRO F 85 53.48 -13.48 -8.07
C PRO F 85 54.36 -14.73 -8.23
N ILE F 86 54.10 -15.76 -7.42
CA ILE F 86 54.84 -17.00 -7.51
C ILE F 86 54.36 -17.77 -8.73
N VAL F 87 53.04 -17.88 -8.89
CA VAL F 87 52.46 -18.60 -10.03
C VAL F 87 52.78 -17.86 -11.33
N GLN F 88 52.81 -16.54 -11.28
CA GLN F 88 53.12 -15.74 -12.46
C GLN F 88 54.56 -15.96 -12.92
N ALA F 89 55.47 -16.14 -11.96
CA ALA F 89 56.89 -16.33 -12.28
C ALA F 89 57.32 -17.76 -12.57
N ARG F 90 56.78 -18.72 -11.80
CA ARG F 90 57.16 -20.11 -11.95
C ARG F 90 56.22 -21.00 -12.76
N LEU F 91 54.97 -20.59 -12.91
CA LEU F 91 53.98 -21.39 -13.65
C LEU F 91 53.02 -20.47 -14.39
N PRO F 92 53.54 -19.54 -15.21
CA PRO F 92 52.71 -18.60 -15.98
C PRO F 92 51.55 -19.23 -16.76
N LEU F 93 51.63 -20.53 -17.01
CA LEU F 93 50.58 -21.23 -17.74
C LEU F 93 49.33 -21.29 -16.86
N LEU F 94 49.50 -21.54 -15.57
CA LEU F 94 48.37 -21.62 -14.67
C LEU F 94 47.80 -20.24 -14.36
N ALA F 95 48.68 -19.23 -14.31
CA ALA F 95 48.26 -17.87 -14.02
C ALA F 95 47.39 -17.28 -15.12
N GLU F 96 47.76 -17.55 -16.38
CA GLU F 96 47.04 -17.05 -17.54
C GLU F 96 45.84 -17.91 -17.94
N ALA F 97 46.00 -19.22 -17.85
CA ALA F 97 44.93 -20.14 -18.22
C ALA F 97 43.72 -19.99 -17.31
N ALA F 98 43.97 -19.67 -16.05
CA ALA F 98 42.91 -19.48 -15.06
C ALA F 98 41.96 -18.34 -15.44
N LYS F 99 42.46 -17.37 -16.19
CA LYS F 99 41.67 -16.23 -16.65
C LYS F 99 40.54 -16.69 -17.57
N LEU F 100 40.72 -17.87 -18.15
CA LEU F 100 39.74 -18.44 -19.07
C LEU F 100 38.76 -19.37 -18.37
N ILE F 101 38.77 -19.37 -17.03
CA ILE F 101 37.88 -20.24 -16.25
C ILE F 101 36.73 -19.42 -15.64
N ALA F 102 35.51 -19.74 -16.04
CA ALA F 102 34.31 -19.06 -15.54
C ALA F 102 34.36 -17.53 -15.62
N ASP F 103 33.91 -16.86 -14.56
CA ASP F 103 33.89 -15.39 -14.51
C ASP F 103 34.49 -14.91 -13.18
N PRO F 104 34.67 -13.58 -13.02
CA PRO F 104 35.24 -13.04 -11.77
C PRO F 104 34.60 -13.56 -10.49
N GLN F 105 33.28 -13.48 -10.39
CA GLN F 105 32.58 -13.96 -9.20
C GLN F 105 32.87 -15.43 -8.90
N VAL F 106 32.74 -16.29 -9.90
CA VAL F 106 33.00 -17.72 -9.71
C VAL F 106 34.45 -17.95 -9.32
N ARG F 107 35.35 -17.16 -9.88
CA ARG F 107 36.77 -17.29 -9.58
C ARG F 107 37.18 -16.85 -8.17
N ASN F 108 36.29 -16.16 -7.47
CA ASN F 108 36.56 -15.73 -6.10
C ASN F 108 36.07 -16.81 -5.13
N ARG F 109 35.56 -17.91 -5.68
CA ARG F 109 35.03 -18.99 -4.86
C ARG F 109 35.54 -20.38 -5.25
N GLY F 110 35.48 -20.69 -6.53
CA GLY F 110 35.95 -21.99 -7.01
C GLY F 110 37.43 -22.16 -6.77
N THR F 111 37.80 -23.35 -6.29
CA THR F 111 39.20 -23.66 -5.98
C THR F 111 39.83 -24.60 -6.98
N ILE F 112 41.15 -24.53 -7.11
CA ILE F 112 41.89 -25.40 -8.03
C ILE F 112 41.72 -26.86 -7.59
N GLY F 113 41.69 -27.07 -6.28
CA GLY F 113 41.51 -28.41 -5.76
C GLY F 113 40.13 -28.93 -6.10
N GLY F 114 39.12 -28.08 -5.95
CA GLY F 114 37.76 -28.48 -6.25
C GLY F 114 37.53 -28.76 -7.71
N ASP F 115 38.12 -27.91 -8.55
CA ASP F 115 38.03 -28.02 -9.99
C ASP F 115 38.56 -29.37 -10.47
N ILE F 116 39.62 -29.84 -9.82
CA ILE F 116 40.26 -31.10 -10.17
C ILE F 116 39.52 -32.31 -9.58
N ALA F 117 39.16 -32.21 -8.31
CA ALA F 117 38.46 -33.30 -7.64
C ALA F 117 37.08 -33.58 -8.25
N HIS F 118 36.42 -32.53 -8.75
CA HIS F 118 35.11 -32.68 -9.36
C HIS F 118 35.21 -33.66 -10.54
N GLY F 119 36.38 -33.71 -11.18
CA GLY F 119 36.64 -34.62 -12.27
C GLY F 119 35.78 -34.52 -13.52
N ASP F 120 35.23 -33.34 -13.77
CA ASP F 120 34.40 -33.08 -14.93
C ASP F 120 35.30 -32.81 -16.12
N PRO F 121 35.08 -33.53 -17.24
CA PRO F 121 35.89 -33.36 -18.46
C PRO F 121 35.84 -31.91 -18.92
N GLY F 122 34.74 -31.24 -18.56
CA GLY F 122 34.56 -29.85 -18.93
C GLY F 122 35.53 -28.90 -18.23
N ASN F 123 36.04 -29.29 -17.06
CA ASN F 123 36.98 -28.45 -16.32
C ASN F 123 38.35 -28.32 -16.98
N ASP F 124 39.00 -27.17 -16.82
CA ASP F 124 40.29 -26.92 -17.43
C ASP F 124 41.53 -27.41 -16.68
N HIS F 125 41.51 -27.33 -15.35
CA HIS F 125 42.66 -27.74 -14.57
C HIS F 125 43.20 -29.14 -14.80
N PRO F 126 42.34 -30.14 -14.99
CA PRO F 126 42.84 -31.50 -15.22
C PRO F 126 43.89 -31.56 -16.34
N ALA F 127 43.58 -30.97 -17.49
CA ALA F 127 44.54 -30.97 -18.59
C ALA F 127 45.74 -30.12 -18.19
N LEU F 128 45.48 -29.02 -17.48
CA LEU F 128 46.55 -28.13 -17.04
C LEU F 128 47.50 -28.84 -16.08
N SER F 129 46.93 -29.61 -15.16
CA SER F 129 47.72 -30.33 -14.17
C SER F 129 48.59 -31.37 -14.87
N ILE F 130 48.08 -31.97 -15.94
CA ILE F 130 48.84 -32.96 -16.69
C ILE F 130 50.01 -32.32 -17.46
N ALA F 131 49.71 -31.25 -18.19
CA ALA F 131 50.73 -30.54 -18.96
C ALA F 131 51.82 -29.93 -18.08
N VAL F 132 51.45 -29.59 -16.86
CA VAL F 132 52.39 -28.98 -15.94
C VAL F 132 53.14 -30.03 -15.09
N GLU F 133 52.73 -31.30 -15.20
CA GLU F 133 53.34 -32.42 -14.46
C GLU F 133 53.17 -32.33 -12.94
N ALA F 134 51.98 -31.92 -12.53
CA ALA F 134 51.67 -31.78 -11.11
C ALA F 134 51.44 -33.11 -10.40
N HIS F 135 51.49 -33.04 -9.07
CA HIS F 135 51.28 -34.19 -8.19
C HIS F 135 50.35 -33.72 -7.07
N PHE F 136 49.33 -34.52 -6.77
CA PHE F 136 48.38 -34.15 -5.74
C PHE F 136 48.66 -34.92 -4.45
N VAL F 137 48.58 -34.22 -3.33
CA VAL F 137 48.78 -34.82 -2.02
C VAL F 137 47.40 -35.03 -1.37
N LEU F 138 47.08 -36.28 -1.04
CA LEU F 138 45.78 -36.58 -0.43
C LEU F 138 45.97 -37.08 1.00
N GLU F 139 45.00 -36.79 1.88
CA GLU F 139 45.10 -37.25 3.26
C GLU F 139 43.87 -38.06 3.63
N GLY F 140 44.08 -39.29 4.07
CA GLY F 140 42.98 -40.14 4.47
C GLY F 140 43.21 -40.61 5.88
N PRO F 141 42.38 -41.53 6.39
CA PRO F 141 42.55 -42.03 7.76
C PRO F 141 43.88 -42.75 7.99
N ASN F 142 44.51 -43.22 6.90
CA ASN F 142 45.77 -43.94 6.99
C ASN F 142 47.00 -43.09 6.64
N GLY F 143 46.88 -41.78 6.81
CA GLY F 143 48.00 -40.91 6.51
C GLY F 143 47.89 -40.27 5.14
N ARG F 144 49.02 -39.81 4.61
CA ARG F 144 49.05 -39.16 3.31
C ARG F 144 49.68 -39.97 2.19
N ARG F 145 49.46 -39.50 0.96
CA ARG F 145 49.99 -40.12 -0.24
C ARG F 145 50.02 -39.11 -1.38
N THR F 146 50.98 -39.29 -2.28
CA THR F 146 51.12 -38.40 -3.43
C THR F 146 50.93 -39.17 -4.74
N VAL F 147 49.89 -38.79 -5.46
CA VAL F 147 49.57 -39.42 -6.74
C VAL F 147 49.77 -38.40 -7.85
N PRO F 148 50.29 -38.83 -9.00
CA PRO F 148 50.52 -37.90 -10.11
C PRO F 148 49.24 -37.56 -10.87
N ALA F 149 49.23 -36.36 -11.46
CA ALA F 149 48.08 -35.87 -12.24
C ALA F 149 47.73 -36.85 -13.34
N ASP F 150 48.76 -37.32 -14.04
CA ASP F 150 48.60 -38.28 -15.12
C ASP F 150 48.16 -39.61 -14.50
N GLY F 151 46.90 -39.97 -14.75
CA GLY F 151 46.37 -41.20 -14.21
C GLY F 151 45.41 -40.98 -13.04
N PHE F 152 45.24 -39.72 -12.64
CA PHE F 152 44.35 -39.38 -11.53
C PHE F 152 42.88 -39.34 -11.90
N PHE F 153 42.59 -39.09 -13.18
CA PHE F 153 41.21 -39.00 -13.67
C PHE F 153 40.83 -40.32 -14.31
N LEU F 154 39.82 -40.97 -13.75
CA LEU F 154 39.38 -42.28 -14.22
C LEU F 154 38.06 -42.33 -14.96
N GLY F 155 37.30 -41.23 -14.90
CA GLY F 155 36.00 -41.20 -15.57
C GLY F 155 35.31 -39.89 -15.28
N THR F 156 34.14 -39.69 -15.88
CA THR F 156 33.38 -38.47 -15.66
C THR F 156 32.95 -38.38 -14.20
N TYR F 157 33.52 -37.40 -13.50
CA TYR F 157 33.28 -37.16 -12.08
C TYR F 157 33.95 -38.23 -11.22
N MET F 158 34.97 -38.88 -11.78
CA MET F 158 35.68 -39.94 -11.05
C MET F 158 37.19 -39.74 -11.04
N THR F 159 37.78 -39.83 -9.84
CA THR F 159 39.22 -39.68 -9.68
C THR F 159 39.80 -40.71 -8.70
N LEU F 160 41.13 -40.70 -8.58
CA LEU F 160 41.89 -41.60 -7.72
C LEU F 160 41.60 -41.36 -6.23
N LEU F 161 40.98 -40.23 -5.94
CA LEU F 161 40.61 -39.79 -4.60
C LEU F 161 39.53 -40.69 -4.00
N GLU F 162 39.79 -41.26 -2.82
CA GLU F 162 38.83 -42.14 -2.16
C GLU F 162 37.79 -41.30 -1.41
N GLU F 163 36.70 -41.93 -0.99
CA GLU F 163 35.63 -41.24 -0.27
C GLU F 163 36.01 -40.68 1.11
N ASN F 164 37.09 -41.18 1.69
CA ASN F 164 37.53 -40.71 3.00
C ASN F 164 38.81 -39.90 2.93
N GLU F 165 39.10 -39.31 1.77
CA GLU F 165 40.30 -38.51 1.60
C GLU F 165 40.02 -37.03 1.36
N VAL F 166 41.09 -36.23 1.44
CA VAL F 166 41.02 -34.80 1.22
C VAL F 166 42.27 -34.36 0.45
N MET F 167 42.08 -33.67 -0.67
CA MET F 167 43.25 -33.20 -1.41
C MET F 167 43.77 -32.02 -0.62
N VAL F 168 44.96 -32.18 -0.06
CA VAL F 168 45.57 -31.14 0.73
C VAL F 168 46.22 -30.07 -0.11
N GLU F 169 47.08 -30.48 -1.03
CA GLU F 169 47.80 -29.52 -1.86
C GLU F 169 48.18 -30.08 -3.20
N ILE F 170 48.68 -29.19 -4.06
CA ILE F 170 49.10 -29.55 -5.40
C ILE F 170 50.55 -29.13 -5.61
N ARG F 171 51.42 -30.11 -5.76
CA ARG F 171 52.84 -29.85 -5.96
C ARG F 171 53.12 -29.84 -7.45
N VAL F 172 53.97 -28.92 -7.90
CA VAL F 172 54.30 -28.84 -9.32
C VAL F 172 55.66 -28.19 -9.56
N PRO F 173 56.50 -28.83 -10.40
CA PRO F 173 57.82 -28.27 -10.69
C PRO F 173 57.77 -26.93 -11.42
N ALA F 174 58.57 -25.98 -10.95
CA ALA F 174 58.63 -24.68 -11.59
C ALA F 174 59.16 -24.84 -12.99
N PHE F 175 58.72 -23.96 -13.89
CA PHE F 175 59.17 -24.00 -15.28
C PHE F 175 60.65 -23.66 -15.34
N ALA F 176 61.40 -24.41 -16.14
CA ALA F 176 62.82 -24.15 -16.33
C ALA F 176 62.85 -22.83 -17.11
N ALA F 177 63.99 -22.15 -17.10
CA ALA F 177 64.08 -20.88 -17.83
C ALA F 177 63.90 -21.13 -19.33
N GLY F 178 63.14 -20.26 -19.97
CA GLY F 178 62.90 -20.37 -21.40
C GLY F 178 61.87 -21.41 -21.83
N THR F 179 61.04 -21.85 -20.88
CA THR F 179 60.01 -22.84 -21.18
C THR F 179 58.82 -22.17 -21.87
N GLY F 180 58.34 -22.81 -22.93
CA GLY F 180 57.20 -22.31 -23.67
C GLY F 180 55.94 -23.00 -23.15
N TRP F 181 54.82 -22.30 -23.21
CA TRP F 181 53.55 -22.84 -22.74
C TRP F 181 52.39 -22.22 -23.49
N ALA F 182 51.21 -22.83 -23.37
CA ALA F 182 50.02 -22.33 -24.01
C ALA F 182 48.78 -23.14 -23.68
N TYR F 183 47.64 -22.45 -23.63
CA TYR F 183 46.35 -23.10 -23.39
C TYR F 183 45.33 -22.47 -24.33
N GLU F 184 44.88 -23.25 -25.31
CA GLU F 184 43.91 -22.77 -26.28
C GLU F 184 42.55 -23.37 -25.96
N LYS F 185 41.59 -22.50 -25.64
CA LYS F 185 40.25 -22.91 -25.28
C LYS F 185 39.14 -22.37 -26.20
N LEU F 186 38.51 -23.26 -26.96
CA LEU F 186 37.40 -22.87 -27.84
C LEU F 186 36.12 -22.99 -27.01
N LYS F 187 35.34 -21.91 -26.95
CA LYS F 187 34.11 -21.86 -26.17
C LYS F 187 33.03 -21.03 -26.85
N ARG F 188 31.77 -21.29 -26.52
CA ARG F 188 30.65 -20.55 -27.10
C ARG F 188 30.58 -19.10 -26.61
N LYS F 189 30.96 -18.89 -25.35
CA LYS F 189 30.93 -17.55 -24.73
C LYS F 189 31.76 -17.50 -23.47
N THR F 190 32.09 -16.30 -23.03
CA THR F 190 32.88 -16.13 -21.82
C THR F 190 32.15 -16.75 -20.64
N GLY F 191 32.91 -17.49 -19.82
CA GLY F 191 32.32 -18.13 -18.66
C GLY F 191 31.87 -19.55 -18.91
N ASP F 192 31.87 -19.98 -20.16
CA ASP F 192 31.45 -21.33 -20.49
C ASP F 192 32.60 -22.32 -20.53
N TRP F 193 32.27 -23.60 -20.43
CA TRP F 193 33.24 -24.68 -20.47
C TRP F 193 33.66 -24.86 -21.94
N ALA F 194 34.86 -25.37 -22.15
CA ALA F 194 35.40 -25.56 -23.51
C ALA F 194 34.70 -26.58 -24.37
N THR F 195 34.66 -26.29 -25.66
CA THR F 195 34.09 -27.21 -26.63
C THR F 195 35.26 -28.15 -26.94
N ALA F 196 36.47 -27.58 -26.84
CA ALA F 196 37.72 -28.29 -27.07
C ALA F 196 38.83 -27.40 -26.52
N GLY F 197 39.80 -28.01 -25.87
CA GLY F 197 40.90 -27.22 -25.31
C GLY F 197 42.18 -28.03 -25.24
N CYS F 198 43.30 -27.34 -25.36
CA CYS F 198 44.59 -28.01 -25.31
C CYS F 198 45.64 -27.28 -24.49
N ALA F 199 46.25 -28.01 -23.56
CA ALA F 199 47.29 -27.47 -22.70
C ALA F 199 48.64 -27.96 -23.22
N VAL F 200 49.57 -27.04 -23.39
CA VAL F 200 50.90 -27.41 -23.87
C VAL F 200 52.00 -26.72 -23.09
N VAL F 201 52.99 -27.52 -22.71
CA VAL F 201 54.17 -27.03 -22.00
C VAL F 201 55.35 -27.68 -22.70
N MET F 202 56.18 -26.85 -23.32
CA MET F 202 57.34 -27.36 -24.02
C MET F 202 58.60 -26.54 -23.75
N ARG F 203 59.74 -27.14 -24.06
CA ARG F 203 61.03 -26.52 -23.86
C ARG F 203 61.79 -26.60 -25.18
N LYS F 204 62.62 -25.60 -25.47
CA LYS F 204 63.38 -25.58 -26.72
C LYS F 204 64.85 -25.93 -26.55
N SER F 205 65.48 -26.29 -27.66
CA SER F 205 66.89 -26.64 -27.71
C SER F 205 67.34 -26.42 -29.15
N GLY F 206 67.99 -25.29 -29.40
CA GLY F 206 68.41 -24.99 -30.75
C GLY F 206 67.15 -24.81 -31.58
N GLY F 207 66.91 -25.73 -32.51
CA GLY F 207 65.71 -25.67 -33.33
C GLY F 207 64.95 -26.99 -33.30
N THR F 208 64.94 -27.60 -32.11
CA THR F 208 64.25 -28.86 -31.88
C THR F 208 63.57 -28.87 -30.52
N VAL F 209 62.49 -29.63 -30.41
CA VAL F 209 61.73 -29.75 -29.17
C VAL F 209 62.45 -30.70 -28.21
N SER F 210 62.90 -30.17 -27.07
CA SER F 210 63.61 -30.96 -26.07
C SER F 210 62.70 -31.59 -25.03
N HIS F 211 61.58 -30.94 -24.75
CA HIS F 211 60.62 -31.45 -23.77
C HIS F 211 59.23 -30.98 -24.15
N ILE F 212 58.26 -31.88 -24.11
CA ILE F 212 56.90 -31.51 -24.46
C ILE F 212 55.84 -32.28 -23.71
N ARG F 213 54.72 -31.58 -23.46
CA ARG F 213 53.57 -32.13 -22.77
C ARG F 213 52.35 -31.57 -23.46
N ILE F 214 51.40 -32.45 -23.79
CA ILE F 214 50.18 -32.05 -24.46
C ILE F 214 48.99 -32.70 -23.78
N ALA F 215 48.03 -31.88 -23.38
CA ALA F 215 46.84 -32.38 -22.72
C ALA F 215 45.60 -31.80 -23.40
N LEU F 216 44.54 -32.60 -23.46
CA LEU F 216 43.29 -32.18 -24.10
C LEU F 216 42.14 -32.03 -23.11
N THR F 217 41.34 -30.97 -23.31
CA THR F 217 40.20 -30.67 -22.46
C THR F 217 38.84 -30.91 -23.11
N ASN F 218 37.99 -31.63 -22.39
CA ASN F 218 36.62 -31.94 -22.80
C ASN F 218 36.43 -32.63 -24.16
N VAL F 219 37.26 -33.63 -24.46
CA VAL F 219 37.12 -34.35 -25.72
C VAL F 219 37.09 -35.87 -25.52
N ALA F 220 36.78 -36.27 -24.30
CA ALA F 220 36.67 -37.68 -23.89
C ALA F 220 36.04 -37.71 -22.50
N PRO F 221 35.73 -38.90 -21.95
CA PRO F 221 35.13 -38.94 -20.61
C PRO F 221 36.00 -38.31 -19.53
N THR F 222 37.28 -38.10 -19.84
CA THR F 222 38.22 -37.46 -18.91
C THR F 222 39.19 -36.61 -19.72
N ALA F 223 40.04 -35.86 -19.02
CA ALA F 223 41.05 -35.06 -19.68
C ALA F 223 42.06 -36.07 -20.20
N LEU F 224 42.70 -35.78 -21.32
CA LEU F 224 43.65 -36.71 -21.89
C LEU F 224 45.03 -36.14 -22.16
N ARG F 225 46.04 -36.98 -21.98
CA ARG F 225 47.41 -36.59 -22.28
C ARG F 225 47.69 -37.20 -23.65
N ALA F 226 47.98 -36.35 -24.63
CA ALA F 226 48.26 -36.80 -25.99
C ALA F 226 49.71 -37.26 -26.10
N GLU F 227 49.97 -38.49 -25.66
CA GLU F 227 51.31 -39.06 -25.69
C GLU F 227 51.86 -39.27 -27.09
N ALA F 228 51.04 -39.81 -27.98
CA ALA F 228 51.44 -40.05 -29.37
C ALA F 228 51.72 -38.73 -30.07
N ALA F 229 50.99 -37.69 -29.65
CA ALA F 229 51.15 -36.34 -30.19
C ALA F 229 52.49 -35.75 -29.76
N GLU F 230 52.91 -36.08 -28.54
CA GLU F 230 54.18 -35.61 -28.00
C GLU F 230 55.30 -36.29 -28.76
N ALA F 231 55.13 -37.59 -29.00
CA ALA F 231 56.10 -38.41 -29.71
C ALA F 231 56.40 -37.87 -31.11
N ALA F 232 55.42 -37.20 -31.71
CA ALA F 232 55.60 -36.64 -33.04
C ALA F 232 56.41 -35.35 -33.01
N LEU F 233 56.80 -34.92 -31.81
CA LEU F 233 57.57 -33.68 -31.64
C LEU F 233 58.88 -33.81 -30.87
N LEU F 234 58.93 -34.73 -29.92
CA LEU F 234 60.11 -34.97 -29.09
C LEU F 234 61.38 -35.26 -29.90
N GLY F 235 62.39 -34.41 -29.73
CA GLY F 235 63.66 -34.62 -30.43
C GLY F 235 63.73 -34.25 -31.90
N LYS F 236 62.58 -34.07 -32.54
CA LYS F 236 62.54 -33.71 -33.96
C LYS F 236 62.48 -32.19 -34.11
N ALA F 237 62.85 -31.70 -35.29
CA ALA F 237 62.83 -30.26 -35.57
C ALA F 237 61.40 -29.76 -35.63
N PHE F 238 61.18 -28.54 -35.15
CA PHE F 238 59.85 -27.95 -35.14
C PHE F 238 59.42 -27.52 -36.54
N THR F 239 58.69 -28.40 -37.22
CA THR F 239 58.21 -28.13 -38.57
C THR F 239 56.68 -28.12 -38.62
N LYS F 240 56.16 -27.55 -39.70
CA LYS F 240 54.73 -27.47 -39.92
C LYS F 240 54.18 -28.90 -40.02
N GLU F 241 54.97 -29.80 -40.62
CA GLU F 241 54.60 -31.20 -40.78
C GLU F 241 54.51 -31.90 -39.43
N ALA F 242 55.45 -31.57 -38.55
CA ALA F 242 55.51 -32.15 -37.21
C ALA F 242 54.27 -31.76 -36.40
N VAL F 243 53.91 -30.47 -36.47
CA VAL F 243 52.74 -29.95 -35.78
C VAL F 243 51.48 -30.69 -36.23
N GLN F 244 51.34 -30.82 -37.56
CA GLN F 244 50.20 -31.50 -38.16
C GLN F 244 50.15 -32.95 -37.71
N ALA F 245 51.33 -33.58 -37.66
CA ALA F 245 51.45 -34.97 -37.23
C ALA F 245 50.95 -35.10 -35.79
N ALA F 246 51.33 -34.15 -34.95
CA ALA F 246 50.92 -34.14 -33.56
C ALA F 246 49.40 -33.99 -33.48
N ALA F 247 48.86 -33.10 -34.32
CA ALA F 247 47.44 -32.82 -34.37
C ALA F 247 46.65 -34.08 -34.70
N ASP F 248 47.12 -34.81 -35.71
CA ASP F 248 46.46 -36.03 -36.12
C ASP F 248 46.53 -37.09 -35.03
N ALA F 249 47.64 -37.09 -34.28
CA ALA F 249 47.85 -38.02 -33.18
C ALA F 249 46.96 -37.65 -32.01
N ALA F 250 46.64 -36.36 -31.90
CA ALA F 250 45.76 -35.86 -30.84
C ALA F 250 44.33 -36.22 -31.24
N ILE F 251 44.00 -35.97 -32.51
CA ILE F 251 42.69 -36.27 -33.07
C ILE F 251 42.33 -37.75 -32.89
N ALA F 252 43.28 -38.62 -33.19
CA ALA F 252 43.09 -40.06 -33.10
C ALA F 252 42.57 -40.56 -31.76
N ILE F 253 42.98 -39.92 -30.67
CA ILE F 253 42.54 -40.34 -29.33
C ILE F 253 41.22 -39.76 -28.81
N CYS F 254 40.70 -38.73 -29.47
CA CYS F 254 39.45 -38.09 -29.06
C CYS F 254 38.25 -39.05 -29.06
N GLU F 255 37.35 -38.85 -28.09
CA GLU F 255 36.13 -39.66 -27.97
C GLU F 255 35.04 -38.75 -27.35
N PRO F 256 34.77 -37.60 -27.98
CA PRO F 256 33.77 -36.61 -27.52
C PRO F 256 32.35 -37.13 -27.38
N ALA F 257 31.58 -36.40 -26.59
CA ALA F 257 30.18 -36.70 -26.35
C ALA F 257 29.36 -35.68 -27.13
N GLU F 258 28.34 -36.14 -27.84
CA GLU F 258 27.51 -35.21 -28.60
C GLU F 258 26.50 -34.48 -27.71
N ASP F 259 26.59 -33.14 -27.73
CA ASP F 259 25.69 -32.27 -26.96
C ASP F 259 25.60 -30.92 -27.65
N LEU F 260 24.98 -29.94 -27.00
CA LEU F 260 24.82 -28.62 -27.59
C LEU F 260 26.09 -27.87 -27.97
N ARG F 261 27.23 -28.35 -27.49
CA ARG F 261 28.52 -27.71 -27.81
C ARG F 261 29.03 -28.16 -29.18
N GLY F 262 28.41 -29.19 -29.74
CA GLY F 262 28.81 -29.71 -31.04
C GLY F 262 28.85 -31.23 -31.06
N ASP F 263 28.97 -31.83 -32.23
CA ASP F 263 29.03 -33.28 -32.30
C ASP F 263 30.47 -33.78 -32.21
N ALA F 264 30.65 -35.10 -32.17
CA ALA F 264 31.98 -35.71 -32.07
C ALA F 264 32.88 -35.26 -33.21
N ASP F 265 32.29 -35.16 -34.39
CA ASP F 265 33.01 -34.74 -35.59
C ASP F 265 33.64 -33.37 -35.38
N TYR F 266 32.82 -32.39 -35.00
CA TYR F 266 33.30 -31.02 -34.77
C TYR F 266 34.27 -30.94 -33.59
N LYS F 267 33.92 -31.56 -32.46
CA LYS F 267 34.79 -31.51 -31.29
C LYS F 267 36.17 -32.09 -31.57
N THR F 268 36.21 -33.18 -32.33
CA THR F 268 37.46 -33.83 -32.69
C THR F 268 38.29 -32.91 -33.58
N ALA F 269 37.64 -32.31 -34.58
CA ALA F 269 38.35 -31.41 -35.48
C ALA F 269 38.84 -30.19 -34.73
N MET F 270 38.08 -29.74 -33.73
CA MET F 270 38.47 -28.58 -32.95
C MET F 270 39.61 -28.90 -31.97
N ALA F 271 39.65 -30.15 -31.49
CA ALA F 271 40.70 -30.57 -30.58
C ALA F 271 42.00 -30.43 -31.36
N GLY F 272 42.00 -30.97 -32.58
CA GLY F 272 43.17 -30.89 -33.43
C GLY F 272 43.55 -29.46 -33.71
N GLN F 273 42.54 -28.61 -33.91
CA GLN F 273 42.76 -27.20 -34.20
C GLN F 273 43.40 -26.48 -33.00
N MET F 274 42.93 -26.81 -31.81
CA MET F 274 43.46 -26.21 -30.58
C MET F 274 44.91 -26.65 -30.38
N VAL F 275 45.21 -27.88 -30.78
CA VAL F 275 46.55 -28.43 -30.66
C VAL F 275 47.50 -27.63 -31.54
N LYS F 276 47.16 -27.49 -32.82
CA LYS F 276 47.99 -26.73 -33.77
C LYS F 276 48.33 -25.35 -33.21
N ARG F 277 47.30 -24.64 -32.76
CA ARG F 277 47.47 -23.31 -32.20
C ARG F 277 48.26 -23.31 -30.90
N ALA F 278 48.01 -24.32 -30.06
CA ALA F 278 48.70 -24.40 -28.78
C ALA F 278 50.20 -24.58 -28.99
N LEU F 279 50.55 -25.48 -29.90
CA LEU F 279 51.95 -25.77 -30.21
C LEU F 279 52.73 -24.56 -30.74
N ASN F 280 52.11 -23.77 -31.61
CA ASN F 280 52.76 -22.59 -32.15
C ASN F 280 52.90 -21.49 -31.11
N ALA F 281 51.88 -21.33 -30.29
CA ALA F 281 51.92 -20.30 -29.24
C ALA F 281 52.97 -20.68 -28.19
N ALA F 282 53.08 -21.98 -27.90
CA ALA F 282 54.04 -22.48 -26.92
C ALA F 282 55.48 -22.32 -27.41
N TRP F 283 55.74 -22.75 -28.63
CA TRP F 283 57.06 -22.64 -29.25
C TRP F 283 57.48 -21.18 -29.33
N ALA F 284 56.52 -20.32 -29.67
CA ALA F 284 56.77 -18.88 -29.79
C ALA F 284 57.18 -18.28 -28.45
N ARG F 285 56.79 -18.94 -27.36
CA ARG F 285 57.12 -18.47 -26.02
C ARG F 285 58.43 -19.04 -25.49
N CYS F 286 59.09 -19.86 -26.31
CA CYS F 286 60.37 -20.46 -25.94
C CYS F 286 61.51 -19.49 -26.19
N ALA F 287 62.62 -19.68 -25.48
CA ALA F 287 63.80 -18.83 -25.61
C ALA F 287 65.06 -19.69 -25.69
#